data_4HUW
#
_entry.id   4HUW
#
_cell.length_a   79.930
_cell.length_b   84.680
_cell.length_c   136.420
_cell.angle_alpha   90.00
_cell.angle_beta   90.93
_cell.angle_gamma   90.00
#
_symmetry.space_group_name_H-M   'P 1 21 1'
#
loop_
_entity.id
_entity.type
_entity.pdbx_description
1 polymer 'H-2 class I histocompatibility antigen, D-B alpha chain'
2 polymer Beta-2-microglobulin
3 polymer 'NPM6T variant peptide'
4 non-polymer 'SULFATE ION'
5 water water
#
loop_
_entity_poly.entity_id
_entity_poly.type
_entity_poly.pdbx_seq_one_letter_code
_entity_poly.pdbx_strand_id
1 'polypeptide(L)'
;MGPHSMRYFETAVSRPGLEEPRYISVGYVDNKEFVRFDSDAENPRYEPRAPWMEQEGPEYWERETQKAKGQEQWFRVSLR
NLLGYYNQSAGGSHTLQQMSGCDLGSDWRLLRGYLQFAYEGRDYIALNEDLKTWTAADMAAQITRRKWEQSGAAEHYKAY
LEGECVEWLHRYLKNGNATLLRTDSPKAHVTHHPRSKGEVTLRCWALGFYPADITLTWQLNGEELTQDMELVETRPAGDG
TFQKWASVVVPLGKEQNYTCRVYHEGLPEPLTLRWEPPPST
;
A,C,E,G
2 'polypeptide(L)'
;MIQKTPQIQVYSRHPPENGKPNILNCYVTQFHPPHIEIQMLKNGKKIPKVEMSDMSFSKDWSFYILAHTEFTPTETDTYA
CRVKHASMAEPKTVYWDRDM
;
B,D,F,H
3 'polypeptide(L)' ASNENTETM I,J,K,L
#
# COMPACT_ATOMS: atom_id res chain seq x y z
N GLY A 2 -0.09 21.29 -12.49
CA GLY A 2 0.13 20.98 -11.08
C GLY A 2 -1.14 20.73 -10.28
N PRO A 3 -1.07 20.06 -9.07
CA PRO A 3 -2.31 19.82 -8.29
C PRO A 3 -2.76 21.06 -7.53
N HIS A 4 -4.07 21.10 -7.23
CA HIS A 4 -4.64 22.25 -6.54
C HIS A 4 -5.41 21.85 -5.32
N SER A 5 -5.42 22.74 -4.33
CA SER A 5 -6.11 22.46 -3.07
C SER A 5 -6.80 23.70 -2.53
N MET A 6 -7.85 23.48 -1.76
CA MET A 6 -8.53 24.54 -1.02
C MET A 6 -8.73 24.00 0.36
N ARG A 7 -8.44 24.84 1.37
CA ARG A 7 -8.58 24.46 2.77
C ARG A 7 -9.09 25.58 3.60
N TYR A 8 -9.92 25.22 4.57
CA TYR A 8 -10.39 26.17 5.55
C TYR A 8 -9.90 25.66 6.92
N PHE A 9 -8.98 26.47 7.51
CA PHE A 9 -8.32 26.22 8.79
C PHE A 9 -9.04 27.03 9.84
N GLU A 10 -10.02 26.39 10.50
CA GLU A 10 -10.85 27.05 11.50
C GLU A 10 -10.35 26.75 12.90
N THR A 11 -10.31 27.79 13.75
CA THR A 11 -9.84 27.69 15.13
C THR A 11 -10.80 28.37 16.06
N ALA A 12 -11.12 27.70 17.16
CA ALA A 12 -11.99 28.24 18.19
C ALA A 12 -11.29 28.11 19.51
N VAL A 13 -10.97 29.26 20.12
CA VAL A 13 -10.26 29.28 21.37
C VAL A 13 -11.17 29.76 22.44
N SER A 14 -11.54 28.85 23.38
CA SER A 14 -12.41 29.13 24.52
C SER A 14 -11.74 30.21 25.39
N ARG A 15 -12.42 31.31 25.67
CA ARG A 15 -11.79 32.34 26.50
C ARG A 15 -12.41 32.21 27.86
N PRO A 16 -11.62 32.09 28.94
CA PRO A 16 -12.22 31.98 30.28
C PRO A 16 -12.78 33.33 30.75
N GLY A 17 -13.97 33.29 31.35
CA GLY A 17 -14.66 34.48 31.80
C GLY A 17 -15.74 34.84 30.80
N LEU A 18 -15.33 35.22 29.57
CA LEU A 18 -16.22 35.56 28.44
C LEU A 18 -16.96 34.31 27.96
N GLU A 19 -18.27 34.38 27.66
CA GLU A 19 -18.93 33.12 27.25
C GLU A 19 -19.15 32.87 25.71
N GLU A 20 -18.14 33.28 24.92
CA GLU A 20 -18.04 33.05 23.48
C GLU A 20 -16.53 32.97 23.07
N PRO A 21 -16.13 31.96 22.25
CA PRO A 21 -14.70 31.83 21.90
C PRO A 21 -14.24 32.86 20.88
N ARG A 22 -12.97 32.73 20.43
CA ARG A 22 -12.46 33.51 19.33
C ARG A 22 -12.36 32.55 18.15
N TYR A 23 -13.28 32.73 17.17
CA TYR A 23 -13.32 31.96 15.93
C TYR A 23 -12.43 32.65 14.89
N ILE A 24 -11.63 31.83 14.18
CA ILE A 24 -10.68 32.26 13.17
C ILE A 24 -10.71 31.29 12.02
N SER A 25 -11.34 31.68 10.93
CA SER A 25 -11.36 30.82 9.74
C SER A 25 -10.34 31.40 8.77
N VAL A 26 -9.45 30.56 8.26
CA VAL A 26 -8.42 30.98 7.30
C VAL A 26 -8.53 30.12 6.07
N GLY A 27 -8.73 30.79 4.93
CA GLY A 27 -8.89 30.11 3.66
C GLY A 27 -7.56 30.04 2.94
N TYR A 28 -7.30 28.90 2.33
CA TYR A 28 -6.09 28.74 1.55
C TYR A 28 -6.50 28.11 0.25
N VAL A 29 -5.93 28.61 -0.85
CA VAL A 29 -6.05 28.07 -2.20
C VAL A 29 -4.60 27.87 -2.59
N ASP A 30 -4.23 26.61 -2.91
CA ASP A 30 -2.88 26.17 -3.22
C ASP A 30 -1.88 26.58 -2.13
N ASN A 31 -2.23 26.29 -0.85
CA ASN A 31 -1.45 26.59 0.36
C ASN A 31 -1.17 28.06 0.59
N LYS A 32 -1.81 28.93 -0.21
CA LYS A 32 -1.65 30.37 -0.09
C LYS A 32 -2.93 30.98 0.49
N GLU A 33 -2.80 31.67 1.67
CA GLU A 33 -3.92 32.35 2.35
C GLU A 33 -4.63 33.27 1.36
N PHE A 34 -5.95 33.04 1.19
CA PHE A 34 -6.77 33.80 0.25
C PHE A 34 -7.86 34.63 0.90
N VAL A 35 -8.58 34.05 1.86
CA VAL A 35 -9.59 34.75 2.64
C VAL A 35 -9.24 34.55 4.12
N ARG A 36 -9.85 35.31 5.04
CA ARG A 36 -9.62 35.20 6.49
C ARG A 36 -10.78 35.81 7.26
N PHE A 37 -11.16 35.15 8.34
CA PHE A 37 -12.19 35.64 9.24
C PHE A 37 -11.63 35.59 10.67
N ASP A 38 -11.83 36.66 11.45
CA ASP A 38 -11.37 36.74 12.84
C ASP A 38 -12.41 37.43 13.69
N SER A 39 -12.96 36.72 14.69
CA SER A 39 -14.01 37.22 15.58
C SER A 39 -13.51 38.40 16.44
N ASP A 40 -12.20 38.42 16.73
CA ASP A 40 -11.56 39.45 17.55
C ASP A 40 -11.46 40.80 16.86
N ALA A 41 -11.90 40.91 15.60
CA ALA A 41 -11.85 42.16 14.87
C ALA A 41 -12.95 43.11 15.33
N GLU A 42 -12.69 44.44 15.20
CA GLU A 42 -13.61 45.54 15.52
C GLU A 42 -14.94 45.30 14.79
N ASN A 43 -14.86 45.03 13.47
CA ASN A 43 -15.98 44.65 12.63
C ASN A 43 -15.65 43.30 11.98
N PRO A 44 -16.04 42.18 12.67
CA PRO A 44 -15.73 40.83 12.13
C PRO A 44 -16.46 40.52 10.84
N ARG A 45 -15.67 40.18 9.79
CA ARG A 45 -16.14 39.82 8.44
C ARG A 45 -15.01 39.15 7.62
N TYR A 46 -15.38 38.29 6.63
CA TYR A 46 -14.38 37.63 5.78
C TYR A 46 -13.66 38.67 4.93
N GLU A 47 -12.35 38.65 4.95
CA GLU A 47 -11.58 39.63 4.22
C GLU A 47 -10.67 39.01 3.14
N PRO A 48 -10.45 39.67 1.97
CA PRO A 48 -9.53 39.09 0.99
C PRO A 48 -8.10 39.24 1.48
N ARG A 49 -7.29 38.20 1.27
CA ARG A 49 -5.90 38.20 1.72
C ARG A 49 -4.99 37.92 0.53
N ALA A 50 -5.62 37.82 -0.64
CA ALA A 50 -4.97 37.65 -1.94
C ALA A 50 -5.64 38.69 -2.85
N PRO A 51 -4.86 39.41 -3.70
CA PRO A 51 -5.45 40.45 -4.54
C PRO A 51 -6.61 39.97 -5.40
N TRP A 52 -6.44 38.86 -6.13
CA TRP A 52 -7.47 38.29 -6.98
C TRP A 52 -8.80 38.01 -6.29
N MET A 53 -8.82 38.03 -4.95
CA MET A 53 -10.04 37.80 -4.18
C MET A 53 -10.93 39.02 -4.16
N GLU A 54 -10.38 40.19 -4.55
CA GLU A 54 -11.12 41.45 -4.58
C GLU A 54 -12.14 41.55 -5.70
N GLN A 55 -12.03 40.64 -6.72
CA GLN A 55 -12.97 40.50 -7.85
C GLN A 55 -14.36 40.11 -7.33
N GLU A 56 -14.40 39.71 -6.04
CA GLU A 56 -15.60 39.27 -5.37
C GLU A 56 -16.36 40.44 -4.81
N GLY A 57 -17.66 40.38 -5.02
CA GLY A 57 -18.57 41.45 -4.64
C GLY A 57 -18.82 41.47 -3.15
N PRO A 58 -19.14 42.65 -2.58
CA PRO A 58 -19.45 42.72 -1.13
C PRO A 58 -20.67 41.86 -0.76
N GLU A 59 -21.30 41.29 -1.80
CA GLU A 59 -22.39 40.36 -1.71
C GLU A 59 -21.84 39.02 -1.25
N TYR A 60 -20.80 38.50 -1.94
CA TYR A 60 -20.11 37.24 -1.63
C TYR A 60 -19.60 37.23 -0.20
N TRP A 61 -18.87 38.31 0.21
CA TRP A 61 -18.34 38.46 1.58
C TRP A 61 -19.43 38.31 2.61
N GLU A 62 -20.60 38.92 2.37
CA GLU A 62 -21.73 38.84 3.27
C GLU A 62 -22.21 37.40 3.47
N ARG A 63 -22.27 36.58 2.38
CA ARG A 63 -22.69 35.17 2.45
C ARG A 63 -21.75 34.37 3.35
N GLU A 64 -20.44 34.63 3.21
CA GLU A 64 -19.37 33.98 3.96
C GLU A 64 -19.39 34.46 5.42
N THR A 65 -19.42 35.79 5.64
CA THR A 65 -19.44 36.35 6.98
C THR A 65 -20.59 35.76 7.79
N GLN A 66 -21.76 35.59 7.14
CA GLN A 66 -22.94 34.99 7.75
C GLN A 66 -22.70 33.52 8.11
N LYS A 67 -21.90 32.79 7.28
CA LYS A 67 -21.52 31.39 7.52
C LYS A 67 -20.65 31.35 8.77
N ALA A 68 -19.66 32.27 8.85
CA ALA A 68 -18.73 32.37 9.98
C ALA A 68 -19.49 32.52 11.29
N LYS A 69 -20.56 33.36 11.31
CA LYS A 69 -21.40 33.59 12.51
C LYS A 69 -22.03 32.26 12.95
N GLY A 70 -22.45 31.43 12.01
CA GLY A 70 -23.02 30.11 12.28
C GLY A 70 -22.02 29.09 12.79
N GLN A 71 -20.73 29.25 12.39
CA GLN A 71 -19.62 28.40 12.80
C GLN A 71 -19.24 28.79 14.20
N GLU A 72 -19.07 30.11 14.43
CA GLU A 72 -18.75 30.77 15.70
C GLU A 72 -19.61 30.20 16.84
N GLN A 73 -20.81 29.72 16.48
CA GLN A 73 -21.76 29.07 17.38
C GLN A 73 -21.52 27.61 17.49
N TRP A 74 -21.31 26.94 16.34
CA TRP A 74 -21.05 25.51 16.27
C TRP A 74 -19.89 25.18 17.17
N PHE A 75 -18.80 25.97 17.06
CA PHE A 75 -17.62 25.79 17.88
C PHE A 75 -17.92 25.92 19.38
N ARG A 76 -18.45 27.07 19.79
N ARG A 76 -18.53 27.07 19.79
CA ARG A 76 -18.90 27.39 21.15
CA ARG A 76 -18.98 27.41 21.15
C ARG A 76 -19.59 26.15 21.84
C ARG A 76 -19.66 26.22 21.86
N VAL A 77 -20.58 25.53 21.14
CA VAL A 77 -21.32 24.36 21.61
C VAL A 77 -20.40 23.17 21.60
N SER A 78 -19.77 22.83 20.45
CA SER A 78 -18.83 21.72 20.35
C SER A 78 -17.70 21.84 21.43
N LEU A 79 -17.19 23.08 21.67
CA LEU A 79 -16.24 23.37 22.72
C LEU A 79 -16.80 22.97 24.06
N ARG A 80 -17.99 23.48 24.40
CA ARG A 80 -18.67 23.14 25.66
C ARG A 80 -18.74 21.64 25.83
N ASN A 81 -19.44 20.96 24.88
CA ASN A 81 -19.64 19.50 24.88
C ASN A 81 -18.33 18.73 25.02
N LEU A 82 -17.26 19.20 24.33
CA LEU A 82 -15.98 18.53 24.36
C LEU A 82 -15.42 18.57 25.76
N LEU A 83 -15.53 19.76 26.42
CA LEU A 83 -15.04 20.03 27.77
C LEU A 83 -15.67 19.08 28.72
N GLY A 84 -16.87 18.66 28.39
CA GLY A 84 -17.60 17.70 29.19
C GLY A 84 -17.01 16.32 29.10
N TYR A 85 -16.79 15.85 27.85
CA TYR A 85 -16.31 14.50 27.58
C TYR A 85 -14.95 14.24 28.21
N TYR A 86 -14.09 15.26 28.22
CA TYR A 86 -12.76 15.17 28.79
C TYR A 86 -12.64 15.68 30.24
N ASN A 87 -13.82 15.90 30.91
CA ASN A 87 -13.98 16.40 32.28
C ASN A 87 -12.97 17.47 32.56
N GLN A 88 -13.20 18.59 31.88
CA GLN A 88 -12.25 19.67 31.86
C GLN A 88 -12.78 20.93 32.39
N SER A 89 -14.00 20.91 32.94
CA SER A 89 -14.60 22.17 33.45
C SER A 89 -13.53 23.31 33.68
N ALA A 90 -13.43 24.16 32.64
CA ALA A 90 -12.42 25.18 32.74
C ALA A 90 -12.72 26.64 32.45
N GLY A 91 -12.07 27.36 33.36
CA GLY A 91 -11.72 28.74 33.43
C GLY A 91 -10.27 28.73 32.99
N GLY A 92 -10.01 27.82 32.06
CA GLY A 92 -8.78 27.62 31.35
C GLY A 92 -9.21 27.54 29.89
N SER A 93 -8.36 28.04 28.99
CA SER A 93 -8.67 28.04 27.57
C SER A 93 -8.58 26.66 26.94
N HIS A 94 -9.50 26.38 26.02
CA HIS A 94 -9.54 25.12 25.28
C HIS A 94 -9.66 25.40 23.81
N THR A 95 -8.90 24.66 23.01
CA THR A 95 -8.85 24.95 21.59
C THR A 95 -9.24 23.82 20.71
N LEU A 96 -10.25 24.12 19.91
CA LEU A 96 -10.80 23.21 18.92
C LEU A 96 -10.40 23.79 17.52
N GLN A 97 -9.78 22.94 16.68
CA GLN A 97 -9.35 23.27 15.33
C GLN A 97 -9.95 22.32 14.32
N GLN A 98 -10.17 22.82 13.10
CA GLN A 98 -10.77 22.08 12.02
C GLN A 98 -10.07 22.40 10.70
N MET A 99 -9.83 21.38 9.90
CA MET A 99 -9.27 21.53 8.58
C MET A 99 -10.24 20.83 7.65
N SER A 100 -10.86 21.58 6.73
CA SER A 100 -11.77 21.03 5.73
C SER A 100 -11.35 21.54 4.36
N GLY A 101 -11.71 20.78 3.33
CA GLY A 101 -11.39 21.17 1.97
C GLY A 101 -11.28 20.05 0.96
N CYS A 102 -10.59 20.37 -0.16
CA CYS A 102 -10.48 19.41 -1.26
C CYS A 102 -9.19 19.53 -2.04
N ASP A 103 -8.71 18.39 -2.54
CA ASP A 103 -7.54 18.33 -3.39
C ASP A 103 -8.01 17.96 -4.80
N LEU A 104 -7.40 18.57 -5.81
CA LEU A 104 -7.71 18.34 -7.22
C LEU A 104 -6.47 17.89 -7.95
N GLY A 105 -6.65 17.22 -9.08
CA GLY A 105 -5.50 16.84 -9.91
C GLY A 105 -4.98 18.07 -10.66
N SER A 106 -4.22 17.82 -11.75
CA SER A 106 -3.73 18.87 -12.65
C SER A 106 -4.90 19.26 -13.57
N ASP A 107 -5.80 18.27 -13.89
CA ASP A 107 -7.01 18.35 -14.72
C ASP A 107 -8.18 18.98 -13.99
N TRP A 108 -7.94 19.46 -12.74
CA TRP A 108 -8.92 20.07 -11.84
C TRP A 108 -10.02 19.07 -11.37
N ARG A 109 -9.88 17.77 -11.71
CA ARG A 109 -10.81 16.74 -11.28
C ARG A 109 -10.51 16.46 -9.80
N LEU A 110 -11.58 16.27 -8.99
CA LEU A 110 -11.44 16.00 -7.57
C LEU A 110 -10.65 14.71 -7.31
N LEU A 111 -9.68 14.81 -6.38
CA LEU A 111 -8.89 13.64 -5.96
C LEU A 111 -9.37 13.17 -4.60
N ARG A 112 -9.32 14.08 -3.60
N ARG A 112 -9.37 14.09 -3.62
CA ARG A 112 -9.64 13.78 -2.20
CA ARG A 112 -9.64 13.83 -2.23
C ARG A 112 -10.52 14.85 -1.57
C ARG A 112 -10.54 14.87 -1.57
N GLY A 113 -11.38 14.40 -0.66
CA GLY A 113 -12.20 15.24 0.19
C GLY A 113 -11.42 15.29 1.49
N TYR A 114 -11.46 16.39 2.22
CA TYR A 114 -10.65 16.45 3.43
C TYR A 114 -11.38 17.09 4.63
N LEU A 115 -11.48 16.35 5.76
CA LEU A 115 -12.11 16.84 6.98
C LEU A 115 -11.53 16.19 8.22
N GLN A 116 -10.82 17.00 9.00
CA GLN A 116 -10.11 16.63 10.22
C GLN A 116 -10.49 17.64 11.28
N PHE A 117 -10.55 17.17 12.51
CA PHE A 117 -10.82 17.96 13.70
C PHE A 117 -9.77 17.59 14.76
N ALA A 118 -9.41 18.58 15.58
CA ALA A 118 -8.48 18.42 16.66
C ALA A 118 -8.91 19.22 17.87
N TYR A 119 -8.77 18.59 19.04
CA TYR A 119 -9.01 19.18 20.33
C TYR A 119 -7.72 19.22 21.05
N GLU A 120 -7.30 20.41 21.42
CA GLU A 120 -6.12 20.70 22.24
C GLU A 120 -4.82 20.44 21.52
N GLY A 121 -4.88 20.40 20.20
CA GLY A 121 -3.70 20.15 19.38
C GLY A 121 -3.50 18.70 19.03
N ARG A 122 -4.37 17.85 19.56
CA ARG A 122 -4.37 16.42 19.33
C ARG A 122 -5.52 16.08 18.42
N ASP A 123 -5.34 15.12 17.50
CA ASP A 123 -6.41 14.68 16.61
C ASP A 123 -7.59 14.18 17.46
N TYR A 124 -8.81 14.60 17.10
CA TYR A 124 -10.02 14.22 17.79
C TYR A 124 -10.79 13.29 16.86
N ILE A 125 -11.38 13.84 15.79
CA ILE A 125 -12.12 13.03 14.84
C ILE A 125 -11.78 13.46 13.41
N ALA A 126 -11.89 12.53 12.46
CA ALA A 126 -11.64 12.77 11.06
C ALA A 126 -12.54 11.91 10.22
N LEU A 127 -13.04 12.49 9.14
CA LEU A 127 -13.83 11.77 8.16
C LEU A 127 -12.79 11.11 7.23
N ASN A 128 -12.96 9.80 6.95
CA ASN A 128 -12.03 9.03 6.12
C ASN A 128 -12.07 9.43 4.67
N GLU A 129 -11.04 9.02 3.89
CA GLU A 129 -10.95 9.33 2.45
C GLU A 129 -12.27 9.01 1.73
N ASP A 130 -13.00 7.98 2.21
CA ASP A 130 -14.27 7.54 1.65
C ASP A 130 -15.39 8.57 1.73
N LEU A 131 -15.23 9.60 2.58
CA LEU A 131 -16.19 10.68 2.83
C LEU A 131 -17.51 10.12 3.37
N LYS A 132 -17.47 8.85 3.85
CA LYS A 132 -18.61 8.10 4.37
C LYS A 132 -18.43 7.69 5.86
N THR A 133 -17.25 7.12 6.19
CA THR A 133 -16.92 6.68 7.54
C THR A 133 -16.01 7.66 8.35
N TRP A 134 -16.13 7.59 9.71
CA TRP A 134 -15.37 8.42 10.65
C TRP A 134 -14.28 7.64 11.42
N THR A 135 -13.24 8.33 11.90
CA THR A 135 -12.21 7.75 12.77
C THR A 135 -12.06 8.63 13.98
N ALA A 136 -12.33 8.05 15.16
CA ALA A 136 -12.23 8.78 16.42
C ALA A 136 -10.86 8.49 17.05
N ALA A 137 -10.17 9.53 17.56
CA ALA A 137 -8.84 9.36 18.17
C ALA A 137 -8.82 8.63 19.49
N ASP A 138 -9.86 8.83 20.34
CA ASP A 138 -9.98 8.22 21.67
C ASP A 138 -11.43 7.95 22.03
N MET A 139 -11.66 7.52 23.27
CA MET A 139 -12.98 7.22 23.83
C MET A 139 -13.96 8.42 23.76
N ALA A 140 -13.47 9.64 24.09
CA ALA A 140 -14.32 10.83 24.07
C ALA A 140 -14.73 11.13 22.65
N ALA A 141 -13.79 10.94 21.71
CA ALA A 141 -14.07 11.17 20.29
C ALA A 141 -15.12 10.19 19.76
N GLN A 142 -15.24 8.98 20.39
CA GLN A 142 -16.23 7.97 20.01
C GLN A 142 -17.67 8.46 20.19
N ILE A 143 -17.89 9.35 21.19
CA ILE A 143 -19.20 9.97 21.44
C ILE A 143 -19.58 10.74 20.17
N THR A 144 -18.70 11.62 19.69
CA THR A 144 -18.90 12.42 18.49
C THR A 144 -19.11 11.50 17.28
N ARG A 145 -18.32 10.41 17.16
CA ARG A 145 -18.47 9.46 16.03
C ARG A 145 -19.89 8.91 15.99
N ARG A 146 -20.31 8.28 17.15
CA ARG A 146 -21.60 7.66 17.36
C ARG A 146 -22.72 8.72 17.14
N LYS A 147 -22.51 9.96 17.62
CA LYS A 147 -23.38 11.13 17.45
C LYS A 147 -23.56 11.48 15.95
N TRP A 148 -22.45 11.45 15.19
CA TRP A 148 -22.37 11.83 13.78
C TRP A 148 -22.74 10.72 12.83
N GLU A 149 -22.67 9.47 13.31
CA GLU A 149 -23.07 8.34 12.47
C GLU A 149 -24.64 8.33 12.40
N GLN A 150 -25.27 8.65 13.53
CA GLN A 150 -26.71 8.78 13.68
C GLN A 150 -27.17 10.01 12.90
N SER A 151 -26.50 11.17 13.09
CA SER A 151 -26.82 12.43 12.43
C SER A 151 -26.78 12.33 10.92
N GLY A 152 -25.87 11.52 10.39
CA GLY A 152 -25.65 11.39 8.95
C GLY A 152 -24.84 12.56 8.41
N ALA A 153 -24.19 13.28 9.34
CA ALA A 153 -23.36 14.46 9.15
C ALA A 153 -22.30 14.26 8.08
N ALA A 154 -21.76 13.04 7.95
CA ALA A 154 -20.76 12.70 6.94
C ALA A 154 -21.25 13.10 5.56
N GLU A 155 -22.50 12.67 5.20
CA GLU A 155 -23.16 12.97 3.91
C GLU A 155 -23.15 14.45 3.56
N HIS A 156 -23.46 15.36 4.51
N HIS A 156 -23.43 15.31 4.53
CA HIS A 156 -23.42 16.80 4.18
CA HIS A 156 -23.47 16.75 4.37
C HIS A 156 -22.01 17.23 3.85
C HIS A 156 -22.10 17.32 4.02
N TYR A 157 -21.02 16.77 4.64
CA TYR A 157 -19.62 17.14 4.41
C TYR A 157 -19.19 16.60 3.08
N LYS A 158 -19.61 15.34 2.77
CA LYS A 158 -19.31 14.73 1.47
C LYS A 158 -19.84 15.67 0.37
N ALA A 159 -21.13 16.02 0.45
CA ALA A 159 -21.82 16.91 -0.46
C ALA A 159 -21.06 18.23 -0.68
N TYR A 160 -20.46 18.76 0.37
CA TYR A 160 -19.72 20.02 0.28
C TYR A 160 -18.35 19.81 -0.38
N LEU A 161 -17.60 18.85 0.14
CA LEU A 161 -16.24 18.58 -0.29
C LEU A 161 -16.12 18.22 -1.79
N GLU A 162 -17.07 17.43 -2.32
CA GLU A 162 -17.09 17.00 -3.71
C GLU A 162 -17.86 18.01 -4.61
N GLY A 163 -18.83 18.70 -4.00
CA GLY A 163 -19.67 19.70 -4.67
C GLY A 163 -19.09 21.09 -4.57
N GLU A 164 -19.66 21.89 -3.63
CA GLU A 164 -19.32 23.29 -3.35
C GLU A 164 -17.81 23.57 -3.41
N CYS A 165 -17.00 22.84 -2.58
CA CYS A 165 -15.53 22.96 -2.48
C CYS A 165 -14.82 22.99 -3.83
N VAL A 166 -15.14 22.01 -4.68
CA VAL A 166 -14.58 21.83 -6.02
C VAL A 166 -15.02 22.96 -6.95
N GLU A 167 -16.35 23.20 -7.05
CA GLU A 167 -16.95 24.21 -7.92
C GLU A 167 -16.32 25.55 -7.61
N TRP A 168 -16.25 25.86 -6.31
CA TRP A 168 -15.65 27.07 -5.81
C TRP A 168 -14.20 27.19 -6.18
N LEU A 169 -13.38 26.16 -5.85
CA LEU A 169 -11.95 26.12 -6.16
C LEU A 169 -11.69 26.40 -7.62
N HIS A 170 -12.52 25.86 -8.55
CA HIS A 170 -12.39 26.15 -9.98
C HIS A 170 -12.45 27.70 -10.24
N ARG A 171 -13.46 28.39 -9.65
CA ARG A 171 -13.63 29.84 -9.76
C ARG A 171 -12.37 30.54 -9.32
N TYR A 172 -11.90 30.21 -8.11
CA TYR A 172 -10.72 30.80 -7.48
C TYR A 172 -9.46 30.63 -8.30
N LEU A 173 -9.28 29.43 -8.88
CA LEU A 173 -8.13 29.11 -9.71
C LEU A 173 -8.20 29.91 -11.01
N LYS A 174 -9.42 30.04 -11.59
CA LYS A 174 -9.70 30.81 -12.80
C LYS A 174 -9.36 32.28 -12.53
N ASN A 175 -9.82 32.79 -11.38
CA ASN A 175 -9.67 34.17 -11.00
C ASN A 175 -8.27 34.55 -10.57
N GLY A 176 -7.56 33.63 -9.93
CA GLY A 176 -6.21 33.90 -9.43
C GLY A 176 -5.07 33.39 -10.28
N ASN A 177 -5.39 32.77 -11.43
CA ASN A 177 -4.44 32.16 -12.35
C ASN A 177 -3.06 32.79 -12.40
N ALA A 178 -2.98 34.08 -12.76
CA ALA A 178 -1.68 34.75 -12.84
C ALA A 178 -0.86 34.61 -11.54
N THR A 179 -1.47 35.03 -10.40
CA THR A 179 -0.89 35.00 -9.05
C THR A 179 -0.55 33.58 -8.58
N LEU A 180 -1.46 32.62 -8.90
CA LEU A 180 -1.34 31.21 -8.52
C LEU A 180 -0.29 30.43 -9.31
N LEU A 181 -0.30 30.54 -10.65
CA LEU A 181 0.67 29.81 -11.49
C LEU A 181 2.12 30.27 -11.30
N ARG A 182 2.25 31.39 -10.60
CA ARG A 182 3.50 32.03 -10.37
C ARG A 182 4.40 31.27 -9.44
N THR A 183 5.73 31.24 -9.80
CA THR A 183 6.83 30.67 -9.04
C THR A 183 8.00 31.65 -9.03
N ASP A 184 8.55 31.89 -7.84
CA ASP A 184 9.75 32.70 -7.67
C ASP A 184 10.90 31.73 -7.50
N SER A 185 11.86 31.77 -8.41
CA SER A 185 12.97 30.85 -8.34
C SER A 185 13.93 31.19 -7.22
N PRO A 186 14.56 30.19 -6.57
CA PRO A 186 15.53 30.51 -5.54
C PRO A 186 16.81 31.09 -6.14
N LYS A 187 17.39 32.03 -5.40
CA LYS A 187 18.65 32.66 -5.72
C LYS A 187 19.56 32.05 -4.69
N ALA A 188 20.49 31.22 -5.12
CA ALA A 188 21.38 30.54 -4.21
C ALA A 188 22.79 31.16 -4.11
N HIS A 189 23.62 30.66 -3.16
CA HIS A 189 25.01 31.03 -2.87
C HIS A 189 25.58 30.24 -1.71
N VAL A 190 26.88 29.98 -1.74
CA VAL A 190 27.55 29.27 -0.65
C VAL A 190 28.35 30.24 0.23
N THR A 191 28.23 30.11 1.54
CA THR A 191 28.97 30.97 2.44
C THR A 191 29.98 30.16 3.20
N HIS A 192 31.17 30.75 3.37
CA HIS A 192 32.32 30.14 3.98
C HIS A 192 32.44 30.55 5.43
N HIS A 193 32.23 29.58 6.34
CA HIS A 193 32.28 29.84 7.77
C HIS A 193 33.40 29.06 8.40
N PRO A 194 34.57 29.71 8.61
CA PRO A 194 35.73 29.00 9.16
C PRO A 194 35.55 28.59 10.62
N ARG A 195 36.25 27.50 11.00
CA ARG A 195 36.22 26.94 12.35
C ARG A 195 37.53 26.24 12.78
N SER A 196 37.50 25.60 13.96
CA SER A 196 38.63 24.89 14.55
C SER A 196 38.94 23.59 13.81
N LYS A 197 40.11 22.99 14.16
CA LYS A 197 40.62 21.69 13.69
C LYS A 197 40.75 21.53 12.16
N GLY A 198 40.92 22.67 11.48
CA GLY A 198 41.05 22.73 10.03
C GLY A 198 39.81 22.27 9.29
N GLU A 199 38.62 22.74 9.72
CA GLU A 199 37.31 22.44 9.13
C GLU A 199 36.58 23.74 8.83
N VAL A 200 35.65 23.73 7.85
CA VAL A 200 34.79 24.88 7.48
C VAL A 200 33.31 24.47 7.38
N THR A 201 32.39 25.39 7.70
CA THR A 201 30.96 25.15 7.55
C THR A 201 30.60 25.75 6.16
N LEU A 202 30.06 24.93 5.27
CA LEU A 202 29.65 25.43 3.96
C LEU A 202 28.15 25.54 3.98
N ARG A 203 27.64 26.78 3.97
CA ARG A 203 26.23 27.03 4.06
C ARG A 203 25.67 27.30 2.68
N CYS A 204 24.82 26.40 2.18
CA CYS A 204 24.22 26.63 0.88
C CYS A 204 22.90 27.27 1.15
N TRP A 205 22.79 28.55 0.78
CA TRP A 205 21.61 29.38 0.98
C TRP A 205 20.71 29.33 -0.20
N ALA A 206 19.41 29.34 0.04
CA ALA A 206 18.41 29.33 -1.02
C ALA A 206 17.45 30.42 -0.63
N LEU A 207 17.44 31.55 -1.37
CA LEU A 207 16.59 32.67 -0.98
C LEU A 207 15.62 33.18 -2.01
N GLY A 208 14.55 33.79 -1.49
CA GLY A 208 13.49 34.45 -2.24
C GLY A 208 12.76 33.56 -3.20
N PHE A 209 12.45 32.34 -2.77
CA PHE A 209 11.72 31.40 -3.60
C PHE A 209 10.30 31.19 -3.13
N TYR A 210 9.41 30.93 -4.08
CA TYR A 210 8.02 30.58 -3.84
C TYR A 210 7.64 29.54 -4.90
N PRO A 211 6.98 28.39 -4.60
CA PRO A 211 6.49 27.86 -3.30
C PRO A 211 7.57 27.53 -2.28
N ALA A 212 7.19 27.19 -1.03
CA ALA A 212 8.12 26.85 0.03
C ALA A 212 8.83 25.49 -0.16
N ASP A 213 8.30 24.65 -1.08
CA ASP A 213 8.84 23.31 -1.33
C ASP A 213 10.14 23.44 -2.10
N ILE A 214 11.22 23.01 -1.46
CA ILE A 214 12.56 23.03 -2.04
C ILE A 214 13.37 21.88 -1.50
N THR A 215 14.37 21.44 -2.26
CA THR A 215 15.26 20.39 -1.81
C THR A 215 16.68 20.90 -1.90
N LEU A 216 17.42 20.81 -0.79
CA LEU A 216 18.81 21.23 -0.77
C LEU A 216 19.67 20.02 -0.49
N THR A 217 20.67 19.76 -1.37
CA THR A 217 21.59 18.63 -1.22
C THR A 217 23.06 19.05 -1.38
N TRP A 218 23.93 18.45 -0.56
CA TRP A 218 25.38 18.63 -0.59
C TRP A 218 26.03 17.35 -1.14
N GLN A 219 26.96 17.52 -2.08
CA GLN A 219 27.60 16.39 -2.73
C GLN A 219 29.13 16.39 -2.71
N LEU A 220 29.72 15.31 -2.17
CA LEU A 220 31.16 15.10 -2.17
C LEU A 220 31.52 14.20 -3.37
N ASN A 221 32.08 14.82 -4.43
CA ASN A 221 32.54 14.18 -5.68
C ASN A 221 31.44 13.48 -6.50
N GLY A 222 30.22 13.47 -5.97
CA GLY A 222 29.07 12.82 -6.57
C GLY A 222 28.52 11.71 -5.69
N GLU A 223 28.27 12.05 -4.42
CA GLU A 223 27.71 11.19 -3.38
C GLU A 223 27.10 12.11 -2.31
N GLU A 224 25.76 12.03 -2.13
CA GLU A 224 24.97 12.83 -1.18
C GLU A 224 25.47 12.64 0.27
N LEU A 225 25.37 13.69 1.08
CA LEU A 225 25.83 13.64 2.46
C LEU A 225 24.66 13.60 3.45
N THR A 226 23.91 12.47 3.38
CA THR A 226 22.70 12.11 4.14
C THR A 226 22.66 12.64 5.60
N GLN A 227 23.58 12.14 6.47
CA GLN A 227 23.63 12.48 7.90
C GLN A 227 24.61 13.57 8.36
N ASP A 228 25.65 13.88 7.55
CA ASP A 228 26.62 14.94 7.84
C ASP A 228 25.94 16.35 7.90
N MET A 229 25.11 16.64 6.87
CA MET A 229 24.34 17.85 6.56
C MET A 229 23.43 18.38 7.67
N GLU A 230 23.37 19.72 7.75
CA GLU A 230 22.57 20.48 8.70
C GLU A 230 21.59 21.33 7.91
N LEU A 231 20.31 21.14 8.11
CA LEU A 231 19.34 22.00 7.41
C LEU A 231 18.93 23.15 8.35
N VAL A 232 17.86 23.81 7.97
CA VAL A 232 17.01 24.72 8.70
C VAL A 232 15.62 24.57 8.16
N GLU A 233 14.59 24.72 9.00
CA GLU A 233 13.21 24.62 8.53
C GLU A 233 12.89 25.78 7.57
N THR A 234 12.30 25.47 6.41
CA THR A 234 11.96 26.50 5.42
C THR A 234 11.19 27.62 6.10
N ARG A 235 11.81 28.80 6.14
CA ARG A 235 11.30 29.97 6.82
C ARG A 235 10.82 31.08 5.87
N PRO A 236 9.75 31.79 6.23
CA PRO A 236 9.28 32.87 5.36
C PRO A 236 10.15 34.12 5.43
N ALA A 237 10.53 34.67 4.25
CA ALA A 237 11.31 35.90 4.15
C ALA A 237 10.43 37.02 4.71
N GLY A 238 9.11 36.90 4.52
CA GLY A 238 8.18 37.89 5.04
C GLY A 238 7.57 38.68 3.92
N ASP A 239 8.30 38.69 2.78
CA ASP A 239 7.88 39.36 1.55
C ASP A 239 7.03 38.46 0.64
N GLY A 240 6.64 37.31 1.14
CA GLY A 240 5.86 36.33 0.39
C GLY A 240 6.70 35.17 -0.13
N THR A 241 8.04 35.35 -0.10
CA THR A 241 8.95 34.31 -0.55
C THR A 241 9.51 33.54 0.65
N PHE A 242 10.36 32.54 0.37
CA PHE A 242 10.96 31.71 1.41
C PHE A 242 12.47 31.67 1.35
N GLN A 243 13.04 31.03 2.38
CA GLN A 243 14.47 30.90 2.61
C GLN A 243 14.66 29.56 3.22
N LYS A 244 15.79 28.93 2.92
CA LYS A 244 16.23 27.68 3.49
C LYS A 244 17.70 27.65 3.25
N TRP A 245 18.42 26.90 4.06
CA TRP A 245 19.84 26.71 3.90
C TRP A 245 20.26 25.35 4.39
N ALA A 246 21.32 24.81 3.79
CA ALA A 246 21.87 23.53 4.24
C ALA A 246 23.39 23.68 4.37
N SER A 247 23.96 23.23 5.50
CA SER A 247 25.39 23.32 5.77
C SER A 247 26.07 21.99 6.05
N VAL A 248 27.35 21.91 5.69
CA VAL A 248 28.18 20.71 5.88
C VAL A 248 29.51 21.11 6.41
N VAL A 249 30.00 20.35 7.40
CA VAL A 249 31.32 20.60 7.96
C VAL A 249 32.29 19.86 7.06
N VAL A 250 33.18 20.61 6.36
CA VAL A 250 34.16 20.07 5.42
C VAL A 250 35.61 20.50 5.73
N PRO A 251 36.62 19.58 5.65
CA PRO A 251 38.03 20.01 5.89
C PRO A 251 38.50 21.08 4.91
N LEU A 252 39.28 22.05 5.45
CA LEU A 252 39.89 23.20 4.79
C LEU A 252 40.63 22.82 3.51
N GLY A 253 40.56 23.70 2.50
CA GLY A 253 41.18 23.49 1.19
C GLY A 253 40.37 22.59 0.27
N LYS A 254 39.97 21.41 0.79
CA LYS A 254 39.13 20.42 0.11
C LYS A 254 37.66 20.96 -0.06
N GLU A 255 37.47 22.31 -0.04
CA GLU A 255 36.18 23.00 -0.18
C GLU A 255 35.47 22.60 -1.44
N GLN A 256 36.07 22.94 -2.62
CA GLN A 256 35.53 22.66 -3.95
C GLN A 256 35.37 21.16 -4.35
N ASN A 257 35.64 20.23 -3.43
CA ASN A 257 35.41 18.80 -3.56
C ASN A 257 33.87 18.58 -3.36
N TYR A 258 33.24 19.52 -2.62
CA TYR A 258 31.83 19.57 -2.22
C TYR A 258 31.01 20.52 -3.09
N THR A 259 29.84 20.02 -3.52
CA THR A 259 28.90 20.71 -4.40
C THR A 259 27.50 20.72 -3.83
N CYS A 260 26.81 21.88 -3.93
CA CYS A 260 25.43 22.03 -3.49
C CYS A 260 24.49 22.04 -4.67
N ARG A 261 23.37 21.31 -4.53
CA ARG A 261 22.34 21.28 -5.56
C ARG A 261 21.01 21.74 -4.96
N VAL A 262 20.32 22.62 -5.69
CA VAL A 262 19.06 23.22 -5.27
C VAL A 262 18.01 22.75 -6.27
N TYR A 263 16.97 22.06 -5.77
CA TYR A 263 15.88 21.57 -6.58
C TYR A 263 14.60 22.30 -6.21
N HIS A 264 14.07 23.06 -7.17
CA HIS A 264 12.84 23.84 -7.01
C HIS A 264 12.11 23.87 -8.33
N GLU A 265 10.78 23.88 -8.28
CA GLU A 265 9.94 23.89 -9.47
C GLU A 265 9.97 25.22 -10.26
N GLY A 266 10.43 26.27 -9.60
CA GLY A 266 10.52 27.59 -10.21
C GLY A 266 11.79 27.80 -10.99
N LEU A 267 12.74 26.84 -10.86
CA LEU A 267 14.04 26.85 -11.52
C LEU A 267 13.94 26.37 -12.96
N PRO A 268 14.61 27.09 -13.94
CA PRO A 268 14.61 26.63 -15.34
C PRO A 268 15.36 25.31 -15.49
N GLU A 269 16.22 24.99 -14.51
CA GLU A 269 16.98 23.76 -14.34
C GLU A 269 17.59 23.73 -12.90
N PRO A 270 17.78 22.56 -12.26
CA PRO A 270 18.34 22.57 -10.89
C PRO A 270 19.72 23.21 -10.72
N LEU A 271 19.83 24.15 -9.74
CA LEU A 271 21.06 24.89 -9.44
C LEU A 271 22.14 24.02 -8.87
N THR A 272 23.31 24.06 -9.50
CA THR A 272 24.51 23.34 -9.04
C THR A 272 25.56 24.42 -8.67
N LEU A 273 25.92 24.46 -7.38
CA LEU A 273 26.76 25.49 -6.73
C LEU A 273 27.96 24.95 -6.00
N ARG A 274 28.95 25.82 -5.81
CA ARG A 274 30.13 25.52 -5.00
C ARG A 274 30.74 26.79 -4.44
N TRP A 275 31.52 26.64 -3.34
CA TRP A 275 32.21 27.77 -2.74
C TRP A 275 33.08 28.52 -3.78
N GLU A 276 32.67 29.74 -4.16
CA GLU A 276 33.41 30.54 -5.13
C GLU A 276 34.25 31.66 -4.44
N PRO A 277 35.53 31.34 -4.04
CA PRO A 277 36.35 32.36 -3.35
C PRO A 277 36.99 33.33 -4.34
N PRO A 278 36.73 34.66 -4.23
CA PRO A 278 37.32 35.63 -5.20
C PRO A 278 38.85 35.66 -5.27
N MET B 1 -4.29 19.60 27.58
CA MET B 1 -2.98 19.70 28.24
C MET B 1 -1.78 19.40 27.29
N ILE B 2 -2.01 19.48 25.96
CA ILE B 2 -0.98 19.23 24.94
C ILE B 2 -0.19 20.49 24.64
N GLN B 3 0.85 20.71 25.46
CA GLN B 3 1.77 21.85 25.38
C GLN B 3 2.95 21.48 24.46
N LYS B 4 2.97 22.07 23.24
CA LYS B 4 4.01 21.85 22.23
C LYS B 4 5.04 22.99 22.28
N THR B 5 6.36 22.63 22.39
CA THR B 5 7.45 23.61 22.46
C THR B 5 7.67 24.45 21.20
N PRO B 6 7.66 25.78 21.33
CA PRO B 6 7.86 26.64 20.17
C PRO B 6 9.28 26.59 19.60
N GLN B 7 9.38 26.50 18.27
CA GLN B 7 10.65 26.50 17.56
C GLN B 7 10.83 27.88 16.93
N ILE B 8 11.91 28.58 17.32
CA ILE B 8 12.22 29.92 16.88
C ILE B 8 13.35 29.94 15.86
N GLN B 9 13.26 30.90 14.94
CA GLN B 9 14.29 31.16 13.95
C GLN B 9 14.40 32.69 13.82
N VAL B 10 15.61 33.23 13.99
CA VAL B 10 15.79 34.70 13.86
C VAL B 10 16.66 34.96 12.65
N TYR B 11 16.13 35.69 11.70
CA TYR B 11 16.84 35.92 10.45
C TYR B 11 16.37 37.18 9.73
N SER B 12 17.23 37.67 8.82
CA SER B 12 16.97 38.85 8.01
C SER B 12 16.21 38.45 6.74
N ARG B 13 15.33 39.34 6.24
CA ARG B 13 14.52 39.14 5.01
C ARG B 13 15.47 39.05 3.83
N HIS B 14 16.40 40.00 3.77
CA HIS B 14 17.43 40.07 2.72
C HIS B 14 18.78 39.82 3.39
N PRO B 15 19.81 39.33 2.66
CA PRO B 15 21.13 39.10 3.29
C PRO B 15 21.69 40.31 4.04
N PRO B 16 22.23 40.12 5.25
CA PRO B 16 22.70 41.26 6.03
C PRO B 16 23.87 41.99 5.41
N GLU B 17 23.81 43.30 5.52
CA GLU B 17 24.82 44.21 5.01
C GLU B 17 24.84 45.37 6.00
N ASN B 18 25.94 45.49 6.80
CA ASN B 18 26.09 46.54 7.80
C ASN B 18 25.74 47.91 7.26
N GLY B 19 24.83 48.59 7.94
CA GLY B 19 24.38 49.92 7.51
C GLY B 19 23.26 49.90 6.49
N LYS B 20 22.99 48.74 5.86
CA LYS B 20 21.91 48.65 4.90
C LYS B 20 20.61 48.26 5.57
N PRO B 21 19.55 49.12 5.50
CA PRO B 21 18.26 48.79 6.11
C PRO B 21 17.69 47.49 5.59
N ASN B 22 17.20 46.68 6.55
CA ASN B 22 16.67 45.35 6.32
C ASN B 22 15.48 45.10 7.25
N ILE B 23 14.98 43.85 7.24
CA ILE B 23 13.87 43.43 8.09
C ILE B 23 14.32 42.21 8.86
N LEU B 24 14.10 42.23 10.17
CA LEU B 24 14.48 41.12 11.03
C LEU B 24 13.25 40.33 11.35
N ASN B 25 13.24 39.05 10.96
CA ASN B 25 12.12 38.17 11.21
C ASN B 25 12.37 37.25 12.38
N CYS B 26 11.32 36.97 13.14
CA CYS B 26 11.33 36.00 14.20
C CYS B 26 10.19 35.07 13.92
N TYR B 27 10.54 33.89 13.42
CA TYR B 27 9.60 32.87 12.99
C TYR B 27 9.35 31.87 14.10
N VAL B 28 8.20 31.94 14.78
CA VAL B 28 7.88 30.99 15.84
C VAL B 28 6.90 29.96 15.29
N THR B 29 7.13 28.70 15.62
CA THR B 29 6.36 27.60 15.06
C THR B 29 6.34 26.47 16.00
N GLN B 30 5.62 25.40 15.60
CA GLN B 30 5.55 24.16 16.37
C GLN B 30 5.01 24.32 17.73
N PHE B 31 4.18 25.33 18.00
CA PHE B 31 3.66 25.56 19.33
C PHE B 31 2.18 25.31 19.44
N HIS B 32 1.71 25.21 20.68
CA HIS B 32 0.32 24.99 21.08
C HIS B 32 0.29 24.98 22.62
N PRO B 33 -0.68 25.64 23.31
CA PRO B 33 -1.80 26.49 22.83
C PRO B 33 -1.37 27.73 22.02
N PRO B 34 -2.29 28.31 21.21
CA PRO B 34 -1.93 29.48 20.37
C PRO B 34 -1.47 30.73 21.10
N HIS B 35 -1.87 30.91 22.39
CA HIS B 35 -1.43 32.10 23.11
C HIS B 35 0.08 32.05 23.30
N ILE B 36 0.77 33.06 22.75
CA ILE B 36 2.22 33.22 22.86
C ILE B 36 2.61 34.67 23.17
N GLU B 37 3.86 34.91 23.56
CA GLU B 37 4.40 36.25 23.80
C GLU B 37 5.72 36.34 23.05
N ILE B 38 5.80 37.19 22.01
CA ILE B 38 7.02 37.32 21.22
C ILE B 38 7.62 38.71 21.33
N GLN B 39 8.81 38.81 21.92
CA GLN B 39 9.51 40.09 22.03
C GLN B 39 10.68 40.05 21.09
N MET B 40 11.01 41.21 20.51
CA MET B 40 12.17 41.31 19.66
C MET B 40 13.00 42.38 20.26
N LEU B 41 14.30 42.13 20.36
CA LEU B 41 15.17 43.08 21.07
C LEU B 41 16.48 43.42 20.42
N LYS B 42 16.84 44.72 20.57
CA LYS B 42 18.09 45.33 20.08
C LYS B 42 18.95 45.58 21.33
N ASN B 43 20.11 44.91 21.39
CA ASN B 43 21.07 44.98 22.50
C ASN B 43 20.42 44.65 23.85
N GLY B 44 19.33 43.88 23.80
CA GLY B 44 18.63 43.51 25.02
C GLY B 44 17.46 44.41 25.34
N LYS B 45 17.33 45.55 24.65
CA LYS B 45 16.18 46.41 24.92
C LYS B 45 15.07 46.10 23.93
N LYS B 46 13.90 45.68 24.45
CA LYS B 46 12.69 45.36 23.67
C LYS B 46 12.44 46.42 22.55
N ILE B 47 12.27 45.95 21.31
CA ILE B 47 12.02 46.79 20.15
C ILE B 47 10.55 47.13 20.08
N PRO B 48 10.24 48.45 20.11
CA PRO B 48 8.83 48.87 20.02
C PRO B 48 8.42 48.88 18.56
N LYS B 49 7.10 48.81 18.29
CA LYS B 49 6.54 48.80 16.92
C LYS B 49 7.11 47.54 16.17
N VAL B 50 6.66 46.37 16.63
CA VAL B 50 7.02 45.07 16.08
C VAL B 50 5.78 44.55 15.38
N GLU B 51 5.93 44.24 14.10
CA GLU B 51 4.82 43.76 13.29
C GLU B 51 4.74 42.24 13.44
N MET B 52 3.51 41.74 13.53
CA MET B 52 3.25 40.31 13.71
C MET B 52 2.24 39.78 12.72
N SER B 53 2.49 38.55 12.23
CA SER B 53 1.61 37.87 11.29
C SER B 53 0.28 37.50 12.00
N ASP B 54 -0.72 37.12 11.23
CA ASP B 54 -1.99 36.71 11.81
C ASP B 54 -1.97 35.22 12.19
N MET B 55 -2.95 34.81 13.03
CA MET B 55 -3.04 33.45 13.55
C MET B 55 -3.23 32.36 12.52
N SER B 56 -2.16 31.64 12.27
CA SER B 56 -2.23 30.50 11.37
C SER B 56 -1.72 29.26 12.11
N PHE B 57 -2.22 28.11 11.68
CA PHE B 57 -1.79 26.79 12.16
C PHE B 57 -1.39 25.89 11.01
N SER B 58 -0.68 24.81 11.30
CA SER B 58 -0.21 23.92 10.25
C SER B 58 -0.97 22.59 10.15
N LYS B 59 -0.72 21.83 9.10
CA LYS B 59 -1.34 20.52 8.87
C LYS B 59 -1.28 19.65 10.17
N ASP B 60 -0.20 19.79 11.00
CA ASP B 60 0.05 19.05 12.26
C ASP B 60 -0.63 19.64 13.49
N TRP B 61 -1.45 20.70 13.27
CA TRP B 61 -2.22 21.47 14.26
C TRP B 61 -1.41 22.52 15.04
N SER B 62 -0.08 22.56 14.88
CA SER B 62 0.73 23.54 15.61
C SER B 62 0.49 24.96 15.03
N PHE B 63 0.59 25.98 15.88
CA PHE B 63 0.43 27.36 15.45
C PHE B 63 1.76 27.93 15.03
N TYR B 64 1.71 29.04 14.26
CA TYR B 64 2.89 29.76 13.80
C TYR B 64 2.64 31.24 13.62
N ILE B 65 3.60 32.07 14.08
CA ILE B 65 3.54 33.51 13.95
C ILE B 65 4.86 34.03 13.41
N LEU B 66 4.81 35.12 12.62
CA LEU B 66 6.01 35.75 12.09
C LEU B 66 6.10 37.20 12.50
N ALA B 67 6.94 37.42 13.51
CA ALA B 67 7.25 38.74 14.03
C ALA B 67 8.41 39.26 13.20
N HIS B 68 8.38 40.54 12.81
CA HIS B 68 9.45 41.19 12.04
C HIS B 68 9.48 42.67 12.28
N THR B 69 10.67 43.21 12.41
CA THR B 69 10.86 44.65 12.62
C THR B 69 11.88 45.19 11.65
N GLU B 70 11.79 46.48 11.34
CA GLU B 70 12.74 47.13 10.49
C GLU B 70 14.04 47.26 11.30
N PHE B 71 15.17 46.93 10.69
CA PHE B 71 16.44 47.01 11.39
C PHE B 71 17.58 47.34 10.45
N THR B 72 18.64 48.01 10.94
CA THR B 72 19.80 48.34 10.11
C THR B 72 21.04 47.69 10.79
N PRO B 73 21.41 46.49 10.36
CA PRO B 73 22.51 45.76 10.99
C PRO B 73 23.83 46.49 11.11
N THR B 74 24.50 46.39 12.27
CA THR B 74 25.80 47.01 12.57
C THR B 74 26.70 45.94 13.20
N GLU B 75 28.03 46.12 13.24
CA GLU B 75 28.96 45.13 13.84
C GLU B 75 28.71 44.96 15.32
N THR B 76 28.37 46.08 15.98
CA THR B 76 28.15 46.20 17.42
C THR B 76 26.74 45.75 17.87
N ASP B 77 25.69 46.32 17.25
CA ASP B 77 24.28 46.04 17.55
C ASP B 77 23.94 44.57 17.47
N THR B 78 23.40 44.07 18.58
CA THR B 78 22.97 42.69 18.82
C THR B 78 21.46 42.63 18.76
N TYR B 79 20.94 41.69 17.95
CA TYR B 79 19.50 41.50 17.91
C TYR B 79 19.19 40.07 18.38
N ALA B 80 17.99 39.93 19.01
CA ALA B 80 17.45 38.67 19.51
C ALA B 80 15.94 38.67 19.57
N CYS B 81 15.38 37.47 19.72
CA CYS B 81 13.94 37.29 19.84
C CYS B 81 13.63 36.44 21.08
N ARG B 82 12.77 36.94 21.96
CA ARG B 82 12.39 36.30 23.22
C ARG B 82 10.96 35.83 23.15
N VAL B 83 10.73 34.55 23.53
CA VAL B 83 9.43 33.93 23.46
C VAL B 83 9.02 33.35 24.80
N LYS B 84 7.85 33.75 25.31
CA LYS B 84 7.24 33.21 26.53
C LYS B 84 6.08 32.35 26.02
N HIS B 85 5.99 31.10 26.47
CA HIS B 85 4.89 30.20 26.10
C HIS B 85 4.60 29.25 27.22
N ALA B 86 3.31 28.93 27.39
CA ALA B 86 2.74 28.04 28.38
C ALA B 86 3.56 26.73 28.53
N SER B 87 4.06 26.20 27.39
CA SER B 87 4.85 24.96 27.29
C SER B 87 6.26 25.07 27.80
N MET B 88 6.74 26.27 28.01
CA MET B 88 8.11 26.48 28.46
C MET B 88 8.20 26.92 29.88
N ALA B 89 9.23 26.42 30.58
CA ALA B 89 9.47 26.78 31.97
C ALA B 89 9.93 28.21 32.07
N GLU B 90 10.83 28.63 31.18
CA GLU B 90 11.34 30.00 31.11
C GLU B 90 11.46 30.51 29.64
N PRO B 91 11.48 31.85 29.41
CA PRO B 91 11.50 32.34 28.02
C PRO B 91 12.74 32.03 27.24
N LYS B 92 12.52 31.45 26.03
CA LYS B 92 13.59 31.09 25.10
C LYS B 92 13.99 32.35 24.38
N THR B 93 15.30 32.66 24.43
CA THR B 93 15.85 33.83 23.75
C THR B 93 16.76 33.32 22.67
N VAL B 94 16.43 33.62 21.42
CA VAL B 94 17.22 33.20 20.27
C VAL B 94 17.83 34.44 19.68
N TYR B 95 19.16 34.43 19.59
CA TYR B 95 19.94 35.54 19.08
C TYR B 95 20.12 35.48 17.59
N TRP B 96 20.07 36.67 16.94
CA TRP B 96 20.31 36.74 15.51
C TRP B 96 21.80 36.51 15.24
N ASP B 97 22.07 35.67 14.26
CA ASP B 97 23.42 35.29 13.85
C ASP B 97 23.40 35.42 12.34
N ARG B 98 23.89 36.57 11.85
CA ARG B 98 23.95 36.92 10.45
C ARG B 98 24.42 35.79 9.50
N ASP B 99 25.20 34.82 10.00
CA ASP B 99 25.68 33.66 9.25
C ASP B 99 24.59 32.57 9.04
N MET B 100 23.38 32.76 9.65
CA MET B 100 22.26 31.81 9.52
C MET B 100 20.87 32.39 9.62
N GLY C 2 28.38 -5.60 40.72
CA GLY C 2 27.42 -4.83 39.90
C GLY C 2 26.84 -3.59 40.55
N PRO C 3 26.18 -2.65 39.79
CA PRO C 3 25.61 -1.45 40.42
C PRO C 3 24.29 -1.73 41.12
N HIS C 4 23.97 -0.91 42.13
CA HIS C 4 22.75 -1.10 42.87
C HIS C 4 21.90 0.16 42.92
N SER C 5 20.59 -0.02 43.02
CA SER C 5 19.68 1.11 43.04
C SER C 5 18.53 0.88 44.00
N MET C 6 18.00 1.98 44.52
CA MET C 6 16.79 1.95 45.34
C MET C 6 15.90 3.07 44.80
N ARG C 7 14.59 2.77 44.62
CA ARG C 7 13.64 3.72 44.12
C ARG C 7 12.32 3.58 44.79
N TYR C 8 11.67 4.72 44.95
CA TYR C 8 10.32 4.76 45.46
C TYR C 8 9.47 5.44 44.35
N PHE C 9 8.56 4.63 43.78
CA PHE C 9 7.66 5.00 42.73
C PHE C 9 6.29 5.29 43.38
N GLU C 10 6.05 6.57 43.66
CA GLU C 10 4.82 7.01 44.33
C GLU C 10 3.81 7.55 43.34
N THR C 11 2.55 7.17 43.48
CA THR C 11 1.47 7.58 42.59
C THR C 11 0.25 8.06 43.42
N ALA C 12 -0.33 9.18 42.98
CA ALA C 12 -1.49 9.72 43.58
C ALA C 12 -2.51 9.96 42.48
N VAL C 13 -3.60 9.22 42.52
CA VAL C 13 -4.64 9.35 41.51
C VAL C 13 -5.89 10.01 42.13
N SER C 14 -6.16 11.27 41.73
CA SER C 14 -7.32 12.01 42.20
C SER C 14 -8.59 11.23 41.89
N ARG C 15 -9.47 11.08 42.89
CA ARG C 15 -10.76 10.39 42.78
C ARG C 15 -11.75 11.52 42.72
N PRO C 16 -12.56 11.63 41.65
CA PRO C 16 -13.51 12.76 41.59
C PRO C 16 -14.63 12.56 42.62
N GLY C 17 -14.87 13.59 43.42
CA GLY C 17 -15.87 13.56 44.49
C GLY C 17 -15.24 13.30 45.85
N LEU C 18 -14.55 12.13 46.00
CA LEU C 18 -13.83 11.73 47.21
C LEU C 18 -12.62 12.68 47.35
N GLU C 19 -12.51 13.41 48.50
CA GLU C 19 -11.42 14.38 48.74
C GLU C 19 -10.20 13.79 49.45
N GLU C 20 -9.70 12.73 48.81
CA GLU C 20 -8.51 11.96 49.14
C GLU C 20 -8.25 11.00 47.98
N PRO C 21 -7.10 11.22 47.28
CA PRO C 21 -6.72 10.33 46.16
C PRO C 21 -6.41 8.91 46.62
N ARG C 22 -5.88 8.10 45.69
CA ARG C 22 -5.34 6.80 46.01
C ARG C 22 -3.83 6.92 45.88
N TYR C 23 -3.13 6.90 47.07
CA TYR C 23 -1.68 6.92 47.17
C TYR C 23 -1.16 5.51 47.10
N ILE C 24 -0.11 5.31 46.28
CA ILE C 24 0.56 4.02 46.04
C ILE C 24 2.05 4.22 46.00
N SER C 25 2.74 3.82 47.07
CA SER C 25 4.19 3.90 47.07
C SER C 25 4.73 2.51 46.81
N VAL C 26 5.63 2.37 45.83
CA VAL C 26 6.23 1.07 45.51
C VAL C 26 7.76 1.20 45.64
N GLY C 27 8.36 0.36 46.46
CA GLY C 27 9.79 0.42 46.73
C GLY C 27 10.50 -0.63 45.94
N TYR C 28 11.60 -0.26 45.31
CA TYR C 28 12.38 -1.20 44.51
C TYR C 28 13.81 -1.12 44.94
N VAL C 29 14.47 -2.28 45.04
CA VAL C 29 15.89 -2.44 45.32
C VAL C 29 16.36 -3.31 44.19
N ASP C 30 17.29 -2.78 43.36
CA ASP C 30 17.84 -3.39 42.15
C ASP C 30 16.71 -3.77 41.20
N ASN C 31 15.79 -2.82 40.95
CA ASN C 31 14.62 -2.98 40.05
C ASN C 31 13.63 -4.06 40.46
N LYS C 32 13.80 -4.60 41.67
CA LYS C 32 12.93 -5.65 42.21
C LYS C 32 12.06 -5.04 43.32
N GLU C 33 10.72 -5.06 43.17
CA GLU C 33 9.72 -4.55 44.14
C GLU C 33 10.00 -5.17 45.51
N PHE C 34 10.17 -4.33 46.55
CA PHE C 34 10.54 -4.90 47.82
C PHE C 34 9.64 -4.51 48.94
N VAL C 35 8.97 -3.37 48.79
CA VAL C 35 7.98 -2.85 49.73
C VAL C 35 6.87 -2.23 48.91
N ARG C 36 5.66 -2.16 49.48
CA ARG C 36 4.54 -1.55 48.77
C ARG C 36 3.55 -0.99 49.76
N PHE C 37 3.00 0.17 49.44
CA PHE C 37 1.96 0.83 50.21
C PHE C 37 0.81 1.20 49.26
N ASP C 38 -0.43 0.90 49.65
CA ASP C 38 -1.60 1.17 48.85
C ASP C 38 -2.73 1.66 49.78
N SER C 39 -3.21 2.91 49.55
CA SER C 39 -4.26 3.54 50.33
C SER C 39 -5.60 2.80 50.20
N ASP C 40 -5.82 2.14 49.06
CA ASP C 40 -7.04 1.39 48.75
C ASP C 40 -7.19 0.13 49.57
N ALA C 41 -6.18 -0.23 50.40
CA ALA C 41 -6.24 -1.43 51.23
C ALA C 41 -7.19 -1.25 52.40
N GLU C 42 -7.75 -2.35 52.89
CA GLU C 42 -8.69 -2.41 54.03
C GLU C 42 -8.04 -1.71 55.26
N ASN C 43 -6.81 -2.12 55.57
CA ASN C 43 -5.99 -1.48 56.58
C ASN C 43 -4.65 -1.08 55.91
N PRO C 44 -4.61 0.17 55.37
CA PRO C 44 -3.40 0.62 54.64
C PRO C 44 -2.13 0.63 55.49
N ARG C 45 -1.09 -0.09 55.02
CA ARG C 45 0.25 -0.16 55.63
C ARG C 45 1.34 -0.67 54.65
N TYR C 46 2.63 -0.38 54.93
CA TYR C 46 3.72 -0.87 54.07
C TYR C 46 3.85 -2.37 54.24
N GLU C 47 3.86 -3.10 53.13
CA GLU C 47 3.90 -4.54 53.22
C GLU C 47 5.16 -5.08 52.55
N PRO C 48 5.82 -6.09 53.17
CA PRO C 48 7.04 -6.62 52.58
C PRO C 48 6.76 -7.37 51.29
N ARG C 49 7.25 -6.83 50.17
CA ARG C 49 7.09 -7.37 48.83
C ARG C 49 8.20 -8.28 48.32
N ALA C 50 9.17 -8.60 49.19
CA ALA C 50 10.33 -9.48 48.96
C ALA C 50 10.54 -10.19 50.30
N PRO C 51 10.87 -11.51 50.27
CA PRO C 51 11.01 -12.27 51.51
C PRO C 51 12.00 -11.67 52.54
N TRP C 52 13.19 -11.32 52.09
CA TRP C 52 14.23 -10.73 52.94
C TRP C 52 13.81 -9.46 53.67
N MET C 53 12.69 -8.85 53.27
CA MET C 53 12.20 -7.64 53.91
C MET C 53 11.54 -7.95 55.25
N GLU C 54 11.16 -9.23 55.46
CA GLU C 54 10.49 -9.72 56.67
C GLU C 54 11.37 -9.70 57.93
N GLN C 55 12.72 -9.70 57.74
CA GLN C 55 13.74 -9.57 58.78
C GLN C 55 13.59 -8.23 59.55
N GLU C 56 12.86 -7.23 59.01
CA GLU C 56 12.68 -5.96 59.73
C GLU C 56 11.70 -6.16 60.88
N GLY C 57 11.79 -5.26 61.86
CA GLY C 57 10.95 -5.28 63.03
C GLY C 57 9.65 -4.59 62.77
N PRO C 58 8.62 -4.81 63.61
CA PRO C 58 7.33 -4.13 63.43
C PRO C 58 7.39 -2.62 63.43
N GLU C 59 8.50 -2.02 63.94
CA GLU C 59 8.66 -0.56 63.95
C GLU C 59 9.12 -0.03 62.61
N TYR C 60 9.88 -0.84 61.82
CA TYR C 60 10.31 -0.41 60.50
C TYR C 60 9.05 -0.22 59.76
N TRP C 61 8.11 -1.20 59.82
CA TRP C 61 6.82 -1.10 59.13
C TRP C 61 6.01 0.10 59.57
N GLU C 62 6.01 0.37 60.87
CA GLU C 62 5.32 1.51 61.50
C GLU C 62 5.90 2.83 61.05
N ARG C 63 7.25 3.02 61.11
CA ARG C 63 7.93 4.26 60.65
C ARG C 63 7.48 4.63 59.19
N GLU C 64 7.46 3.59 58.31
CA GLU C 64 7.15 3.67 56.89
C GLU C 64 5.66 4.00 56.66
N THR C 65 4.77 3.23 57.33
CA THR C 65 3.33 3.42 57.24
C THR C 65 2.97 4.83 57.66
N GLN C 66 3.61 5.33 58.77
CA GLN C 66 3.41 6.68 59.26
C GLN C 66 3.91 7.74 58.24
N LYS C 67 5.03 7.44 57.51
CA LYS C 67 5.58 8.31 56.47
C LYS C 67 4.57 8.36 55.37
N ALA C 68 4.03 7.16 55.00
CA ALA C 68 3.05 7.08 53.92
C ALA C 68 1.85 8.01 54.17
N LYS C 69 1.31 8.02 55.40
CA LYS C 69 0.19 8.86 55.79
C LYS C 69 0.52 10.33 55.52
N GLY C 70 1.78 10.69 55.78
CA GLY C 70 2.31 12.03 55.59
C GLY C 70 2.36 12.42 54.13
N GLN C 71 2.73 11.43 53.26
CA GLN C 71 2.85 11.59 51.79
C GLN C 71 1.47 11.73 51.22
N GLU C 72 0.56 10.82 51.59
CA GLU C 72 -0.83 10.78 51.13
C GLU C 72 -1.38 12.23 51.18
N GLN C 73 -0.99 12.99 52.25
CA GLN C 73 -1.39 14.38 52.44
C GLN C 73 -0.68 15.31 51.51
N TRP C 74 0.62 15.11 51.33
CA TRP C 74 1.47 15.91 50.45
C TRP C 74 0.91 15.85 49.05
N PHE C 75 0.55 14.64 48.61
CA PHE C 75 -0.05 14.43 47.31
C PHE C 75 -1.39 15.15 47.18
N ARG C 76 -2.35 14.93 48.11
N ARG C 76 -2.37 14.93 48.10
CA ARG C 76 -3.68 15.59 48.16
CA ARG C 76 -3.67 15.64 48.10
C ARG C 76 -3.57 17.11 47.83
C ARG C 76 -3.47 17.11 47.72
N VAL C 77 -2.64 17.80 48.51
CA VAL C 77 -2.34 19.22 48.38
C VAL C 77 -1.65 19.48 47.05
N SER C 78 -0.51 18.81 46.79
CA SER C 78 0.21 18.98 45.54
C SER C 78 -0.78 18.87 44.39
N LEU C 79 -1.54 17.79 44.39
CA LEU C 79 -2.56 17.49 43.41
C LEU C 79 -3.61 18.56 43.24
N ARG C 80 -3.92 19.30 44.33
CA ARG C 80 -4.92 20.38 44.31
C ARG C 80 -4.24 21.60 43.66
N ASN C 81 -3.10 22.06 44.22
CA ASN C 81 -2.31 23.18 43.74
C ASN C 81 -2.06 23.12 42.22
N LEU C 82 -1.74 21.89 41.69
CA LEU C 82 -1.46 21.65 40.28
C LEU C 82 -2.69 21.89 39.45
N LEU C 83 -3.83 21.32 39.90
CA LEU C 83 -5.12 21.48 39.23
C LEU C 83 -5.42 22.99 39.13
N GLY C 84 -4.88 23.70 40.12
CA GLY C 84 -4.92 25.16 40.20
C GLY C 84 -4.08 25.77 39.11
N TYR C 85 -2.78 25.44 39.09
CA TYR C 85 -1.81 25.94 38.12
C TYR C 85 -2.20 25.69 36.67
N TYR C 86 -2.89 24.55 36.41
CA TYR C 86 -3.30 24.09 35.07
C TYR C 86 -4.79 24.23 34.81
N ASN C 87 -5.50 25.16 35.47
CA ASN C 87 -6.94 25.43 35.31
C ASN C 87 -7.73 24.18 34.87
N GLN C 88 -7.80 23.24 35.82
CA GLN C 88 -8.40 21.95 35.61
C GLN C 88 -9.48 21.73 36.60
N SER C 89 -9.70 22.69 37.56
CA SER C 89 -10.66 22.68 38.72
C SER C 89 -11.75 21.50 38.83
N ALA C 90 -11.62 20.47 37.91
CA ALA C 90 -12.54 19.38 37.67
C ALA C 90 -12.50 18.10 38.52
N GLY C 91 -13.64 17.41 38.38
CA GLY C 91 -14.01 16.11 38.89
C GLY C 91 -13.77 15.18 37.72
N GLY C 92 -12.53 15.24 37.28
CA GLY C 92 -11.89 14.41 36.29
C GLY C 92 -10.64 13.92 37.00
N SER C 93 -10.39 12.60 37.00
CA SER C 93 -9.21 12.07 37.68
C SER C 93 -7.92 12.71 37.16
N HIS C 94 -6.99 13.01 38.09
CA HIS C 94 -5.68 13.61 37.81
C HIS C 94 -4.59 12.82 38.51
N THR C 95 -3.53 12.58 37.79
CA THR C 95 -2.51 11.72 38.30
C THR C 95 -1.15 12.35 38.42
N LEU C 96 -0.67 12.37 39.64
CA LEU C 96 0.63 12.89 39.99
C LEU C 96 1.52 11.72 40.42
N GLN C 97 2.69 11.58 39.77
CA GLN C 97 3.65 10.52 40.11
C GLN C 97 4.99 11.10 40.60
N GLN C 98 5.82 10.24 41.25
CA GLN C 98 7.12 10.61 41.77
C GLN C 98 8.06 9.44 41.77
N MET C 99 9.30 9.67 41.32
CA MET C 99 10.35 8.68 41.37
C MET C 99 11.50 9.30 42.15
N SER C 100 11.82 8.74 43.32
CA SER C 100 12.95 9.21 44.14
C SER C 100 13.84 8.02 44.48
N GLY C 101 15.13 8.26 44.62
CA GLY C 101 16.03 7.19 44.96
C GLY C 101 17.51 7.46 44.81
N CYS C 102 18.30 6.38 44.82
CA CYS C 102 19.73 6.50 44.66
C CYS C 102 20.35 5.36 43.91
N ASP C 103 21.41 5.67 43.16
CA ASP C 103 22.18 4.67 42.43
C ASP C 103 23.55 4.57 43.11
N LEU C 104 24.07 3.36 43.21
CA LEU C 104 25.36 3.08 43.84
C LEU C 104 26.26 2.39 42.83
N GLY C 105 27.58 2.53 43.00
CA GLY C 105 28.54 1.80 42.20
C GLY C 105 28.55 0.34 42.62
N SER C 106 29.60 -0.40 42.18
CA SER C 106 29.79 -1.81 42.55
C SER C 106 30.32 -1.87 44.00
N ASP C 107 31.10 -0.82 44.38
CA ASP C 107 31.71 -0.59 45.69
C ASP C 107 30.68 -0.06 46.74
N TRP C 108 29.39 0.03 46.34
CA TRP C 108 28.26 0.51 47.14
C TRP C 108 28.38 2.02 47.45
N ARG C 109 29.37 2.71 46.85
CA ARG C 109 29.54 4.16 47.01
C ARG C 109 28.47 4.86 46.17
N LEU C 110 27.86 5.90 46.69
CA LEU C 110 26.82 6.66 45.98
C LEU C 110 27.33 7.24 44.67
N LEU C 111 26.56 7.02 43.58
CA LEU C 111 26.85 7.58 42.26
C LEU C 111 25.97 8.80 42.03
N ARG C 112 24.66 8.60 42.17
CA ARG C 112 23.68 9.60 41.86
C ARG C 112 22.48 9.59 42.78
N GLY C 113 21.97 10.78 43.00
CA GLY C 113 20.73 11.02 43.70
C GLY C 113 19.67 11.16 42.63
N TYR C 114 18.45 10.71 42.91
CA TYR C 114 17.42 10.77 41.88
C TYR C 114 16.05 11.25 42.39
N LEU C 115 15.51 12.31 41.74
CA LEU C 115 14.21 12.85 42.10
C LEU C 115 13.53 13.52 40.89
N GLN C 116 12.45 12.87 40.41
CA GLN C 116 11.60 13.18 39.26
C GLN C 116 10.14 13.16 39.67
N PHE C 117 9.39 14.13 39.15
CA PHE C 117 7.95 14.24 39.35
C PHE C 117 7.30 14.36 37.98
N ALA C 118 6.05 13.87 37.88
CA ALA C 118 5.24 13.93 36.68
C ALA C 118 3.80 14.15 36.98
N TYR C 119 3.19 14.99 36.16
CA TYR C 119 1.77 15.29 36.25
C TYR C 119 1.15 14.93 34.95
N GLU C 120 0.14 14.04 35.05
CA GLU C 120 -0.67 13.57 33.93
C GLU C 120 0.14 12.80 32.90
N GLY C 121 1.23 12.20 33.37
CA GLY C 121 2.08 11.34 32.54
C GLY C 121 3.26 12.03 31.93
N ARG C 122 3.28 13.36 32.03
CA ARG C 122 4.39 14.10 31.49
C ARG C 122 5.24 14.57 32.62
N ASP C 123 6.53 14.79 32.35
CA ASP C 123 7.43 15.36 33.32
C ASP C 123 6.93 16.74 33.76
N TYR C 124 6.96 16.98 35.07
CA TYR C 124 6.56 18.24 35.67
C TYR C 124 7.84 18.93 36.18
N ILE C 125 8.45 18.38 37.24
CA ILE C 125 9.68 18.93 37.78
C ILE C 125 10.63 17.82 38.17
N ALA C 126 11.95 18.10 38.14
CA ALA C 126 13.01 17.19 38.52
C ALA C 126 14.18 17.94 39.14
N LEU C 127 14.74 17.37 40.16
CA LEU C 127 15.94 17.89 40.80
C LEU C 127 17.10 17.33 39.95
N ASN C 128 18.05 18.21 39.59
CA ASN C 128 19.19 17.85 38.75
C ASN C 128 20.19 16.97 39.47
N GLU C 129 21.08 16.30 38.71
CA GLU C 129 22.11 15.41 39.25
C GLU C 129 22.88 16.09 40.41
N ASP C 130 23.01 17.42 40.37
CA ASP C 130 23.70 18.21 41.39
C ASP C 130 23.04 18.17 42.76
N LEU C 131 21.77 17.74 42.83
CA LEU C 131 20.92 17.64 44.02
C LEU C 131 20.75 19.01 44.67
N LYS C 132 21.05 20.08 43.90
CA LYS C 132 20.98 21.48 44.32
C LYS C 132 19.97 22.30 43.46
N THR C 133 20.05 22.18 42.12
CA THR C 133 19.17 22.88 41.21
C THR C 133 17.96 22.06 40.65
N TRP C 134 16.86 22.74 40.28
CA TRP C 134 15.65 22.15 39.74
C TRP C 134 15.47 22.43 38.22
N THR C 135 14.69 21.56 37.51
CA THR C 135 14.32 21.78 36.12
C THR C 135 12.81 21.61 36.00
N ALA C 136 12.11 22.69 35.58
CA ALA C 136 10.66 22.66 35.41
C ALA C 136 10.30 22.36 33.95
N ALA C 137 9.28 21.49 33.70
CA ALA C 137 8.88 21.14 32.32
C ALA C 137 8.17 22.26 31.55
N ASP C 138 7.30 23.01 32.23
CA ASP C 138 6.53 24.09 31.62
C ASP C 138 6.35 25.29 32.56
N MET C 139 5.49 26.26 32.16
CA MET C 139 5.23 27.46 32.94
C MET C 139 4.64 27.16 34.29
N ALA C 140 3.69 26.22 34.36
CA ALA C 140 3.06 25.88 35.65
C ALA C 140 4.10 25.24 36.57
N ALA C 141 5.00 24.43 36.01
CA ALA C 141 6.05 23.78 36.77
C ALA C 141 7.03 24.80 37.34
N GLN C 142 7.18 25.95 36.67
CA GLN C 142 8.05 27.03 37.13
C GLN C 142 7.61 27.59 38.49
N ILE C 143 6.27 27.57 38.77
CA ILE C 143 5.71 28.01 40.05
C ILE C 143 6.32 27.14 41.14
N THR C 144 6.22 25.79 40.98
CA THR C 144 6.78 24.81 41.91
C THR C 144 8.28 25.03 42.06
N ARG C 145 9.02 25.32 40.96
CA ARG C 145 10.46 25.58 41.00
C ARG C 145 10.76 26.72 41.95
N ARG C 146 10.19 27.94 41.69
CA ARG C 146 10.41 29.12 42.56
C ARG C 146 9.91 28.80 44.00
N LYS C 147 8.75 28.14 44.09
CA LYS C 147 8.20 27.73 45.37
C LYS C 147 9.22 26.90 46.18
N TRP C 148 9.91 25.98 45.51
CA TRP C 148 10.89 25.05 46.09
C TRP C 148 12.29 25.63 46.18
N GLU C 149 12.57 26.70 45.40
CA GLU C 149 13.87 27.36 45.47
C GLU C 149 13.89 28.15 46.77
N GLN C 150 12.74 28.77 47.09
CA GLN C 150 12.51 29.55 48.32
C GLN C 150 12.46 28.62 49.51
N SER C 151 11.68 27.52 49.41
CA SER C 151 11.52 26.51 50.46
C SER C 151 12.86 25.91 50.92
N GLY C 152 13.77 25.75 49.96
CA GLY C 152 15.08 25.13 50.21
C GLY C 152 14.94 23.63 50.22
N ALA C 153 13.78 23.14 49.70
CA ALA C 153 13.34 21.77 49.59
C ALA C 153 14.39 20.87 48.97
N ALA C 154 15.19 21.38 48.01
CA ALA C 154 16.25 20.62 47.37
C ALA C 154 17.19 20.02 48.41
N GLU C 155 17.68 20.86 49.35
CA GLU C 155 18.58 20.47 50.44
C GLU C 155 18.08 19.26 51.25
N HIS C 156 16.77 19.22 51.63
N HIS C 156 16.78 19.24 51.57
CA HIS C 156 16.28 18.05 52.36
CA HIS C 156 16.12 18.18 52.32
C HIS C 156 16.35 16.79 51.48
C HIS C 156 16.16 16.85 51.53
N TYR C 157 15.97 16.90 50.19
CA TYR C 157 15.99 15.75 49.29
C TYR C 157 17.43 15.32 49.14
N LYS C 158 18.36 16.30 49.02
CA LYS C 158 19.78 15.99 48.92
C LYS C 158 20.17 15.13 50.15
N ALA C 159 19.88 15.66 51.35
CA ALA C 159 20.12 15.02 52.64
C ALA C 159 19.61 13.57 52.67
N TYR C 160 18.43 13.32 52.07
CA TYR C 160 17.85 11.98 52.05
C TYR C 160 18.53 11.08 51.06
N LEU C 161 18.68 11.56 49.82
CA LEU C 161 19.22 10.78 48.73
C LEU C 161 20.67 10.29 48.98
N GLU C 162 21.51 11.14 49.60
CA GLU C 162 22.92 10.84 49.88
C GLU C 162 23.09 10.17 51.25
N GLY C 163 22.15 10.48 52.15
CA GLY C 163 22.11 9.96 53.51
C GLY C 163 21.27 8.70 53.65
N GLU C 164 20.04 8.88 54.17
CA GLU C 164 19.04 7.84 54.41
C GLU C 164 18.97 6.78 53.28
N CYS C 165 18.72 7.20 52.02
CA CYS C 165 18.63 6.36 50.84
C CYS C 165 19.78 5.35 50.72
N VAL C 166 21.02 5.82 50.82
CA VAL C 166 22.25 5.02 50.71
C VAL C 166 22.41 4.09 51.89
N GLU C 167 22.33 4.63 53.12
CA GLU C 167 22.49 3.87 54.36
C GLU C 167 21.52 2.71 54.35
N TRP C 168 20.26 3.02 53.99
CA TRP C 168 19.19 2.06 53.92
C TRP C 168 19.45 1.01 52.87
N LEU C 169 19.78 1.43 51.64
CA LEU C 169 20.10 0.51 50.55
C LEU C 169 21.16 -0.49 50.94
N HIS C 170 22.20 -0.07 51.69
CA HIS C 170 23.24 -0.98 52.16
C HIS C 170 22.60 -2.11 53.01
N ARG C 171 21.69 -1.76 53.95
CA ARG C 171 20.98 -2.71 54.82
C ARG C 171 20.27 -3.72 53.99
N TYR C 172 19.46 -3.23 53.05
CA TYR C 172 18.65 -4.03 52.15
C TYR C 172 19.47 -5.00 51.29
N LEU C 173 20.62 -4.52 50.77
CA LEU C 173 21.49 -5.33 49.95
C LEU C 173 22.15 -6.40 50.82
N LYS C 174 22.52 -6.03 52.06
CA LYS C 174 23.13 -6.92 53.05
C LYS C 174 22.15 -8.02 53.39
N ASN C 175 20.90 -7.63 53.64
CA ASN C 175 19.83 -8.51 54.04
C ASN C 175 19.28 -9.38 52.93
N GLY C 176 19.24 -8.85 51.71
CA GLY C 176 18.70 -9.57 50.57
C GLY C 176 19.70 -10.27 49.68
N ASN C 177 21.01 -10.16 49.99
CA ASN C 177 22.13 -10.76 49.24
C ASN C 177 21.78 -12.08 48.54
N ALA C 178 21.33 -13.13 49.28
CA ALA C 178 20.95 -14.42 48.69
C ALA C 178 19.94 -14.25 47.53
N THR C 179 18.79 -13.60 47.79
CA THR C 179 17.72 -13.34 46.84
C THR C 179 18.12 -12.41 45.71
N LEU C 180 18.95 -11.42 46.01
CA LEU C 180 19.41 -10.41 45.05
C LEU C 180 20.46 -11.00 44.05
N LEU C 181 21.47 -11.74 44.54
CA LEU C 181 22.48 -12.37 43.68
C LEU C 181 21.93 -13.54 42.84
N ARG C 182 20.69 -13.98 43.15
CA ARG C 182 19.96 -15.09 42.53
C ARG C 182 19.61 -14.84 41.04
N THR C 183 19.81 -15.90 40.19
CA THR C 183 19.48 -15.94 38.75
C THR C 183 18.84 -17.26 38.24
N ASP C 184 17.75 -17.15 37.44
CA ASP C 184 17.11 -18.28 36.76
C ASP C 184 17.53 -18.21 35.32
N SER C 185 18.21 -19.23 34.86
CA SER C 185 18.73 -19.27 33.48
C SER C 185 17.63 -19.48 32.45
N PRO C 186 17.74 -18.86 31.26
CA PRO C 186 16.73 -19.10 30.24
C PRO C 186 16.85 -20.51 29.65
N LYS C 187 15.69 -21.09 29.33
CA LYS C 187 15.58 -22.36 28.64
C LYS C 187 15.11 -21.94 27.26
N ALA C 188 15.97 -22.14 26.26
CA ALA C 188 15.67 -21.72 24.90
C ALA C 188 15.20 -22.84 23.95
N HIS C 189 14.74 -22.46 22.71
CA HIS C 189 14.29 -23.33 21.60
C HIS C 189 13.85 -22.50 20.40
N VAL C 190 14.01 -23.08 19.20
CA VAL C 190 13.61 -22.41 17.97
C VAL C 190 12.30 -23.03 17.41
N THR C 191 11.36 -22.17 17.02
CA THR C 191 10.12 -22.66 16.45
C THR C 191 10.03 -22.27 14.98
N HIS C 192 9.49 -23.19 14.16
CA HIS C 192 9.38 -23.05 12.71
C HIS C 192 7.99 -22.61 12.30
N HIS C 193 7.91 -21.39 11.77
CA HIS C 193 6.66 -20.79 11.37
C HIS C 193 6.65 -20.49 9.90
N PRO C 194 5.97 -21.37 9.15
CA PRO C 194 5.92 -21.22 7.69
C PRO C 194 5.14 -20.01 7.21
N ARG C 195 5.50 -19.51 6.01
CA ARG C 195 4.81 -18.40 5.37
C ARG C 195 4.86 -18.38 3.81
N SER C 196 4.31 -17.30 3.22
CA SER C 196 4.23 -17.03 1.77
C SER C 196 5.60 -16.74 1.18
N LYS C 197 5.66 -16.61 -0.16
CA LYS C 197 6.85 -16.27 -0.97
C LYS C 197 8.04 -17.23 -0.75
N GLY C 198 7.73 -18.45 -0.28
CA GLY C 198 8.71 -19.49 0.04
C GLY C 198 9.64 -19.04 1.15
N GLU C 199 9.05 -18.73 2.33
CA GLU C 199 9.79 -18.24 3.48
C GLU C 199 9.28 -18.89 4.76
N VAL C 200 10.14 -18.91 5.80
CA VAL C 200 9.84 -19.39 7.16
C VAL C 200 10.40 -18.44 8.20
N THR C 201 9.59 -18.15 9.24
CA THR C 201 9.97 -17.28 10.35
C THR C 201 10.53 -18.20 11.44
N LEU C 202 11.74 -17.87 11.94
CA LEU C 202 12.42 -18.65 12.98
C LEU C 202 12.33 -17.88 14.28
N ARG C 203 11.58 -18.42 15.24
CA ARG C 203 11.36 -17.74 16.50
C ARG C 203 12.26 -18.35 17.54
N CYS C 204 13.23 -17.57 18.02
CA CYS C 204 14.10 -18.05 19.07
C CYS C 204 13.49 -17.61 20.38
N TRP C 205 13.00 -18.57 21.14
CA TRP C 205 12.33 -18.37 22.41
C TRP C 205 13.31 -18.45 23.56
N ALA C 206 13.12 -17.61 24.57
CA ALA C 206 13.96 -17.61 25.76
C ALA C 206 12.99 -17.57 26.91
N LEU C 207 12.87 -18.68 27.67
CA LEU C 207 11.87 -18.73 28.73
C LEU C 207 12.34 -19.07 30.14
N GLY C 208 11.59 -18.53 31.11
CA GLY C 208 11.76 -18.75 32.54
C GLY C 208 13.07 -18.26 33.10
N PHE C 209 13.47 -17.05 32.73
CA PHE C 209 14.71 -16.46 33.17
C PHE C 209 14.52 -15.25 34.06
N TYR C 210 15.42 -15.08 35.00
CA TYR C 210 15.45 -13.93 35.91
C TYR C 210 16.93 -13.58 36.11
N PRO C 211 17.40 -12.30 36.04
CA PRO C 211 16.71 -11.03 35.75
C PRO C 211 16.14 -10.93 34.33
N ALA C 212 15.39 -9.85 34.05
CA ALA C 212 14.76 -9.63 32.75
C ALA C 212 15.74 -9.23 31.64
N ASP C 213 16.99 -8.87 32.03
CA ASP C 213 18.02 -8.46 31.07
C ASP C 213 18.52 -9.66 30.33
N ILE C 214 18.27 -9.67 29.03
CA ILE C 214 18.68 -10.76 28.15
C ILE C 214 18.97 -10.19 26.76
N THR C 215 19.82 -10.89 26.02
CA THR C 215 20.15 -10.47 24.68
C THR C 215 19.87 -11.64 23.77
N LEU C 216 19.06 -11.41 22.74
CA LEU C 216 18.77 -12.46 21.77
C LEU C 216 19.30 -12.03 20.43
N THR C 217 20.13 -12.89 19.81
CA THR C 217 20.72 -12.60 18.50
C THR C 217 20.59 -13.76 17.52
N TRP C 218 20.35 -13.42 16.24
CA TRP C 218 20.25 -14.35 15.12
C TRP C 218 21.49 -14.17 14.24
N GLN C 219 22.11 -15.29 13.89
CA GLN C 219 23.34 -15.26 13.10
C GLN C 219 23.33 -16.10 11.84
N LEU C 220 23.63 -15.46 10.71
CA LEU C 220 23.77 -16.13 9.42
C LEU C 220 25.25 -16.41 9.18
N ASN C 221 25.70 -17.65 9.56
CA ASN C 221 27.08 -18.14 9.49
C ASN C 221 28.13 -17.09 9.94
N GLY C 222 28.16 -16.81 11.24
CA GLY C 222 29.09 -15.84 11.81
C GLY C 222 28.68 -14.37 11.77
N GLU C 223 27.81 -13.96 10.80
CA GLU C 223 27.34 -12.57 10.72
C GLU C 223 26.11 -12.35 11.63
N GLU C 224 26.20 -11.38 12.58
CA GLU C 224 25.09 -11.05 13.48
C GLU C 224 24.05 -10.15 12.78
N LEU C 225 22.83 -10.70 12.57
CA LEU C 225 21.72 -10.01 11.90
C LEU C 225 21.32 -8.72 12.58
N THR C 226 21.22 -7.64 11.77
CA THR C 226 20.93 -6.30 12.26
C THR C 226 19.47 -5.89 12.09
N GLN C 227 18.84 -6.20 10.94
CA GLN C 227 17.46 -5.74 10.74
C GLN C 227 16.35 -6.74 10.42
N ASP C 228 16.64 -7.86 9.71
CA ASP C 228 15.65 -8.92 9.39
C ASP C 228 15.07 -9.57 10.69
N MET C 229 15.47 -9.01 11.89
CA MET C 229 15.08 -9.48 13.22
C MET C 229 13.91 -8.76 13.85
N GLU C 230 12.99 -9.54 14.42
CA GLU C 230 11.76 -9.11 15.09
C GLU C 230 11.88 -9.52 16.57
N LEU C 231 11.77 -8.53 17.49
CA LEU C 231 11.97 -8.69 18.94
C LEU C 231 10.76 -8.28 19.73
N VAL C 232 10.31 -9.12 20.68
CA VAL C 232 9.17 -8.78 21.55
C VAL C 232 9.72 -8.21 22.81
N GLU C 233 8.98 -7.28 23.45
CA GLU C 233 9.42 -6.71 24.70
C GLU C 233 9.42 -7.77 25.81
N THR C 234 10.53 -7.88 26.56
CA THR C 234 10.67 -8.84 27.63
C THR C 234 9.44 -8.77 28.52
N ARG C 235 8.69 -9.87 28.55
CA ARG C 235 7.44 -9.99 29.28
C ARG C 235 7.53 -10.92 30.50
N PRO C 236 6.80 -10.61 31.58
CA PRO C 236 6.83 -11.49 32.76
C PRO C 236 6.01 -12.77 32.58
N ALA C 237 6.62 -13.92 32.93
CA ALA C 237 5.95 -15.23 32.88
C ALA C 237 4.82 -15.23 33.89
N GLY C 238 4.99 -14.46 34.97
CA GLY C 238 3.98 -14.32 36.00
C GLY C 238 4.43 -14.98 37.26
N ASP C 239 5.33 -15.97 37.09
CA ASP C 239 5.89 -16.76 38.19
C ASP C 239 7.15 -16.13 38.78
N GLY C 240 7.46 -14.92 38.36
CA GLY C 240 8.66 -14.23 38.81
C GLY C 240 9.76 -14.26 37.78
N THR C 241 9.61 -15.12 36.75
CA THR C 241 10.59 -15.22 35.67
C THR C 241 10.12 -14.42 34.45
N PHE C 242 10.95 -14.40 33.39
CA PHE C 242 10.67 -13.69 32.17
C PHE C 242 10.76 -14.54 30.94
N GLN C 243 10.32 -13.93 29.82
CA GLN C 243 10.21 -14.51 28.49
C GLN C 243 10.52 -13.46 27.52
N LYS C 244 11.17 -13.84 26.44
CA LYS C 244 11.47 -12.98 25.29
C LYS C 244 11.65 -13.89 24.15
N TRP C 245 11.45 -13.38 22.94
CA TRP C 245 11.70 -14.14 21.72
C TRP C 245 12.15 -13.23 20.61
N ALA C 246 12.96 -13.75 19.70
CA ALA C 246 13.42 -12.99 18.54
C ALA C 246 13.24 -13.85 17.31
N SER C 247 12.62 -13.27 16.25
CA SER C 247 12.35 -14.00 15.01
C SER C 247 12.97 -13.37 13.77
N VAL C 248 13.31 -14.22 12.79
CA VAL C 248 13.89 -13.81 11.52
C VAL C 248 13.21 -14.51 10.38
N VAL C 249 12.96 -13.74 9.30
CA VAL C 249 12.36 -14.25 8.09
C VAL C 249 13.54 -14.70 7.25
N VAL C 250 13.60 -16.00 6.95
CA VAL C 250 14.72 -16.60 6.21
C VAL C 250 14.24 -17.48 5.05
N PRO C 251 14.94 -17.50 3.90
CA PRO C 251 14.50 -18.39 2.81
C PRO C 251 14.52 -19.88 3.20
N LEU C 252 13.41 -20.58 2.86
CA LEU C 252 13.20 -22.01 3.10
C LEU C 252 14.43 -22.87 2.84
N GLY C 253 14.50 -24.01 3.52
CA GLY C 253 15.59 -24.96 3.36
C GLY C 253 16.89 -24.50 4.00
N LYS C 254 17.31 -23.24 3.66
CA LYS C 254 18.49 -22.54 4.18
C LYS C 254 18.29 -22.19 5.69
N GLU C 255 17.42 -23.00 6.35
CA GLU C 255 16.98 -23.01 7.74
C GLU C 255 18.19 -23.02 8.66
N GLN C 256 18.97 -24.12 8.65
CA GLN C 256 20.14 -24.28 9.49
C GLN C 256 21.43 -23.51 9.10
N ASN C 257 21.29 -22.47 8.28
CA ASN C 257 22.36 -21.53 7.92
C ASN C 257 22.38 -20.46 9.06
N TYR C 258 21.21 -20.30 9.71
CA TYR C 258 20.90 -19.34 10.78
C TYR C 258 20.95 -19.97 12.15
N THR C 259 21.63 -19.26 13.10
CA THR C 259 21.81 -19.69 14.48
C THR C 259 21.46 -18.61 15.48
N CYS C 260 20.74 -19.01 16.52
CA CYS C 260 20.36 -18.09 17.57
C CYS C 260 21.29 -18.22 18.78
N ARG C 261 21.64 -17.07 19.35
CA ARG C 261 22.45 -16.99 20.54
C ARG C 261 21.69 -16.23 21.63
N VAL C 262 21.71 -16.79 22.84
CA VAL C 262 21.03 -16.24 24.02
C VAL C 262 22.10 -15.88 25.03
N TYR C 263 22.16 -14.58 25.41
CA TYR C 263 23.11 -14.06 26.38
C TYR C 263 22.37 -13.62 27.63
N HIS C 264 22.63 -14.31 28.73
CA HIS C 264 22.02 -14.05 30.03
C HIS C 264 23.04 -14.37 31.11
N GLU C 265 23.04 -13.56 32.17
CA GLU C 265 23.96 -13.72 33.29
C GLU C 265 23.71 -14.99 34.13
N GLY C 266 22.54 -15.58 34.00
CA GLY C 266 22.19 -16.79 34.73
C GLY C 266 22.65 -18.06 34.05
N LEU C 267 23.13 -17.92 32.79
CA LEU C 267 23.64 -19.00 31.95
C LEU C 267 25.06 -19.37 32.33
N PRO C 268 25.38 -20.70 32.39
CA PRO C 268 26.77 -21.12 32.69
C PRO C 268 27.70 -20.69 31.57
N GLU C 269 27.13 -20.48 30.35
CA GLU C 269 27.79 -19.99 29.13
C GLU C 269 26.70 -19.66 28.12
N PRO C 270 26.92 -18.69 27.18
CA PRO C 270 25.84 -18.33 26.23
C PRO C 270 25.30 -19.44 25.35
N LEU C 271 23.95 -19.60 25.34
CA LEU C 271 23.25 -20.61 24.56
C LEU C 271 23.34 -20.37 23.07
N THR C 272 23.81 -21.38 22.33
CA THR C 272 23.91 -21.34 20.88
C THR C 272 23.02 -22.46 20.37
N LEU C 273 21.94 -22.09 19.65
CA LEU C 273 20.92 -23.02 19.16
C LEU C 273 20.37 -22.63 17.80
N ARG C 274 19.81 -23.64 17.09
CA ARG C 274 19.18 -23.46 15.78
C ARG C 274 18.03 -24.46 15.57
N TRP C 275 17.26 -24.31 14.47
CA TRP C 275 16.08 -25.11 14.14
C TRP C 275 16.30 -26.64 14.17
N GLU C 276 15.63 -27.32 15.10
CA GLU C 276 15.73 -28.77 15.21
C GLU C 276 14.47 -29.48 14.60
N PRO C 277 14.54 -29.88 13.30
CA PRO C 277 13.37 -30.52 12.65
C PRO C 277 13.21 -32.00 12.95
N PRO C 278 11.97 -32.41 13.39
CA PRO C 278 11.77 -33.81 13.86
C PRO C 278 12.25 -34.95 12.99
N MET D 1 -4.20 15.78 29.56
CA MET D 1 -4.73 15.21 28.32
C MET D 1 -3.74 14.21 27.66
N ILE D 2 -2.73 13.71 28.42
CA ILE D 2 -1.73 12.77 27.93
C ILE D 2 -2.22 11.32 28.00
N GLN D 3 -2.97 10.91 26.95
CA GLN D 3 -3.52 9.59 26.76
C GLN D 3 -2.52 8.75 25.94
N LYS D 4 -1.84 7.80 26.62
CA LYS D 4 -0.85 6.89 26.01
C LYS D 4 -1.50 5.53 25.67
N THR D 5 -1.32 5.09 24.40
CA THR D 5 -1.90 3.83 23.91
C THR D 5 -1.32 2.55 24.57
N PRO D 6 -2.22 1.71 25.13
CA PRO D 6 -1.77 0.48 25.77
C PRO D 6 -1.24 -0.56 24.78
N GLN D 7 -0.11 -1.18 25.14
CA GLN D 7 0.48 -2.23 24.34
C GLN D 7 0.16 -3.55 25.03
N ILE D 8 -0.46 -4.47 24.29
CA ILE D 8 -0.88 -5.75 24.86
C ILE D 8 -0.05 -6.89 24.33
N GLN D 9 0.18 -7.89 25.19
CA GLN D 9 0.85 -9.12 24.84
C GLN D 9 0.10 -10.26 25.47
N VAL D 10 -0.35 -11.25 24.67
CA VAL D 10 -1.09 -12.41 25.22
C VAL D 10 -0.23 -13.63 25.04
N TYR D 11 0.10 -14.28 26.15
CA TYR D 11 1.00 -15.42 26.08
C TYR D 11 0.85 -16.34 27.27
N SER D 12 1.31 -17.58 27.10
CA SER D 12 1.29 -18.60 28.14
C SER D 12 2.55 -18.51 28.99
N ARG D 13 2.41 -18.84 30.30
CA ARG D 13 3.50 -18.85 31.29
C ARG D 13 4.54 -19.88 30.87
N HIS D 14 4.06 -21.08 30.58
CA HIS D 14 4.86 -22.23 30.12
C HIS D 14 4.48 -22.50 28.66
N PRO D 15 5.37 -23.14 27.86
CA PRO D 15 5.03 -23.40 26.45
C PRO D 15 3.72 -24.17 26.29
N PRO D 16 2.87 -23.77 25.33
CA PRO D 16 1.57 -24.44 25.20
C PRO D 16 1.70 -25.88 24.77
N GLU D 17 0.86 -26.70 25.39
CA GLU D 17 0.80 -28.14 25.14
C GLU D 17 -0.66 -28.47 25.35
N ASN D 18 -1.39 -28.81 24.25
CA ASN D 18 -2.82 -29.15 24.31
C ASN D 18 -3.12 -30.13 25.44
N GLY D 19 -4.07 -29.76 26.29
CA GLY D 19 -4.43 -30.61 27.42
C GLY D 19 -3.57 -30.44 28.65
N LYS D 20 -2.44 -29.72 28.53
CA LYS D 20 -1.58 -29.46 29.69
C LYS D 20 -1.98 -28.14 30.34
N PRO D 21 -2.43 -28.18 31.63
CA PRO D 21 -2.84 -26.94 32.31
C PRO D 21 -1.70 -25.93 32.36
N ASN D 22 -2.05 -24.70 32.08
CA ASN D 22 -1.12 -23.60 31.95
C ASN D 22 -1.75 -22.32 32.49
N ILE D 23 -1.03 -21.19 32.31
CA ILE D 23 -1.48 -19.89 32.73
C ILE D 23 -1.40 -18.95 31.54
N LEU D 24 -2.47 -18.21 31.31
CA LEU D 24 -2.52 -17.29 30.19
C LEU D 24 -2.36 -15.90 30.74
N ASN D 25 -1.29 -15.23 30.31
CA ASN D 25 -0.99 -13.87 30.74
C ASN D 25 -1.40 -12.85 29.72
N CYS D 26 -1.88 -11.72 30.20
CA CYS D 26 -2.18 -10.56 29.38
C CYS D 26 -1.43 -9.42 29.98
N TYR D 27 -0.33 -9.06 29.33
CA TYR D 27 0.60 -8.04 29.78
C TYR D 27 0.27 -6.71 29.13
N VAL D 28 -0.41 -5.85 29.88
CA VAL D 28 -0.74 -4.56 29.32
C VAL D 28 0.25 -3.52 29.82
N THR D 29 0.90 -2.81 28.88
CA THR D 29 1.92 -1.80 29.18
C THR D 29 1.75 -0.51 28.40
N GLN D 30 2.63 0.49 28.68
CA GLN D 30 2.70 1.74 27.92
C GLN D 30 1.46 2.58 27.94
N PHE D 31 0.61 2.45 28.96
CA PHE D 31 -0.63 3.23 29.00
C PHE D 31 -0.66 4.25 30.09
N HIS D 32 -1.59 5.19 29.96
CA HIS D 32 -1.82 6.33 30.86
C HIS D 32 -3.08 7.05 30.35
N PRO D 33 -4.06 7.47 31.19
CA PRO D 33 -4.16 7.37 32.66
C PRO D 33 -4.15 5.92 33.17
N PRO D 34 -3.84 5.68 34.47
CA PRO D 34 -3.80 4.29 34.98
C PRO D 34 -5.10 3.53 34.91
N HIS D 35 -6.27 4.23 34.88
CA HIS D 35 -7.54 3.51 34.79
C HIS D 35 -7.64 2.77 33.50
N ILE D 36 -7.74 1.44 33.61
CA ILE D 36 -7.87 0.52 32.47
C ILE D 36 -8.93 -0.57 32.77
N GLU D 37 -9.39 -1.26 31.72
CA GLU D 37 -10.32 -2.37 31.81
C GLU D 37 -9.72 -3.54 31.04
N ILE D 38 -9.32 -4.60 31.75
CA ILE D 38 -8.73 -5.77 31.09
C ILE D 38 -9.62 -7.02 31.26
N GLN D 39 -10.16 -7.50 30.13
CA GLN D 39 -10.99 -8.69 30.09
C GLN D 39 -10.20 -9.77 29.45
N MET D 40 -10.39 -10.99 29.89
CA MET D 40 -9.74 -12.13 29.28
C MET D 40 -10.85 -13.06 28.91
N LEU D 41 -10.83 -13.58 27.65
CA LEU D 41 -11.95 -14.39 27.14
C LEU D 41 -11.56 -15.69 26.50
N LYS D 42 -12.41 -16.71 26.73
CA LYS D 42 -12.31 -18.06 26.16
C LYS D 42 -13.46 -18.17 25.17
N ASN D 43 -13.11 -18.31 23.88
CA ASN D 43 -14.04 -18.38 22.75
C ASN D 43 -14.93 -17.14 22.69
N GLY D 44 -14.42 -16.07 23.28
CA GLY D 44 -15.10 -14.80 23.31
C GLY D 44 -15.85 -14.56 24.59
N LYS D 45 -16.24 -15.64 25.28
CA LYS D 45 -16.94 -15.41 26.53
C LYS D 45 -15.94 -15.03 27.65
N LYS D 46 -16.17 -13.85 28.25
CA LYS D 46 -15.37 -13.28 29.33
C LYS D 46 -15.09 -14.34 30.40
N ILE D 47 -13.80 -14.49 30.77
CA ILE D 47 -13.36 -15.42 31.78
C ILE D 47 -13.52 -14.78 33.17
N PRO D 48 -14.35 -15.40 34.03
CA PRO D 48 -14.50 -14.87 35.40
C PRO D 48 -13.33 -15.37 36.24
N LYS D 49 -13.04 -14.71 37.37
CA LYS D 49 -11.93 -15.09 38.25
C LYS D 49 -10.58 -14.94 37.47
N VAL D 50 -10.25 -13.69 37.15
CA VAL D 50 -9.03 -13.28 36.45
C VAL D 50 -8.17 -12.55 37.46
N GLU D 51 -6.94 -13.03 37.64
CA GLU D 51 -6.02 -12.44 38.58
C GLU D 51 -5.28 -11.30 37.93
N MET D 52 -5.07 -10.22 38.67
CA MET D 52 -4.39 -9.02 38.17
C MET D 52 -3.26 -8.54 39.09
N SER D 53 -2.12 -8.17 38.50
CA SER D 53 -0.98 -7.64 39.21
C SER D 53 -1.32 -6.29 39.90
N ASP D 54 -0.42 -5.80 40.76
CA ASP D 54 -0.66 -4.52 41.42
C ASP D 54 -0.19 -3.35 40.56
N MET D 55 -0.68 -2.12 40.86
CA MET D 55 -0.39 -0.90 40.10
C MET D 55 1.09 -0.49 40.07
N SER D 56 1.71 -0.74 38.95
CA SER D 56 3.09 -0.37 38.78
C SER D 56 3.19 0.51 37.56
N PHE D 57 4.18 1.41 37.60
CA PHE D 57 4.50 2.28 36.49
C PHE D 57 6.00 2.15 36.14
N SER D 58 6.40 2.65 34.96
CA SER D 58 7.77 2.53 34.50
C SER D 58 8.54 3.85 34.55
N LYS D 59 9.88 3.79 34.33
CA LYS D 59 10.76 4.98 34.32
C LYS D 59 10.16 6.12 33.42
N ASP D 60 9.36 5.75 32.37
CA ASP D 60 8.75 6.68 31.41
C ASP D 60 7.39 7.21 31.82
N TRP D 61 6.97 6.83 33.06
CA TRP D 61 5.70 7.17 33.73
C TRP D 61 4.49 6.32 33.28
N SER D 62 4.64 5.46 32.26
CA SER D 62 3.52 4.63 31.80
C SER D 62 3.20 3.55 32.82
N PHE D 63 1.93 3.17 32.92
CA PHE D 63 1.48 2.10 33.83
C PHE D 63 1.51 0.76 33.15
N TYR D 64 1.55 -0.32 33.95
CA TYR D 64 1.56 -1.72 33.46
C TYR D 64 0.90 -2.66 34.43
N ILE D 65 0.05 -3.54 33.90
CA ILE D 65 -0.65 -4.54 34.69
C ILE D 65 -0.50 -5.93 34.05
N LEU D 66 -0.43 -6.99 34.87
CA LEU D 66 -0.37 -8.35 34.35
C LEU D 66 -1.56 -9.18 34.80
N ALA D 67 -2.52 -9.29 33.87
CA ALA D 67 -3.71 -10.11 34.04
C ALA D 67 -3.35 -11.53 33.62
N HIS D 68 -3.86 -12.50 34.32
CA HIS D 68 -3.57 -13.87 33.98
C HIS D 68 -4.66 -14.74 34.50
N THR D 69 -4.90 -15.87 33.85
CA THR D 69 -5.92 -16.82 34.27
C THR D 69 -5.44 -18.22 33.95
N GLU D 70 -5.98 -19.19 34.72
CA GLU D 70 -5.66 -20.60 34.55
C GLU D 70 -6.35 -21.03 33.26
N PHE D 71 -5.61 -21.77 32.42
CA PHE D 71 -6.20 -22.23 31.17
C PHE D 71 -5.62 -23.56 30.70
N THR D 72 -6.42 -24.32 29.97
CA THR D 72 -5.97 -25.58 29.41
C THR D 72 -6.11 -25.52 27.90
N PRO D 73 -4.98 -25.24 27.20
CA PRO D 73 -5.03 -25.08 25.73
C PRO D 73 -5.53 -26.31 24.99
N THR D 74 -6.42 -26.08 24.00
CA THR D 74 -7.00 -27.10 23.13
C THR D 74 -6.88 -26.63 21.67
N GLU D 75 -7.03 -27.53 20.67
CA GLU D 75 -6.94 -27.19 19.24
C GLU D 75 -8.05 -26.23 18.86
N THR D 76 -9.25 -26.47 19.43
CA THR D 76 -10.51 -25.75 19.19
C THR D 76 -10.61 -24.41 19.96
N ASP D 77 -10.45 -24.45 21.29
CA ASP D 77 -10.55 -23.29 22.19
C ASP D 77 -9.63 -22.16 21.80
N THR D 78 -10.21 -20.96 21.59
CA THR D 78 -9.48 -19.73 21.26
C THR D 78 -9.55 -18.77 22.43
N TYR D 79 -8.37 -18.26 22.86
CA TYR D 79 -8.29 -17.32 23.98
C TYR D 79 -7.86 -15.94 23.50
N ALA D 80 -8.29 -14.87 24.21
CA ALA D 80 -8.01 -13.48 23.87
C ALA D 80 -8.09 -12.57 25.06
N CYS D 81 -7.55 -11.37 24.89
CA CYS D 81 -7.56 -10.38 25.92
C CYS D 81 -8.09 -9.05 25.35
N ARG D 82 -9.13 -8.48 25.99
CA ARG D 82 -9.80 -7.28 25.56
C ARG D 82 -9.46 -6.16 26.53
N VAL D 83 -9.03 -5.00 25.97
CA VAL D 83 -8.62 -3.84 26.75
C VAL D 83 -9.39 -2.59 26.34
N LYS D 84 -10.07 -1.97 27.32
CA LYS D 84 -10.79 -0.71 27.15
C LYS D 84 -9.91 0.31 27.84
N HIS D 85 -9.56 1.39 27.13
CA HIS D 85 -8.77 2.47 27.71
C HIS D 85 -9.17 3.78 27.13
N ALA D 86 -9.20 4.81 27.98
CA ALA D 86 -9.50 6.20 27.70
C ALA D 86 -8.85 6.67 26.38
N SER D 87 -7.58 6.25 26.11
CA SER D 87 -6.76 6.61 24.94
C SER D 87 -7.22 5.99 23.65
N MET D 88 -8.04 4.95 23.72
CA MET D 88 -8.50 4.23 22.53
C MET D 88 -9.95 4.54 22.21
N ALA D 89 -10.29 4.61 20.93
CA ALA D 89 -11.67 4.88 20.58
C ALA D 89 -12.54 3.66 20.85
N GLU D 90 -12.01 2.47 20.59
CA GLU D 90 -12.71 1.20 20.82
C GLU D 90 -11.80 0.11 21.45
N PRO D 91 -12.35 -0.94 22.09
CA PRO D 91 -11.50 -1.91 22.77
C PRO D 91 -10.64 -2.77 21.87
N LYS D 92 -9.33 -2.81 22.18
CA LYS D 92 -8.35 -3.61 21.45
C LYS D 92 -8.48 -5.03 21.97
N THR D 93 -8.70 -5.97 21.05
CA THR D 93 -8.79 -7.38 21.41
C THR D 93 -7.59 -8.07 20.77
N VAL D 94 -6.74 -8.62 21.63
CA VAL D 94 -5.53 -9.32 21.21
C VAL D 94 -5.76 -10.76 21.49
N TYR D 95 -5.65 -11.58 20.44
CA TYR D 95 -5.88 -13.01 20.53
C TYR D 95 -4.61 -13.72 20.86
N TRP D 96 -4.71 -14.77 21.66
CA TRP D 96 -3.57 -15.61 21.97
C TRP D 96 -3.21 -16.41 20.73
N ASP D 97 -1.93 -16.42 20.40
CA ASP D 97 -1.44 -17.13 19.24
C ASP D 97 -0.26 -17.92 19.76
N ARG D 98 -0.50 -19.21 20.02
CA ARG D 98 0.48 -20.14 20.58
C ARG D 98 1.89 -20.05 19.98
N ASP D 99 2.01 -19.52 18.73
CA ASP D 99 3.29 -19.31 18.04
C ASP D 99 4.03 -18.06 18.51
N MET D 100 3.43 -17.27 19.42
CA MET D 100 4.05 -16.06 19.97
C MET D 100 3.64 -15.63 21.35
N GLY E 2 4.86 20.34 -13.25
CA GLY E 2 4.42 18.97 -13.52
C GLY E 2 5.53 17.93 -13.56
N PRO E 3 5.23 16.58 -13.54
CA PRO E 3 6.31 15.57 -13.58
C PRO E 3 6.87 15.38 -15.00
N HIS E 4 8.10 14.91 -15.08
CA HIS E 4 8.77 14.73 -16.35
C HIS E 4 9.35 13.35 -16.51
N SER E 5 9.43 12.88 -17.75
CA SER E 5 9.93 11.55 -18.02
C SER E 5 10.73 11.51 -19.30
N MET E 6 11.66 10.56 -19.36
CA MET E 6 12.42 10.27 -20.58
C MET E 6 12.40 8.78 -20.75
N ARG E 7 12.12 8.32 -21.98
CA ARG E 7 12.06 6.90 -22.28
C ARG E 7 12.64 6.60 -23.62
N TYR E 8 13.30 5.45 -23.70
CA TYR E 8 13.81 4.91 -24.94
C TYR E 8 13.12 3.58 -25.17
N PHE E 9 12.30 3.56 -26.21
CA PHE E 9 11.50 2.43 -26.63
C PHE E 9 12.23 1.77 -27.79
N GLU E 10 13.03 0.75 -27.46
CA GLU E 10 13.83 0.04 -28.45
C GLU E 10 13.16 -1.23 -28.89
N THR E 11 13.17 -1.51 -30.19
CA THR E 11 12.55 -2.70 -30.77
C THR E 11 13.52 -3.37 -31.73
N ALA E 12 13.59 -4.70 -31.66
CA ALA E 12 14.39 -5.50 -32.55
C ALA E 12 13.53 -6.61 -33.05
N VAL E 13 13.25 -6.59 -34.36
CA VAL E 13 12.46 -7.63 -35.00
C VAL E 13 13.34 -8.48 -35.85
N SER E 14 13.40 -9.78 -35.52
CA SER E 14 14.19 -10.77 -36.23
C SER E 14 13.64 -10.84 -37.66
N ARG E 15 14.55 -10.81 -38.66
CA ARG E 15 14.15 -10.95 -40.07
C ARG E 15 14.57 -12.38 -40.51
N PRO E 16 13.60 -13.27 -40.91
CA PRO E 16 13.98 -14.63 -41.31
C PRO E 16 14.75 -14.62 -42.63
N GLY E 17 15.86 -15.38 -42.66
CA GLY E 17 16.76 -15.47 -43.81
C GLY E 17 17.96 -14.58 -43.62
N LEU E 18 17.72 -13.25 -43.52
CA LEU E 18 18.73 -12.22 -43.29
C LEU E 18 19.28 -12.35 -41.88
N GLU E 19 20.60 -12.24 -41.76
CA GLU E 19 21.38 -12.35 -40.51
C GLU E 19 21.20 -11.17 -39.51
N GLU E 20 20.56 -10.05 -39.93
CA GLU E 20 20.37 -8.82 -39.13
C GLU E 20 18.89 -8.43 -38.87
N PRO E 21 18.55 -7.95 -37.63
CA PRO E 21 17.17 -7.54 -37.34
C PRO E 21 16.90 -6.05 -37.64
N ARG E 22 15.64 -5.59 -37.49
CA ARG E 22 15.41 -4.15 -37.64
C ARG E 22 15.36 -3.45 -36.27
N TYR E 23 16.47 -2.79 -35.90
CA TYR E 23 16.53 -2.05 -34.64
C TYR E 23 15.85 -0.69 -34.83
N ILE E 24 15.00 -0.31 -33.85
CA ILE E 24 14.26 0.94 -33.84
C ILE E 24 14.27 1.49 -32.44
N SER E 25 15.07 2.54 -32.22
CA SER E 25 15.08 3.20 -30.92
C SER E 25 14.26 4.46 -31.04
N VAL E 26 13.30 4.64 -30.14
CA VAL E 26 12.45 5.83 -30.16
C VAL E 26 12.56 6.53 -28.83
N GLY E 27 12.90 7.79 -28.89
CA GLY E 27 13.09 8.56 -27.67
C GLY E 27 11.87 9.37 -27.39
N TYR E 28 11.50 9.46 -26.10
CA TYR E 28 10.38 10.28 -25.67
C TYR E 28 10.82 11.10 -24.49
N VAL E 29 10.42 12.36 -24.46
CA VAL E 29 10.61 13.28 -23.35
C VAL E 29 9.19 13.80 -23.14
N ASP E 30 8.67 13.57 -21.91
CA ASP E 30 7.31 13.88 -21.50
C ASP E 30 6.27 13.28 -22.45
N ASN E 31 6.44 11.97 -22.75
CA ASN E 31 5.58 11.16 -23.63
C ASN E 31 5.50 11.66 -25.06
N LYS E 32 6.36 12.62 -25.42
CA LYS E 32 6.43 13.17 -26.77
C LYS E 32 7.72 12.71 -27.46
N GLU E 33 7.61 12.03 -28.61
CA GLU E 33 8.76 11.53 -29.38
C GLU E 33 9.72 12.68 -29.67
N PHE E 34 11.01 12.45 -29.41
CA PHE E 34 12.01 13.47 -29.67
C PHE E 34 13.16 12.98 -30.54
N VAL E 35 13.61 11.77 -30.32
CA VAL E 35 14.66 11.21 -31.16
C VAL E 35 14.14 9.94 -31.70
N ARG E 36 14.72 9.52 -32.80
CA ARG E 36 14.34 8.27 -33.40
C ARG E 36 15.50 7.72 -34.19
N PHE E 37 15.69 6.41 -34.09
CA PHE E 37 16.68 5.69 -34.84
C PHE E 37 15.98 4.48 -35.52
N ASP E 38 16.27 4.24 -36.81
CA ASP E 38 15.68 3.12 -37.55
C ASP E 38 16.74 2.53 -38.45
N SER E 39 17.07 1.25 -38.25
CA SER E 39 18.10 0.52 -39.01
C SER E 39 17.72 0.36 -40.48
N ASP E 40 16.42 0.28 -40.75
CA ASP E 40 15.87 0.12 -42.09
C ASP E 40 16.02 1.35 -42.99
N ALA E 41 16.55 2.45 -42.45
CA ALA E 41 16.74 3.68 -43.22
C ALA E 41 17.90 3.53 -44.19
N GLU E 42 17.84 4.30 -45.32
CA GLU E 42 18.85 4.39 -46.37
C GLU E 42 20.22 4.72 -45.72
N ASN E 43 20.24 5.76 -44.85
CA ASN E 43 21.38 6.14 -44.06
C ASN E 43 20.94 6.15 -42.59
N PRO E 44 21.08 4.99 -41.89
CA PRO E 44 20.65 4.91 -40.47
C PRO E 44 21.44 5.82 -39.53
N ARG E 45 20.72 6.71 -38.82
CA ARG E 45 21.26 7.67 -37.84
C ARG E 45 20.14 8.25 -36.95
N TYR E 46 20.47 8.70 -35.70
CA TYR E 46 19.46 9.30 -34.80
C TYR E 46 18.97 10.61 -35.39
N GLU E 47 17.66 10.75 -35.51
CA GLU E 47 17.14 11.96 -36.09
C GLU E 47 16.26 12.76 -35.12
N PRO E 48 16.38 14.11 -35.06
CA PRO E 48 15.46 14.87 -34.21
C PRO E 48 14.03 14.66 -34.71
N ARG E 49 13.05 14.59 -33.81
CA ARG E 49 11.62 14.40 -34.09
C ARG E 49 10.81 15.46 -33.33
N ALA E 50 11.53 16.33 -32.65
CA ALA E 50 11.03 17.50 -31.95
C ALA E 50 11.97 18.65 -32.39
N PRO E 51 11.40 19.82 -32.73
CA PRO E 51 12.24 20.92 -33.21
C PRO E 51 13.40 21.29 -32.29
N TRP E 52 13.12 21.48 -30.98
CA TRP E 52 14.14 21.84 -29.98
C TRP E 52 15.32 20.89 -29.93
N MET E 53 15.16 19.72 -30.56
CA MET E 53 16.22 18.72 -30.62
C MET E 53 17.34 19.08 -31.62
N GLU E 54 17.04 20.02 -32.55
CA GLU E 54 17.96 20.51 -33.56
C GLU E 54 19.16 21.33 -32.98
N GLN E 55 19.00 21.89 -31.76
CA GLN E 55 20.03 22.62 -31.01
C GLN E 55 21.24 21.69 -30.72
N GLU E 56 21.02 20.38 -30.95
CA GLU E 56 22.03 19.37 -30.72
C GLU E 56 23.01 19.30 -31.90
N GLY E 57 24.27 19.53 -31.56
CA GLY E 57 25.38 19.53 -32.51
C GLY E 57 25.61 18.22 -33.24
N PRO E 58 26.26 18.23 -34.42
CA PRO E 58 26.48 16.98 -35.15
C PRO E 58 27.30 15.96 -34.35
N GLU E 59 27.99 16.43 -33.28
CA GLU E 59 28.77 15.58 -32.38
C GLU E 59 27.84 14.62 -31.61
N TYR E 60 26.70 15.17 -31.12
CA TYR E 60 25.63 14.48 -30.40
C TYR E 60 25.06 13.37 -31.27
N TRP E 61 24.49 13.76 -32.43
CA TRP E 61 23.91 12.85 -33.43
C TRP E 61 24.89 11.78 -33.85
N GLU E 62 26.19 12.01 -33.59
CA GLU E 62 27.18 11.00 -33.86
C GLU E 62 27.43 10.07 -32.70
N ARG E 63 27.38 10.61 -31.47
CA ARG E 63 27.57 9.86 -30.23
C ARG E 63 26.44 8.86 -30.08
N GLU E 64 25.21 9.31 -30.39
CA GLU E 64 23.98 8.51 -30.29
C GLU E 64 23.94 7.46 -31.37
N THR E 65 24.17 7.88 -32.63
CA THR E 65 24.15 6.94 -33.77
C THR E 65 25.13 5.79 -33.51
N GLN E 66 26.31 6.10 -32.93
CA GLN E 66 27.31 5.10 -32.58
C GLN E 66 26.79 4.14 -31.48
N LYS E 67 25.98 4.66 -30.53
CA LYS E 67 25.34 3.88 -29.46
C LYS E 67 24.37 2.89 -30.09
N ALA E 68 23.53 3.36 -31.03
CA ALA E 68 22.54 2.55 -31.75
C ALA E 68 23.15 1.40 -32.52
N LYS E 69 24.38 1.61 -33.06
CA LYS E 69 25.11 0.55 -33.79
C LYS E 69 25.42 -0.57 -32.79
N GLY E 70 25.84 -0.17 -31.59
CA GLY E 70 26.17 -1.06 -30.48
C GLY E 70 24.99 -1.85 -29.98
N GLN E 71 23.79 -1.22 -29.95
CA GLN E 71 22.53 -1.82 -29.50
C GLN E 71 22.07 -2.82 -30.56
N GLU E 72 22.12 -2.41 -31.85
CA GLU E 72 21.73 -3.20 -33.03
C GLU E 72 22.31 -4.61 -32.89
N GLN E 73 23.54 -4.65 -32.34
CA GLN E 73 24.28 -5.86 -32.09
C GLN E 73 23.83 -6.59 -30.86
N TRP E 74 23.63 -5.86 -29.76
CA TRP E 74 23.16 -6.41 -28.49
C TRP E 74 21.86 -7.17 -28.74
N PHE E 75 20.94 -6.54 -29.50
CA PHE E 75 19.69 -7.16 -29.85
C PHE E 75 19.84 -8.46 -30.65
N ARG E 76 20.50 -8.44 -31.84
N ARG E 76 20.49 -8.46 -31.87
CA ARG E 76 20.73 -9.60 -32.71
CA ARG E 76 20.64 -9.71 -32.67
C ARG E 76 21.19 -10.83 -31.91
C ARG E 76 21.17 -10.89 -31.88
N VAL E 77 22.15 -10.63 -31.00
CA VAL E 77 22.69 -11.66 -30.12
C VAL E 77 21.58 -12.13 -29.17
N SER E 78 20.98 -11.21 -28.37
CA SER E 78 19.89 -11.51 -27.41
C SER E 78 18.74 -12.25 -28.09
N LEU E 79 18.33 -11.73 -29.26
CA LEU E 79 17.30 -12.27 -30.12
C LEU E 79 17.62 -13.68 -30.52
N ARG E 80 18.94 -14.00 -30.64
CA ARG E 80 19.43 -15.34 -30.96
C ARG E 80 19.48 -16.19 -29.69
N ASN E 81 19.66 -15.58 -28.51
CA ASN E 81 19.78 -16.34 -27.29
C ASN E 81 18.46 -16.80 -26.79
N LEU E 82 17.47 -15.91 -26.84
CA LEU E 82 16.07 -16.14 -26.45
C LEU E 82 15.44 -17.22 -27.35
N LEU E 83 15.88 -17.27 -28.65
CA LEU E 83 15.48 -18.24 -29.67
C LEU E 83 15.79 -19.60 -29.11
N GLY E 84 16.90 -19.63 -28.38
CA GLY E 84 17.39 -20.81 -27.71
C GLY E 84 16.50 -21.09 -26.54
N TYR E 85 16.42 -20.16 -25.62
CA TYR E 85 15.67 -20.28 -24.36
C TYR E 85 14.30 -20.92 -24.48
N TYR E 86 13.59 -20.55 -25.56
CA TYR E 86 12.24 -20.97 -25.93
C TYR E 86 12.18 -22.05 -26.98
N ASN E 87 13.34 -22.46 -27.54
CA ASN E 87 13.46 -23.51 -28.55
C ASN E 87 12.57 -23.05 -29.72
N GLN E 88 13.10 -22.14 -30.57
CA GLN E 88 12.26 -21.51 -31.58
C GLN E 88 12.62 -21.43 -33.05
N SER E 89 13.81 -21.88 -33.49
CA SER E 89 14.30 -21.70 -34.91
C SER E 89 13.61 -20.59 -35.85
N ALA E 90 14.42 -19.52 -36.09
CA ALA E 90 14.19 -18.32 -36.86
C ALA E 90 13.66 -18.49 -38.28
N GLY E 91 12.69 -19.37 -38.43
CA GLY E 91 11.97 -19.54 -39.69
C GLY E 91 11.00 -18.37 -39.77
N GLY E 92 10.52 -18.00 -38.59
CA GLY E 92 9.66 -16.85 -38.38
C GLY E 92 10.36 -15.76 -37.61
N SER E 93 9.83 -14.54 -37.78
CA SER E 93 10.28 -13.31 -37.13
C SER E 93 9.83 -13.27 -35.68
N HIS E 94 10.74 -12.86 -34.79
CA HIS E 94 10.50 -12.70 -33.36
C HIS E 94 10.78 -11.24 -32.95
N THR E 95 10.11 -10.75 -31.89
CA THR E 95 10.20 -9.35 -31.46
C THR E 95 10.64 -9.20 -30.02
N LEU E 96 11.69 -8.43 -29.81
CA LEU E 96 12.23 -8.12 -28.49
C LEU E 96 12.15 -6.58 -28.25
N GLN E 97 11.26 -6.14 -27.35
CA GLN E 97 11.18 -4.71 -27.07
C GLN E 97 11.71 -4.37 -25.68
N GLN E 98 12.29 -3.16 -25.55
CA GLN E 98 12.89 -2.65 -24.34
C GLN E 98 12.38 -1.25 -24.07
N MET E 99 12.06 -0.96 -22.80
CA MET E 99 11.66 0.36 -22.36
C MET E 99 12.59 0.71 -21.23
N SER E 100 13.42 1.75 -21.42
CA SER E 100 14.31 2.24 -20.37
C SER E 100 14.11 3.74 -20.21
N GLY E 101 14.36 4.26 -19.02
CA GLY E 101 14.20 5.69 -18.80
C GLY E 101 14.09 6.09 -17.35
N CYS E 102 13.66 7.31 -17.14
CA CYS E 102 13.53 7.84 -15.80
C CYS E 102 12.36 8.79 -15.65
N ASP E 103 11.73 8.79 -14.47
CA ASP E 103 10.65 9.71 -14.13
C ASP E 103 11.21 10.68 -13.11
N LEU E 104 10.81 11.97 -13.23
CA LEU E 104 11.22 13.05 -12.34
C LEU E 104 10.02 13.69 -11.71
N GLY E 105 10.22 14.33 -10.57
CA GLY E 105 9.19 15.12 -9.92
C GLY E 105 9.09 16.49 -10.58
N SER E 106 8.22 17.37 -10.03
CA SER E 106 8.05 18.72 -10.55
C SER E 106 9.34 19.49 -10.33
N ASP E 107 10.09 19.12 -9.23
CA ASP E 107 11.38 19.67 -8.79
C ASP E 107 12.57 19.14 -9.60
N TRP E 108 12.27 18.34 -10.64
CA TRP E 108 13.22 17.68 -11.54
C TRP E 108 14.10 16.60 -10.79
N ARG E 109 13.81 16.32 -9.51
CA ARG E 109 14.50 15.29 -8.75
C ARG E 109 13.99 13.94 -9.24
N LEU E 110 14.91 12.97 -9.38
CA LEU E 110 14.58 11.61 -9.81
C LEU E 110 13.57 10.94 -8.85
N LEU E 111 12.52 10.35 -9.44
CA LEU E 111 11.50 9.58 -8.71
C LEU E 111 11.76 8.08 -8.87
N ARG E 112 11.72 7.62 -10.13
CA ARG E 112 11.79 6.25 -10.65
C ARG E 112 12.92 6.08 -11.67
N GLY E 113 13.57 4.92 -11.63
CA GLY E 113 14.45 4.41 -12.66
C GLY E 113 13.57 3.40 -13.36
N TYR E 114 13.69 3.26 -14.68
CA TYR E 114 12.78 2.37 -15.36
C TYR E 114 13.46 1.49 -16.43
N LEU E 115 13.34 0.15 -16.29
CA LEU E 115 13.91 -0.80 -17.25
C LEU E 115 13.11 -2.10 -17.30
N GLN E 116 12.46 -2.32 -18.45
CA GLN E 116 11.59 -3.43 -18.75
C GLN E 116 11.99 -3.98 -20.09
N PHE E 117 11.86 -5.28 -20.23
CA PHE E 117 12.10 -6.00 -21.47
C PHE E 117 10.91 -6.95 -21.70
N ALA E 118 10.66 -7.21 -23.00
CA ALA E 118 9.59 -8.09 -23.43
C ALA E 118 9.97 -8.85 -24.63
N TYR E 119 9.56 -10.10 -24.65
CA TYR E 119 9.79 -10.97 -25.76
C TYR E 119 8.46 -11.41 -26.25
N GLU E 120 8.22 -11.16 -27.53
CA GLU E 120 7.01 -11.57 -28.23
C GLU E 120 5.73 -10.89 -27.72
N GLY E 121 5.91 -9.72 -27.13
CA GLY E 121 4.82 -8.91 -26.60
C GLY E 121 4.53 -9.19 -25.15
N ARG E 122 5.16 -10.22 -24.60
CA ARG E 122 4.98 -10.64 -23.22
C ARG E 122 6.15 -10.22 -22.42
N ASP E 123 5.93 -9.81 -21.16
CA ASP E 123 7.02 -9.42 -20.27
C ASP E 123 8.02 -10.57 -20.16
N TYR E 124 9.31 -10.24 -20.24
CA TYR E 124 10.38 -11.22 -20.14
C TYR E 124 11.09 -10.95 -18.84
N ILE E 125 11.85 -9.85 -18.79
CA ILE E 125 12.56 -9.47 -17.58
C ILE E 125 12.44 -7.95 -17.32
N ALA E 126 12.49 -7.56 -16.04
CA ALA E 126 12.42 -6.17 -15.63
C ALA E 126 13.27 -5.96 -14.40
N LEU E 127 13.95 -4.83 -14.34
CA LEU E 127 14.73 -4.43 -13.19
C LEU E 127 13.73 -3.74 -12.27
N ASN E 128 13.74 -4.12 -10.98
CA ASN E 128 12.79 -3.58 -9.98
C ASN E 128 13.03 -2.14 -9.65
N GLU E 129 12.04 -1.47 -9.00
CA GLU E 129 12.16 -0.05 -8.63
C GLU E 129 13.49 0.24 -7.90
N ASP E 130 14.00 -0.76 -7.14
CA ASP E 130 15.24 -0.67 -6.38
C ASP E 130 16.50 -0.47 -7.24
N LEU E 131 16.39 -0.74 -8.57
CA LEU E 131 17.44 -0.66 -9.57
C LEU E 131 18.61 -1.60 -9.22
N LYS E 132 18.34 -2.58 -8.33
CA LYS E 132 19.29 -3.57 -7.82
C LYS E 132 18.89 -5.00 -8.16
N THR E 133 17.61 -5.36 -7.89
CA THR E 133 17.06 -6.69 -8.18
C THR E 133 16.25 -6.81 -9.50
N TRP E 134 16.22 -8.04 -10.07
CA TRP E 134 15.50 -8.38 -11.31
C TRP E 134 14.24 -9.24 -11.06
N THR E 135 13.26 -9.18 -11.99
CA THR E 135 12.09 -10.01 -11.95
C THR E 135 11.94 -10.66 -13.31
N ALA E 136 12.01 -12.01 -13.34
CA ALA E 136 11.89 -12.77 -14.58
C ALA E 136 10.44 -13.25 -14.70
N ALA E 137 9.86 -13.14 -15.92
CA ALA E 137 8.46 -13.56 -16.12
C ALA E 137 8.23 -15.08 -16.05
N ASP E 138 9.17 -15.88 -16.60
CA ASP E 138 9.07 -17.34 -16.65
C ASP E 138 10.43 -18.00 -16.47
N MET E 139 10.48 -19.34 -16.65
CA MET E 139 11.67 -20.14 -16.53
C MET E 139 12.79 -19.73 -17.51
N ALA E 140 12.46 -19.43 -18.78
CA ALA E 140 13.48 -19.00 -19.74
C ALA E 140 14.06 -17.65 -19.32
N ALA E 141 13.21 -16.75 -18.77
CA ALA E 141 13.64 -15.45 -18.31
C ALA E 141 14.58 -15.58 -17.13
N GLN E 142 14.46 -16.69 -16.35
CA GLN E 142 15.35 -16.95 -15.20
C GLN E 142 16.83 -17.14 -15.62
N ILE E 143 17.07 -17.64 -16.87
CA ILE E 143 18.42 -17.78 -17.45
C ILE E 143 19.04 -16.40 -17.46
N THR E 144 18.33 -15.42 -18.09
CA THR E 144 18.77 -14.03 -18.21
C THR E 144 18.97 -13.42 -16.81
N ARG E 145 18.07 -13.72 -15.84
CA ARG E 145 18.18 -13.20 -14.48
C ARG E 145 19.51 -13.62 -13.86
N ARG E 146 19.80 -14.96 -13.83
CA ARG E 146 21.03 -15.55 -13.28
C ARG E 146 22.28 -14.98 -13.96
N LYS E 147 22.28 -14.99 -15.29
CA LYS E 147 23.29 -14.40 -16.19
C LYS E 147 23.57 -12.94 -15.82
N TRP E 148 22.49 -12.14 -15.56
CA TRP E 148 22.58 -10.72 -15.22
C TRP E 148 22.87 -10.45 -13.76
N GLU E 149 22.57 -11.42 -12.88
CA GLU E 149 22.85 -11.26 -11.47
C GLU E 149 24.39 -11.43 -11.29
N GLN E 150 24.97 -12.39 -12.06
CA GLN E 150 26.39 -12.68 -12.08
C GLN E 150 27.11 -11.53 -12.77
N SER E 151 26.61 -11.08 -13.94
CA SER E 151 27.18 -9.98 -14.73
C SER E 151 27.32 -8.68 -13.95
N GLY E 152 26.37 -8.44 -13.03
CA GLY E 152 26.30 -7.20 -12.26
C GLY E 152 25.69 -6.08 -13.10
N ALA E 153 25.06 -6.46 -14.24
CA ALA E 153 24.41 -5.64 -15.25
C ALA E 153 23.45 -4.64 -14.66
N ALA E 154 22.75 -5.00 -13.57
CA ALA E 154 21.82 -4.10 -12.89
C ALA E 154 22.50 -2.77 -12.53
N GLU E 155 23.68 -2.87 -11.89
CA GLU E 155 24.48 -1.73 -11.48
C GLU E 155 24.75 -0.73 -12.61
N HIS E 156 25.11 -1.20 -13.84
N HIS E 156 25.08 -1.23 -13.80
CA HIS E 156 25.34 -0.24 -14.92
CA HIS E 156 25.36 -0.44 -14.98
C HIS E 156 24.05 0.49 -15.28
C HIS E 156 24.12 0.36 -15.44
N TYR E 157 22.92 -0.26 -15.37
CA TYR E 157 21.62 0.34 -15.69
C TYR E 157 21.27 1.34 -14.60
N LYS E 158 21.52 0.97 -13.31
CA LYS E 158 21.27 1.87 -12.20
C LYS E 158 22.04 3.18 -12.45
N ALA E 159 23.36 3.04 -12.70
CA ALA E 159 24.27 4.14 -12.99
C ALA E 159 23.76 5.07 -14.10
N TYR E 160 23.12 4.49 -15.14
CA TYR E 160 22.57 5.25 -16.24
C TYR E 160 21.28 5.93 -15.88
N LEU E 161 20.34 5.17 -15.32
CA LEU E 161 19.01 5.65 -15.00
C LEU E 161 18.98 6.83 -13.99
N GLU E 162 19.86 6.77 -12.97
CA GLU E 162 19.94 7.80 -11.93
C GLU E 162 20.94 8.92 -12.32
N GLY E 163 21.93 8.55 -13.16
CA GLY E 163 22.97 9.44 -13.64
C GLY E 163 22.62 10.07 -14.97
N GLU E 164 23.20 9.54 -16.04
CA GLU E 164 23.06 9.98 -17.44
C GLU E 164 21.61 10.38 -17.80
N CYS E 165 20.63 9.47 -17.61
CA CYS E 165 19.19 9.66 -17.87
C CYS E 165 18.65 10.98 -17.34
N VAL E 166 18.89 11.24 -16.05
CA VAL E 166 18.47 12.44 -15.31
C VAL E 166 19.18 13.70 -15.79
N GLU E 167 20.53 13.72 -15.69
CA GLU E 167 21.35 14.84 -16.16
C GLU E 167 20.87 15.25 -17.59
N TRP E 168 20.75 14.26 -18.49
CA TRP E 168 20.33 14.45 -19.87
C TRP E 168 18.95 15.04 -19.97
N LEU E 169 17.95 14.41 -19.30
CA LEU E 169 16.56 14.88 -19.27
C LEU E 169 16.49 16.36 -18.88
N HIS E 170 17.32 16.81 -17.90
CA HIS E 170 17.35 18.22 -17.49
C HIS E 170 17.67 19.10 -18.74
N ARG E 171 18.68 18.71 -19.54
CA ARG E 171 19.10 19.45 -20.74
C ARG E 171 17.93 19.57 -21.70
N TYR E 172 17.26 18.45 -22.00
CA TYR E 172 16.13 18.36 -22.94
C TYR E 172 14.92 19.16 -22.47
N LEU E 173 14.71 19.24 -21.17
CA LEU E 173 13.61 19.98 -20.62
C LEU E 173 13.92 21.45 -20.71
N LYS E 174 15.20 21.81 -20.43
CA LYS E 174 15.72 23.18 -20.49
C LYS E 174 15.60 23.71 -21.90
N ASN E 175 16.01 22.88 -22.87
CA ASN E 175 16.06 23.21 -24.28
C ASN E 175 14.69 23.24 -24.95
N GLY E 176 13.79 22.37 -24.52
CA GLY E 176 12.46 22.26 -25.10
C GLY E 176 11.34 22.97 -24.36
N ASN E 177 11.69 23.64 -23.26
CA ASN E 177 10.75 24.34 -22.39
C ASN E 177 9.54 24.92 -23.08
N ALA E 178 9.71 25.84 -24.04
CA ALA E 178 8.55 26.43 -24.73
C ALA E 178 7.59 25.35 -25.30
N THR E 179 8.11 24.41 -26.12
CA THR E 179 7.40 23.30 -26.78
C THR E 179 6.80 22.32 -25.77
N LEU E 180 7.55 22.04 -24.70
CA LEU E 180 7.15 21.09 -23.67
C LEU E 180 6.07 21.62 -22.72
N LEU E 181 6.23 22.85 -22.20
CA LEU E 181 5.26 23.43 -21.26
C LEU E 181 3.92 23.71 -21.88
N ARG E 182 3.86 23.84 -23.23
CA ARG E 182 2.65 24.17 -24.00
C ARG E 182 1.64 23.08 -23.90
N THR E 183 0.38 23.50 -23.70
CA THR E 183 -0.81 22.67 -23.70
C THR E 183 -1.80 23.27 -24.68
N ASP E 184 -2.41 22.43 -25.52
CA ASP E 184 -3.45 22.87 -26.45
C ASP E 184 -4.75 22.46 -25.80
N SER E 185 -5.60 23.41 -25.50
CA SER E 185 -6.87 23.14 -24.84
C SER E 185 -7.85 22.45 -25.78
N PRO E 186 -8.70 21.57 -25.27
CA PRO E 186 -9.71 20.97 -26.14
C PRO E 186 -10.80 21.96 -26.51
N LYS E 187 -11.27 21.85 -27.76
CA LYS E 187 -12.37 22.63 -28.28
C LYS E 187 -13.47 21.60 -28.37
N ALA E 188 -14.49 21.77 -27.53
CA ALA E 188 -15.58 20.82 -27.45
C ALA E 188 -16.87 21.23 -28.22
N HIS E 189 -17.84 20.29 -28.31
CA HIS E 189 -19.17 20.44 -28.93
C HIS E 189 -19.97 19.14 -28.81
N VAL E 190 -21.29 19.27 -28.72
CA VAL E 190 -22.18 18.11 -28.63
C VAL E 190 -22.88 17.93 -29.97
N THR E 191 -22.91 16.69 -30.45
CA THR E 191 -23.60 16.40 -31.69
C THR E 191 -24.82 15.56 -31.42
N HIS E 192 -25.89 15.88 -32.14
CA HIS E 192 -27.19 15.26 -32.00
C HIS E 192 -27.38 14.14 -33.03
N HIS E 193 -27.43 12.90 -32.56
CA HIS E 193 -27.59 11.75 -33.44
C HIS E 193 -28.88 11.02 -33.13
N PRO E 194 -29.91 11.30 -33.96
CA PRO E 194 -31.23 10.72 -33.71
C PRO E 194 -31.33 9.23 -33.96
N ARG E 195 -32.27 8.58 -33.23
CA ARG E 195 -32.54 7.14 -33.35
C ARG E 195 -34.00 6.72 -33.02
N SER E 196 -34.25 5.40 -32.98
CA SER E 196 -35.56 4.82 -32.70
C SER E 196 -35.97 4.96 -31.23
N LYS E 197 -37.22 4.58 -30.93
CA LYS E 197 -37.83 4.51 -29.59
C LYS E 197 -37.82 5.82 -28.78
N GLY E 198 -37.92 6.94 -29.51
CA GLY E 198 -37.93 8.29 -28.95
C GLY E 198 -36.65 8.61 -28.21
N GLU E 199 -35.52 8.14 -28.79
CA GLU E 199 -34.17 8.29 -28.25
C GLU E 199 -33.21 8.91 -29.26
N VAL E 200 -32.14 9.52 -28.74
CA VAL E 200 -31.04 10.10 -29.52
C VAL E 200 -29.73 9.68 -28.84
N THR E 201 -28.59 9.93 -29.52
CA THR E 201 -27.24 9.68 -29.00
C THR E 201 -26.56 11.05 -28.95
N LEU E 202 -26.01 11.44 -27.79
CA LEU E 202 -25.35 12.72 -27.60
C LEU E 202 -23.86 12.50 -27.54
N ARG E 203 -23.17 12.99 -28.55
CA ARG E 203 -21.74 12.77 -28.67
C ARG E 203 -21.01 14.01 -28.22
N CYS E 204 -20.29 13.92 -27.10
CA CYS E 204 -19.51 15.05 -26.64
C CYS E 204 -18.14 14.87 -27.19
N TRP E 205 -17.78 15.75 -28.12
CA TRP E 205 -16.50 15.74 -28.83
C TRP E 205 -15.51 16.62 -28.15
N ALA E 206 -14.25 16.20 -28.11
CA ALA E 206 -13.18 16.96 -27.51
C ALA E 206 -12.09 16.93 -28.51
N LEU E 207 -11.81 18.08 -29.17
CA LEU E 207 -10.82 18.07 -30.23
C LEU E 207 -9.68 19.04 -30.10
N GLY E 208 -8.58 18.66 -30.73
CA GLY E 208 -7.38 19.47 -30.88
C GLY E 208 -6.72 19.79 -29.59
N PHE E 209 -6.72 18.81 -28.69
CA PHE E 209 -6.09 18.93 -27.39
C PHE E 209 -4.71 18.26 -27.33
N TYR E 210 -3.80 18.83 -26.52
CA TYR E 210 -2.50 18.27 -26.20
C TYR E 210 -2.17 18.67 -24.75
N PRO E 211 -1.74 17.77 -23.83
CA PRO E 211 -1.49 16.31 -23.93
C PRO E 211 -2.73 15.46 -24.17
N ALA E 212 -2.55 14.14 -24.41
CA ALA E 212 -3.66 13.23 -24.69
C ALA E 212 -4.54 12.91 -23.47
N ASP E 213 -4.06 13.23 -22.25
CA ASP E 213 -4.79 12.98 -21.00
C ASP E 213 -5.96 13.92 -20.88
N ILE E 214 -7.16 13.36 -20.92
CA ILE E 214 -8.40 14.12 -20.81
C ILE E 214 -9.48 13.27 -20.12
N THR E 215 -10.47 13.92 -19.53
CA THR E 215 -11.57 13.22 -18.91
C THR E 215 -12.85 13.78 -19.51
N LEU E 216 -13.71 12.88 -20.02
CA LEU E 216 -15.01 13.28 -20.56
C LEU E 216 -16.11 12.65 -19.75
N THR E 217 -17.02 13.48 -19.22
CA THR E 217 -18.14 13.02 -18.38
C THR E 217 -19.48 13.59 -18.81
N TRP E 218 -20.52 12.74 -18.73
CA TRP E 218 -21.91 13.10 -19.05
C TRP E 218 -22.70 13.16 -17.75
N GLN E 219 -23.48 14.23 -17.59
CA GLN E 219 -24.24 14.45 -16.37
C GLN E 219 -25.72 14.70 -16.56
N LEU E 220 -26.54 13.87 -15.92
CA LEU E 220 -28.00 14.02 -15.89
C LEU E 220 -28.34 14.78 -14.59
N ASN E 221 -28.48 16.14 -14.72
CA ASN E 221 -28.79 17.11 -13.66
C ASN E 221 -27.89 16.88 -12.44
N GLY E 222 -26.58 17.02 -12.68
CA GLY E 222 -25.55 16.87 -11.66
C GLY E 222 -25.12 15.46 -11.31
N GLU E 223 -25.58 14.43 -12.08
CA GLU E 223 -25.21 13.03 -11.83
C GLU E 223 -24.49 12.34 -13.00
N GLU E 224 -23.20 11.96 -12.77
CA GLU E 224 -22.34 11.29 -13.76
C GLU E 224 -22.85 9.89 -14.18
N LEU E 225 -23.39 9.76 -15.43
CA LEU E 225 -23.86 8.46 -15.94
C LEU E 225 -22.68 7.51 -16.14
N THR E 226 -22.45 6.72 -15.09
CA THR E 226 -21.39 5.73 -14.93
C THR E 226 -21.44 4.62 -16.00
N GLN E 227 -22.60 3.93 -16.13
CA GLN E 227 -22.71 2.81 -17.05
C GLN E 227 -22.81 3.08 -18.54
N ASP E 228 -24.01 3.47 -19.00
CA ASP E 228 -24.30 3.59 -20.42
C ASP E 228 -23.59 4.63 -21.30
N MET E 229 -22.61 5.37 -20.75
CA MET E 229 -21.75 6.24 -21.55
C MET E 229 -20.86 5.36 -22.43
N GLU E 230 -20.62 5.82 -23.67
CA GLU E 230 -19.84 5.17 -24.71
C GLU E 230 -18.62 6.06 -24.99
N LEU E 231 -17.43 5.51 -24.83
CA LEU E 231 -16.18 6.25 -24.95
C LEU E 231 -15.30 5.67 -26.04
N VAL E 232 -14.56 6.54 -26.74
CA VAL E 232 -13.58 6.08 -27.73
C VAL E 232 -12.22 6.31 -27.16
N GLU E 233 -11.24 5.46 -27.53
CA GLU E 233 -9.87 5.65 -27.04
C GLU E 233 -9.25 6.92 -27.63
N THR E 234 -8.64 7.74 -26.78
CA THR E 234 -8.03 8.98 -27.22
C THR E 234 -7.11 8.72 -28.42
N ARG E 235 -7.50 9.31 -29.56
CA ARG E 235 -6.87 9.13 -30.84
C ARG E 235 -6.12 10.38 -31.34
N PRO E 236 -4.99 10.21 -32.07
CA PRO E 236 -4.27 11.39 -32.58
C PRO E 236 -4.95 12.03 -33.79
N ALA E 237 -5.10 13.36 -33.77
CA ALA E 237 -5.66 14.12 -34.88
C ALA E 237 -4.71 14.00 -36.07
N GLY E 238 -3.42 13.86 -35.80
CA GLY E 238 -2.42 13.73 -36.83
C GLY E 238 -1.58 14.99 -36.93
N ASP E 239 -2.16 16.12 -36.45
CA ASP E 239 -1.50 17.41 -36.44
C ASP E 239 -0.73 17.67 -35.15
N GLY E 240 -0.58 16.64 -34.33
CA GLY E 240 0.12 16.71 -33.05
C GLY E 240 -0.82 16.85 -31.85
N THR E 241 -2.11 17.07 -32.15
CA THR E 241 -3.12 17.17 -31.11
C THR E 241 -3.91 15.86 -31.03
N PHE E 242 -4.89 15.80 -30.09
CA PHE E 242 -5.72 14.63 -29.90
C PHE E 242 -7.19 14.90 -29.98
N GLN E 243 -7.96 13.81 -29.96
CA GLN E 243 -9.40 13.77 -30.09
C GLN E 243 -9.89 12.68 -29.21
N LYS E 244 -11.07 12.87 -28.64
CA LYS E 244 -11.79 11.89 -27.85
C LYS E 244 -13.22 12.33 -27.90
N TRP E 245 -14.13 11.40 -27.69
CA TRP E 245 -15.54 11.69 -27.60
C TRP E 245 -16.23 10.73 -26.68
N ALA E 246 -17.32 11.19 -26.05
CA ALA E 246 -18.12 10.32 -25.21
C ALA E 246 -19.59 10.54 -25.56
N SER E 247 -20.34 9.44 -25.75
CA SER E 247 -21.75 9.49 -26.10
C SER E 247 -22.68 8.79 -25.13
N VAL E 248 -23.91 9.30 -25.03
CA VAL E 248 -24.94 8.74 -24.16
C VAL E 248 -26.26 8.66 -24.92
N VAL E 249 -26.98 7.53 -24.73
CA VAL E 249 -28.29 7.33 -25.34
C VAL E 249 -29.28 8.00 -24.40
N VAL E 250 -29.98 9.02 -24.91
CA VAL E 250 -30.92 9.82 -24.11
C VAL E 250 -32.32 9.94 -24.76
N PRO E 251 -33.43 9.94 -23.96
CA PRO E 251 -34.77 10.13 -24.58
C PRO E 251 -34.95 11.52 -25.18
N LEU E 252 -35.60 11.59 -26.37
CA LEU E 252 -35.91 12.77 -27.17
C LEU E 252 -36.52 13.91 -26.33
N GLY E 253 -36.17 15.14 -26.67
CA GLY E 253 -36.65 16.34 -25.98
C GLY E 253 -35.87 16.62 -24.72
N LYS E 254 -35.77 15.60 -23.82
CA LYS E 254 -35.04 15.63 -22.56
C LYS E 254 -33.49 15.67 -22.78
N GLU E 255 -33.05 16.09 -23.99
CA GLU E 255 -31.65 16.23 -24.42
C GLU E 255 -30.96 17.50 -23.81
N GLN E 256 -31.69 18.28 -22.97
CA GLN E 256 -31.22 19.51 -22.31
C GLN E 256 -31.00 19.29 -20.80
N ASN E 257 -31.41 18.08 -20.34
CA ASN E 257 -31.36 17.54 -18.99
C ASN E 257 -29.92 17.01 -18.73
N TYR E 258 -29.23 16.65 -19.84
CA TYR E 258 -27.88 16.08 -19.89
C TYR E 258 -26.82 17.12 -20.25
N THR E 259 -25.72 17.09 -19.50
CA THR E 259 -24.58 18.00 -19.62
C THR E 259 -23.26 17.25 -19.70
N CYS E 260 -22.38 17.71 -20.59
CA CYS E 260 -21.04 17.14 -20.75
C CYS E 260 -20.00 18.06 -20.12
N ARG E 261 -19.05 17.44 -19.42
CA ARG E 261 -17.94 18.14 -18.80
C ARG E 261 -16.62 17.59 -19.33
N VAL E 262 -15.72 18.50 -19.71
CA VAL E 262 -14.42 18.19 -20.28
C VAL E 262 -13.37 18.69 -19.30
N TYR E 263 -12.52 17.76 -18.79
CA TYR E 263 -11.47 18.09 -17.84
C TYR E 263 -10.13 17.84 -18.50
N HIS E 264 -9.36 18.93 -18.67
CA HIS E 264 -8.03 18.90 -19.30
C HIS E 264 -7.18 19.96 -18.67
N GLU E 265 -5.88 19.68 -18.53
CA GLU E 265 -4.93 20.59 -17.89
C GLU E 265 -4.66 21.87 -18.69
N GLY E 266 -5.00 21.84 -19.98
CA GLY E 266 -4.82 22.97 -20.88
C GLY E 266 -5.95 23.97 -20.85
N LEU E 267 -7.05 23.59 -20.18
CA LEU E 267 -8.24 24.40 -20.00
C LEU E 267 -8.08 25.43 -18.91
N PRO E 268 -8.52 26.72 -19.16
CA PRO E 268 -8.44 27.75 -18.09
C PRO E 268 -9.37 27.41 -16.93
N GLU E 269 -10.39 26.56 -17.22
CA GLU E 269 -11.37 26.00 -16.31
C GLU E 269 -12.13 24.87 -17.01
N PRO E 270 -12.61 23.82 -16.31
CA PRO E 270 -13.30 22.71 -17.01
C PRO E 270 -14.54 23.09 -17.83
N LEU E 271 -14.55 22.68 -19.12
CA LEU E 271 -15.65 22.95 -20.06
C LEU E 271 -16.94 22.25 -19.68
N THR E 272 -18.00 23.02 -19.56
CA THR E 272 -19.33 22.49 -19.27
C THR E 272 -20.21 22.89 -20.47
N LEU E 273 -20.72 21.89 -21.18
CA LEU E 273 -21.52 22.07 -22.39
C LEU E 273 -22.59 21.00 -22.51
N ARG E 274 -23.70 21.31 -23.20
CA ARG E 274 -24.78 20.36 -23.47
C ARG E 274 -25.24 20.50 -24.92
N TRP E 275 -26.35 19.82 -25.31
CA TRP E 275 -26.87 19.94 -26.66
C TRP E 275 -27.47 21.32 -26.91
N GLU E 276 -26.82 22.08 -27.80
CA GLU E 276 -27.27 23.41 -28.15
C GLU E 276 -28.00 23.42 -29.51
N PRO E 277 -29.35 23.28 -29.52
CA PRO E 277 -30.06 23.33 -30.82
C PRO E 277 -30.39 24.80 -31.18
N PRO E 278 -29.97 25.33 -32.36
CA PRO E 278 -30.19 26.76 -32.69
C PRO E 278 -31.58 27.35 -32.48
N MET F 1 4.31 -16.74 -30.08
CA MET F 1 2.93 -17.04 -30.43
C MET F 1 1.94 -16.03 -29.78
N ILE F 2 2.43 -14.88 -29.26
CA ILE F 2 1.55 -13.87 -28.62
C ILE F 2 0.98 -12.88 -29.65
N GLN F 3 -0.12 -13.30 -30.29
CA GLN F 3 -0.85 -12.58 -31.32
C GLN F 3 -1.97 -11.73 -30.66
N LYS F 4 -1.76 -10.39 -30.60
CA LYS F 4 -2.70 -9.43 -30.04
C LYS F 4 -3.56 -8.78 -31.17
N THR F 5 -4.91 -8.81 -31.01
CA THR F 5 -5.86 -8.27 -31.99
C THR F 5 -5.82 -6.73 -32.19
N PRO F 6 -5.64 -6.29 -33.45
CA PRO F 6 -5.57 -4.85 -33.71
C PRO F 6 -6.90 -4.14 -33.56
N GLN F 7 -6.84 -2.96 -32.93
CA GLN F 7 -7.98 -2.10 -32.73
C GLN F 7 -7.82 -0.93 -33.70
N ILE F 8 -8.84 -0.74 -34.56
CA ILE F 8 -8.83 0.29 -35.59
C ILE F 8 -9.83 1.39 -35.25
N GLN F 9 -9.47 2.63 -35.64
CA GLN F 9 -10.32 3.79 -35.52
C GLN F 9 -10.18 4.59 -36.82
N VAL F 10 -11.31 4.88 -37.51
CA VAL F 10 -11.26 5.67 -38.76
C VAL F 10 -11.94 6.98 -38.53
N TYR F 11 -11.19 8.08 -38.70
CA TYR F 11 -11.71 9.41 -38.41
C TYR F 11 -10.97 10.50 -39.16
N SER F 12 -11.62 11.66 -39.27
CA SER F 12 -11.07 12.85 -39.92
C SER F 12 -10.28 13.67 -38.93
N ARG F 13 -9.20 14.34 -39.38
CA ARG F 13 -8.30 15.21 -38.59
C ARG F 13 -9.12 16.38 -38.04
N HIS F 14 -9.87 17.01 -38.93
CA HIS F 14 -10.76 18.12 -38.61
C HIS F 14 -12.21 17.64 -38.83
N PRO F 15 -13.22 18.26 -38.17
CA PRO F 15 -14.61 17.81 -38.40
C PRO F 15 -15.03 17.79 -39.88
N PRO F 16 -15.71 16.72 -40.32
CA PRO F 16 -16.07 16.62 -41.75
C PRO F 16 -17.04 17.69 -42.21
N GLU F 17 -16.79 18.17 -43.41
CA GLU F 17 -17.57 19.19 -44.09
C GLU F 17 -17.50 18.82 -45.57
N ASN F 18 -18.65 18.36 -46.15
CA ASN F 18 -18.70 17.96 -47.55
C ASN F 18 -18.07 18.99 -48.47
N GLY F 19 -17.13 18.55 -49.31
CA GLY F 19 -16.42 19.45 -50.22
C GLY F 19 -15.23 20.17 -49.62
N LYS F 20 -15.07 20.12 -48.28
CA LYS F 20 -13.92 20.74 -47.63
C LYS F 20 -12.79 19.75 -47.49
N PRO F 21 -11.61 20.03 -48.12
CA PRO F 21 -10.47 19.10 -48.01
C PRO F 21 -10.05 18.88 -46.55
N ASN F 22 -9.82 17.62 -46.23
CA ASN F 22 -9.49 17.17 -44.89
C ASN F 22 -8.46 16.03 -44.96
N ILE F 23 -8.20 15.40 -43.81
CA ILE F 23 -7.28 14.28 -43.70
C ILE F 23 -8.01 13.13 -43.02
N LEU F 24 -7.90 11.94 -43.61
CA LEU F 24 -8.57 10.77 -43.05
C LEU F 24 -7.52 9.94 -42.37
N ASN F 25 -7.70 9.72 -41.06
CA ASN F 25 -6.78 8.92 -40.27
C ASN F 25 -7.32 7.53 -40.01
N CYS F 26 -6.40 6.56 -40.01
CA CYS F 26 -6.69 5.20 -39.63
C CYS F 26 -5.68 4.87 -38.55
N TYR F 27 -6.17 4.88 -37.30
CA TYR F 27 -5.37 4.67 -36.10
C TYR F 27 -5.40 3.20 -35.69
N VAL F 28 -4.27 2.52 -35.94
CA VAL F 28 -4.21 1.10 -35.59
C VAL F 28 -3.38 0.90 -34.35
N THR F 29 -4.00 0.31 -33.33
CA THR F 29 -3.38 0.07 -32.03
C THR F 29 -3.59 -1.35 -31.55
N GLN F 30 -3.04 -1.66 -30.37
CA GLN F 30 -3.23 -2.92 -29.62
C GLN F 30 -2.80 -4.18 -30.34
N PHE F 31 -1.88 -4.07 -31.32
CA PHE F 31 -1.44 -5.22 -32.12
C PHE F 31 -0.02 -5.65 -31.86
N HIS F 32 0.23 -6.95 -32.11
CA HIS F 32 1.51 -7.62 -31.97
C HIS F 32 1.38 -8.98 -32.67
N PRO F 33 2.34 -9.46 -33.50
CA PRO F 33 3.62 -8.87 -33.91
C PRO F 33 3.51 -7.53 -34.65
N PRO F 34 4.59 -6.70 -34.70
CA PRO F 34 4.52 -5.40 -35.38
C PRO F 34 4.21 -5.44 -36.87
N HIS F 35 4.47 -6.58 -37.57
CA HIS F 35 4.15 -6.63 -38.99
C HIS F 35 2.66 -6.54 -39.18
N ILE F 36 2.22 -5.50 -39.89
CA ILE F 36 0.81 -5.26 -40.21
C ILE F 36 0.65 -4.79 -41.67
N GLU F 37 -0.59 -4.84 -42.20
CA GLU F 37 -0.92 -4.36 -43.55
C GLU F 37 -2.13 -3.44 -43.41
N ILE F 38 -1.95 -2.14 -43.67
CA ILE F 38 -3.04 -1.18 -43.56
C ILE F 38 -3.39 -0.57 -44.94
N GLN F 39 -4.61 -0.86 -45.44
CA GLN F 39 -5.04 -0.32 -46.74
C GLN F 39 -6.19 0.62 -46.49
N MET F 40 -6.12 1.83 -47.07
CA MET F 40 -7.18 2.79 -46.90
C MET F 40 -7.89 2.84 -48.21
N LEU F 41 -9.22 2.76 -48.18
CA LEU F 41 -10.00 2.67 -49.40
C LEU F 41 -11.18 3.64 -49.53
N LYS F 42 -11.32 4.19 -50.76
CA LYS F 42 -12.38 5.11 -51.17
C LYS F 42 -13.30 4.27 -52.05
N ASN F 43 -14.55 4.11 -51.59
CA ASN F 43 -15.61 3.34 -52.26
C ASN F 43 -15.20 1.87 -52.54
N GLY F 44 -14.23 1.38 -51.79
CA GLY F 44 -13.78 0.02 -51.98
C GLY F 44 -12.49 -0.06 -52.74
N LYS F 45 -12.14 1.02 -53.47
CA LYS F 45 -10.87 1.00 -54.21
C LYS F 45 -9.71 1.56 -53.37
N LYS F 46 -8.68 0.73 -53.12
CA LYS F 46 -7.47 1.07 -52.38
C LYS F 46 -6.95 2.47 -52.77
N ILE F 47 -6.72 3.34 -51.78
CA ILE F 47 -6.21 4.70 -51.97
C ILE F 47 -4.70 4.65 -52.11
N PRO F 48 -4.17 5.12 -53.26
CA PRO F 48 -2.71 5.14 -53.42
C PRO F 48 -2.18 6.38 -52.72
N LYS F 49 -0.86 6.39 -52.40
CA LYS F 49 -0.21 7.55 -51.75
C LYS F 49 -0.87 7.77 -50.36
N VAL F 50 -0.67 6.77 -49.48
CA VAL F 50 -1.17 6.77 -48.11
C VAL F 50 0.04 6.98 -47.21
N GLU F 51 -0.06 7.98 -46.34
CA GLU F 51 1.00 8.30 -45.39
C GLU F 51 0.86 7.45 -44.15
N MET F 52 1.98 6.92 -43.66
CA MET F 52 1.99 6.07 -42.48
C MET F 52 3.00 6.49 -41.43
N SER F 53 2.59 6.44 -40.17
CA SER F 53 3.45 6.81 -39.06
C SER F 53 4.59 5.77 -38.90
N ASP F 54 5.59 6.13 -38.10
CA ASP F 54 6.71 5.25 -37.83
C ASP F 54 6.40 4.30 -36.68
N MET F 55 7.16 3.21 -36.58
CA MET F 55 6.97 2.15 -35.59
C MET F 55 7.08 2.56 -34.14
N SER F 56 5.93 2.65 -33.52
CA SER F 56 5.89 2.97 -32.11
C SER F 56 5.11 1.87 -31.38
N PHE F 57 5.45 1.66 -30.10
CA PHE F 57 4.76 0.72 -29.24
C PHE F 57 4.33 1.42 -27.94
N SER F 58 3.46 0.79 -27.14
CA SER F 58 2.96 1.37 -25.91
C SER F 58 3.51 0.72 -24.65
N LYS F 59 3.23 1.32 -23.44
CA LYS F 59 3.68 0.78 -22.15
C LYS F 59 3.34 -0.74 -22.03
N ASP F 60 2.25 -1.19 -22.68
CA ASP F 60 1.77 -2.58 -22.65
C ASP F 60 2.39 -3.50 -23.66
N TRP F 61 3.39 -2.97 -24.41
CA TRP F 61 4.15 -3.62 -25.49
C TRP F 61 3.43 -3.69 -26.85
N SER F 62 2.16 -3.26 -26.94
CA SER F 62 1.46 -3.33 -28.22
C SER F 62 1.95 -2.26 -29.16
N PHE F 63 1.95 -2.53 -30.47
CA PHE F 63 2.38 -1.57 -31.49
C PHE F 63 1.20 -0.72 -31.92
N TYR F 64 1.50 0.46 -32.52
CA TYR F 64 0.51 1.39 -33.04
C TYR F 64 1.01 2.15 -34.24
N ILE F 65 0.12 2.31 -35.22
CA ILE F 65 0.40 2.98 -36.47
C ILE F 65 -0.71 3.97 -36.87
N LEU F 66 -0.32 5.12 -37.43
CA LEU F 66 -1.29 6.07 -37.90
C LEU F 66 -1.19 6.30 -39.42
N ALA F 67 -2.08 5.62 -40.15
CA ALA F 67 -2.20 5.80 -41.58
C ALA F 67 -3.13 6.99 -41.79
N HIS F 68 -2.73 7.90 -42.69
CA HIS F 68 -3.51 9.10 -43.04
C HIS F 68 -3.42 9.47 -44.51
N THR F 69 -4.57 9.85 -45.13
CA THR F 69 -4.59 10.28 -46.52
C THR F 69 -5.40 11.54 -46.66
N GLU F 70 -5.06 12.34 -47.68
CA GLU F 70 -5.78 13.57 -47.99
C GLU F 70 -7.12 13.15 -48.58
N PHE F 71 -8.22 13.73 -48.10
CA PHE F 71 -9.53 13.34 -48.60
C PHE F 71 -10.51 14.49 -48.62
N THR F 72 -11.49 14.43 -49.54
CA THR F 72 -12.51 15.45 -49.61
C THR F 72 -13.85 14.78 -49.43
N PRO F 73 -14.40 14.86 -48.21
CA PRO F 73 -15.68 14.16 -47.94
C PRO F 73 -16.85 14.64 -48.80
N THR F 74 -17.62 13.67 -49.32
CA THR F 74 -18.80 13.91 -50.16
C THR F 74 -19.96 13.05 -49.60
N GLU F 75 -21.22 13.36 -49.98
CA GLU F 75 -22.44 12.64 -49.55
C GLU F 75 -22.37 11.19 -49.99
N THR F 76 -21.87 10.97 -51.22
CA THR F 76 -21.78 9.70 -51.91
C THR F 76 -20.56 8.86 -51.52
N ASP F 77 -19.34 9.45 -51.64
CA ASP F 77 -18.06 8.80 -51.34
C ASP F 77 -17.99 8.21 -49.94
N THR F 78 -17.73 6.90 -49.87
CA THR F 78 -17.59 6.15 -48.63
C THR F 78 -16.13 5.75 -48.46
N TYR F 79 -15.56 6.05 -47.28
CA TYR F 79 -14.18 5.72 -46.99
C TYR F 79 -14.13 4.63 -45.91
N ALA F 80 -13.05 3.81 -45.96
CA ALA F 80 -12.80 2.70 -45.03
C ALA F 80 -11.34 2.37 -44.92
N CYS F 81 -11.00 1.61 -43.89
CA CYS F 81 -9.65 1.19 -43.64
C CYS F 81 -9.61 -0.33 -43.42
N ARG F 82 -8.78 -1.04 -44.21
CA ARG F 82 -8.65 -2.50 -44.20
C ARG F 82 -7.33 -2.88 -43.57
N VAL F 83 -7.37 -3.79 -42.58
CA VAL F 83 -6.20 -4.24 -41.85
C VAL F 83 -6.04 -5.75 -41.89
N LYS F 84 -4.87 -6.22 -42.36
CA LYS F 84 -4.49 -7.63 -42.40
C LYS F 84 -3.47 -7.77 -41.28
N HIS F 85 -3.66 -8.73 -40.37
CA HIS F 85 -2.71 -8.99 -39.29
C HIS F 85 -2.69 -10.44 -38.94
N ALA F 86 -1.50 -10.93 -38.62
CA ALA F 86 -1.18 -12.30 -38.20
C ALA F 86 -2.21 -12.85 -37.20
N SER F 87 -2.64 -12.00 -36.24
CA SER F 87 -3.60 -12.36 -35.18
C SER F 87 -5.04 -12.55 -35.65
N MET F 88 -5.37 -12.09 -36.86
CA MET F 88 -6.73 -12.18 -37.38
C MET F 88 -6.87 -13.24 -38.43
N ALA F 89 -8.01 -13.89 -38.47
CA ALA F 89 -8.24 -14.92 -39.47
C ALA F 89 -8.46 -14.26 -40.85
N GLU F 90 -9.22 -13.16 -40.87
CA GLU F 90 -9.50 -12.41 -42.10
C GLU F 90 -9.38 -10.87 -41.91
N PRO F 91 -9.18 -10.07 -42.99
CA PRO F 91 -8.96 -8.63 -42.78
C PRO F 91 -10.16 -7.85 -42.26
N LYS F 92 -9.92 -7.08 -41.18
CA LYS F 92 -10.94 -6.25 -40.57
C LYS F 92 -11.03 -4.99 -41.38
N THR F 93 -12.24 -4.66 -41.82
CA THR F 93 -12.51 -3.45 -42.57
C THR F 93 -13.39 -2.57 -41.71
N VAL F 94 -12.86 -1.38 -41.37
CA VAL F 94 -13.56 -0.41 -40.54
C VAL F 94 -13.91 0.74 -41.42
N TYR F 95 -15.19 1.06 -41.49
CA TYR F 95 -15.70 2.13 -42.31
C TYR F 95 -15.71 3.44 -41.61
N TRP F 96 -15.43 4.53 -42.34
CA TRP F 96 -15.49 5.87 -41.77
C TRP F 96 -16.94 6.26 -41.60
N ASP F 97 -17.26 6.79 -40.44
CA ASP F 97 -18.61 7.22 -40.10
C ASP F 97 -18.44 8.60 -39.53
N ARG F 98 -18.67 9.62 -40.36
CA ARG F 98 -18.52 11.03 -40.04
C ARG F 98 -19.08 11.47 -38.66
N ASP F 99 -20.06 10.69 -38.11
CA ASP F 99 -20.65 10.92 -36.78
C ASP F 99 -19.76 10.41 -35.63
N MET F 100 -18.62 9.78 -35.94
CA MET F 100 -17.66 9.27 -34.93
C MET F 100 -16.20 9.23 -35.32
N GLY G 2 -32.52 -33.93 -16.10
CA GLY G 2 -31.39 -33.03 -16.29
C GLY G 2 -30.69 -33.14 -17.65
N PRO G 3 -29.84 -32.14 -18.08
CA PRO G 3 -29.18 -32.25 -19.40
C PRO G 3 -27.98 -33.18 -19.36
N HIS G 4 -27.66 -33.78 -20.52
CA HIS G 4 -26.57 -34.73 -20.61
C HIS G 4 -25.56 -34.36 -21.65
N SER G 5 -24.32 -34.76 -21.43
CA SER G 5 -23.27 -34.42 -22.38
C SER G 5 -22.27 -35.54 -22.50
N MET G 6 -21.63 -35.62 -23.66
CA MET G 6 -20.52 -36.55 -23.88
C MET G 6 -19.43 -35.73 -24.53
N ARG G 7 -18.18 -35.93 -24.09
CA ARG G 7 -17.04 -35.22 -24.62
C ARG G 7 -15.83 -36.08 -24.70
N TYR G 8 -15.03 -35.85 -25.72
CA TYR G 8 -13.75 -36.49 -25.87
C TYR G 8 -12.70 -35.35 -25.90
N PHE G 9 -11.88 -35.33 -24.84
CA PHE G 9 -10.82 -34.37 -24.62
C PHE G 9 -9.51 -35.02 -25.04
N GLU G 10 -9.14 -34.76 -26.30
CA GLU G 10 -7.92 -35.32 -26.87
C GLU G 10 -6.73 -34.35 -26.82
N THR G 11 -5.56 -34.87 -26.46
CA THR G 11 -4.34 -34.09 -26.33
C THR G 11 -3.19 -34.79 -27.00
N ALA G 12 -2.39 -34.03 -27.76
CA ALA G 12 -1.20 -34.52 -28.42
C ALA G 12 -0.03 -33.61 -28.04
N VAL G 13 0.98 -34.19 -27.38
CA VAL G 13 2.15 -33.45 -26.89
C VAL G 13 3.37 -33.86 -27.72
N SER G 14 3.78 -33.04 -28.71
CA SER G 14 4.93 -33.34 -29.56
C SER G 14 6.33 -33.40 -28.91
N ARG G 15 6.74 -34.60 -28.38
CA ARG G 15 8.06 -34.89 -27.80
C ARG G 15 9.18 -34.63 -28.85
N PRO G 16 10.17 -33.72 -28.56
CA PRO G 16 11.23 -33.41 -29.54
C PRO G 16 12.24 -34.56 -29.64
N GLY G 17 12.68 -34.83 -30.87
CA GLY G 17 13.62 -35.91 -31.16
C GLY G 17 12.88 -37.11 -31.69
N LEU G 18 11.95 -37.68 -30.86
CA LEU G 18 11.11 -38.83 -31.23
C LEU G 18 10.05 -38.39 -32.24
N GLU G 19 9.66 -39.31 -33.13
CA GLU G 19 8.57 -39.00 -34.06
C GLU G 19 7.19 -39.28 -33.35
N GLU G 20 7.24 -39.75 -32.06
CA GLU G 20 6.04 -40.11 -31.28
C GLU G 20 5.46 -39.10 -30.22
N PRO G 21 4.56 -38.17 -30.62
CA PRO G 21 3.87 -37.34 -29.65
C PRO G 21 2.88 -38.18 -28.81
N ARG G 22 2.73 -37.87 -27.52
CA ARG G 22 1.86 -38.60 -26.61
C ARG G 22 0.41 -38.20 -26.78
N TYR G 23 -0.39 -39.12 -27.32
CA TYR G 23 -1.83 -38.94 -27.50
C TYR G 23 -2.56 -39.41 -26.23
N ILE G 24 -3.53 -38.59 -25.79
CA ILE G 24 -4.36 -38.84 -24.62
C ILE G 24 -5.79 -38.48 -24.91
N SER G 25 -6.64 -39.49 -25.08
CA SER G 25 -8.04 -39.22 -25.30
C SER G 25 -8.75 -39.53 -23.98
N VAL G 26 -9.58 -38.58 -23.51
CA VAL G 26 -10.31 -38.76 -22.26
C VAL G 26 -11.79 -38.56 -22.54
N GLY G 27 -12.57 -39.57 -22.15
CA GLY G 27 -13.99 -39.61 -22.38
C GLY G 27 -14.79 -39.21 -21.17
N TYR G 28 -15.74 -38.28 -21.38
CA TYR G 28 -16.58 -37.85 -20.29
C TYR G 28 -18.03 -37.98 -20.70
N VAL G 29 -18.86 -38.45 -19.77
CA VAL G 29 -20.31 -38.56 -19.89
C VAL G 29 -20.78 -37.83 -18.66
N ASP G 30 -21.53 -36.73 -18.86
CA ASP G 30 -22.04 -35.82 -17.83
C ASP G 30 -20.87 -35.27 -17.00
N ASN G 31 -19.81 -34.80 -17.66
CA ASN G 31 -18.57 -34.25 -17.06
C ASN G 31 -17.82 -35.20 -16.15
N LYS G 32 -18.21 -36.49 -16.16
CA LYS G 32 -17.57 -37.54 -15.38
C LYS G 32 -16.76 -38.45 -16.31
N GLU G 33 -15.44 -38.56 -16.07
CA GLU G 33 -14.53 -39.40 -16.89
C GLU G 33 -15.05 -40.82 -16.90
N PHE G 34 -15.28 -41.37 -18.12
CA PHE G 34 -15.80 -42.72 -18.34
C PHE G 34 -14.80 -43.63 -19.06
N VAL G 35 -14.12 -43.12 -20.09
CA VAL G 35 -13.08 -43.90 -20.79
C VAL G 35 -11.78 -43.10 -20.84
N ARG G 36 -10.68 -43.74 -21.15
CA ARG G 36 -9.42 -43.04 -21.25
C ARG G 36 -8.44 -43.84 -22.10
N PHE G 37 -7.68 -43.12 -22.91
CA PHE G 37 -6.65 -43.70 -23.74
C PHE G 37 -5.38 -42.88 -23.55
N ASP G 38 -4.24 -43.56 -23.39
CA ASP G 38 -2.97 -42.90 -23.15
C ASP G 38 -1.89 -43.68 -23.88
N SER G 39 -1.21 -43.03 -24.85
CA SER G 39 -0.17 -43.65 -25.66
C SER G 39 1.03 -44.08 -24.84
N ASP G 40 1.28 -43.38 -23.72
CA ASP G 40 2.39 -43.62 -22.80
C ASP G 40 2.24 -44.90 -21.99
N ALA G 41 1.11 -45.61 -22.14
CA ALA G 41 0.89 -46.85 -21.41
C ALA G 41 1.75 -47.98 -21.98
N GLU G 42 2.09 -48.97 -21.13
CA GLU G 42 2.86 -50.18 -21.46
C GLU G 42 2.19 -50.87 -22.66
N ASN G 43 0.87 -51.09 -22.55
CA ASN G 43 0.04 -51.61 -23.63
C ASN G 43 -1.11 -50.60 -23.84
N PRO G 44 -0.90 -49.62 -24.76
CA PRO G 44 -1.92 -48.59 -25.02
C PRO G 44 -3.23 -49.16 -25.56
N ARG G 45 -4.34 -48.87 -24.84
CA ARG G 45 -5.72 -49.28 -25.17
C ARG G 45 -6.76 -48.48 -24.37
N TYR G 46 -7.98 -48.28 -24.90
CA TYR G 46 -9.03 -47.56 -24.16
C TYR G 46 -9.40 -48.33 -22.92
N GLU G 47 -9.28 -47.67 -21.79
CA GLU G 47 -9.54 -48.35 -20.54
C GLU G 47 -10.75 -47.72 -19.90
N PRO G 48 -11.66 -48.52 -19.33
CA PRO G 48 -12.83 -47.93 -18.66
C PRO G 48 -12.40 -47.19 -17.39
N ARG G 49 -13.13 -46.10 -17.04
CA ARG G 49 -12.79 -45.27 -15.88
C ARG G 49 -14.03 -45.04 -15.00
N ALA G 50 -15.10 -45.74 -15.37
CA ALA G 50 -16.38 -45.75 -14.68
C ALA G 50 -16.73 -47.22 -14.58
N PRO G 51 -17.36 -47.67 -13.48
CA PRO G 51 -17.71 -49.09 -13.39
C PRO G 51 -18.68 -49.57 -14.48
N TRP G 52 -19.79 -48.84 -14.71
CA TRP G 52 -20.81 -49.19 -15.70
C TRP G 52 -20.27 -49.34 -17.11
N MET G 53 -19.05 -48.89 -17.38
CA MET G 53 -18.40 -49.02 -18.68
C MET G 53 -17.95 -50.45 -18.92
N GLU G 54 -17.79 -51.24 -17.85
CA GLU G 54 -17.32 -52.63 -17.89
C GLU G 54 -18.28 -53.59 -18.60
N GLN G 55 -19.57 -53.17 -18.72
CA GLN G 55 -20.64 -53.86 -19.46
C GLN G 55 -20.30 -53.96 -20.95
N GLU G 56 -19.35 -53.13 -21.45
CA GLU G 56 -18.94 -53.15 -22.85
C GLU G 56 -17.96 -54.31 -23.06
N GLY G 57 -18.22 -55.05 -24.14
CA GLY G 57 -17.45 -56.23 -24.51
C GLY G 57 -16.06 -55.94 -25.04
N PRO G 58 -15.26 -57.01 -25.23
CA PRO G 58 -13.88 -56.80 -25.74
C PRO G 58 -13.87 -56.21 -27.14
N GLU G 59 -14.99 -56.42 -27.87
CA GLU G 59 -15.20 -55.93 -29.22
C GLU G 59 -15.09 -54.37 -29.20
N TYR G 60 -15.80 -53.75 -28.22
CA TYR G 60 -15.91 -52.30 -27.99
C TYR G 60 -14.55 -51.62 -27.76
N TRP G 61 -13.78 -52.14 -26.79
CA TRP G 61 -12.46 -51.60 -26.47
C TRP G 61 -11.49 -51.70 -27.65
N GLU G 62 -11.62 -52.78 -28.42
CA GLU G 62 -10.80 -52.97 -29.60
C GLU G 62 -11.15 -51.94 -30.71
N ARG G 63 -12.46 -51.68 -30.89
CA ARG G 63 -12.92 -50.74 -31.91
C ARG G 63 -12.41 -49.35 -31.65
N GLU G 64 -12.46 -48.95 -30.38
CA GLU G 64 -12.04 -47.63 -29.88
C GLU G 64 -10.53 -47.53 -29.90
N THR G 65 -9.82 -48.55 -29.37
CA THR G 65 -8.36 -48.58 -29.37
C THR G 65 -7.81 -48.38 -30.76
N GLN G 66 -8.45 -49.04 -31.76
CA GLN G 66 -8.07 -48.92 -33.17
C GLN G 66 -8.31 -47.51 -33.68
N LYS G 67 -9.37 -46.79 -33.16
CA LYS G 67 -9.70 -45.40 -33.52
C LYS G 67 -8.56 -44.54 -33.01
N ALA G 68 -8.15 -44.83 -31.74
CA ALA G 68 -7.11 -44.11 -31.00
C ALA G 68 -5.77 -44.13 -31.72
N LYS G 69 -5.45 -45.27 -32.42
CA LYS G 69 -4.23 -45.44 -33.22
C LYS G 69 -4.35 -44.52 -34.45
N GLY G 70 -5.60 -44.42 -34.95
CA GLY G 70 -5.93 -43.60 -36.11
C GLY G 70 -5.74 -42.14 -35.77
N GLN G 71 -6.23 -41.77 -34.57
CA GLN G 71 -6.15 -40.41 -34.04
C GLN G 71 -4.72 -40.01 -33.90
N GLU G 72 -3.98 -40.75 -33.06
CA GLU G 72 -2.56 -40.59 -32.81
C GLU G 72 -1.81 -40.09 -34.07
N GLN G 73 -2.12 -40.70 -35.23
CA GLN G 73 -1.52 -40.32 -36.49
C GLN G 73 -2.00 -38.99 -36.96
N TRP G 74 -3.33 -38.74 -36.84
CA TRP G 74 -3.96 -37.48 -37.25
C TRP G 74 -3.26 -36.34 -36.56
N PHE G 75 -3.06 -36.47 -35.24
CA PHE G 75 -2.37 -35.48 -34.44
C PHE G 75 -0.93 -35.24 -34.93
N ARG G 76 -0.10 -36.33 -35.03
N ARG G 76 -0.11 -36.32 -35.04
CA ARG G 76 1.30 -36.34 -35.52
CA ARG G 76 1.29 -36.31 -35.53
C ARG G 76 1.46 -35.42 -36.76
C ARG G 76 1.47 -35.42 -36.77
N VAL G 77 0.59 -35.59 -37.77
CA VAL G 77 0.61 -34.81 -39.02
C VAL G 77 0.28 -33.33 -38.75
N SER G 78 -0.93 -33.09 -38.14
CA SER G 78 -1.48 -31.78 -37.80
C SER G 78 -0.41 -31.00 -37.02
N LEU G 79 0.22 -31.66 -36.03
CA LEU G 79 1.31 -31.04 -35.29
C LEU G 79 2.42 -30.51 -36.25
N ARG G 80 2.92 -31.35 -37.13
CA ARG G 80 3.92 -30.91 -38.09
C ARG G 80 3.30 -29.85 -39.01
N ASN G 81 2.04 -30.06 -39.47
CA ASN G 81 1.43 -29.09 -40.39
C ASN G 81 1.39 -27.70 -39.86
N LEU G 82 1.13 -27.58 -38.54
CA LEU G 82 1.07 -26.31 -37.80
C LEU G 82 2.45 -25.72 -37.61
N LEU G 83 3.46 -26.58 -37.37
CA LEU G 83 4.85 -26.17 -37.24
C LEU G 83 5.11 -25.25 -38.42
N GLY G 84 4.72 -25.72 -39.60
CA GLY G 84 4.82 -24.98 -40.84
C GLY G 84 4.07 -23.66 -40.84
N TYR G 85 2.76 -23.73 -40.55
CA TYR G 85 1.90 -22.57 -40.52
C TYR G 85 2.48 -21.50 -39.59
N TYR G 86 2.94 -21.93 -38.42
CA TYR G 86 3.45 -21.01 -37.44
C TYR G 86 4.96 -20.78 -37.46
N ASN G 87 5.68 -21.21 -38.52
CA ASN G 87 7.14 -21.04 -38.64
C ASN G 87 7.91 -21.35 -37.31
N GLN G 88 7.44 -22.38 -36.59
CA GLN G 88 7.95 -22.79 -35.29
C GLN G 88 8.82 -24.03 -35.34
N SER G 89 9.43 -24.46 -34.18
CA SER G 89 10.46 -25.54 -34.07
C SER G 89 10.16 -26.79 -33.30
N ALA G 90 10.22 -27.94 -34.00
CA ALA G 90 9.95 -29.29 -33.49
C ALA G 90 10.84 -29.73 -32.33
N GLY G 91 11.88 -28.93 -32.08
CA GLY G 91 12.83 -29.05 -30.97
C GLY G 91 12.18 -28.60 -29.67
N GLY G 92 11.04 -27.95 -29.82
CA GLY G 92 10.21 -27.55 -28.71
C GLY G 92 8.98 -28.44 -28.66
N SER G 93 8.37 -28.57 -27.48
CA SER G 93 7.14 -29.33 -27.37
C SER G 93 6.03 -28.43 -27.90
N HIS G 94 4.97 -29.01 -28.45
CA HIS G 94 3.85 -28.22 -28.96
C HIS G 94 2.58 -28.94 -28.61
N THR G 95 1.63 -28.25 -27.94
CA THR G 95 0.38 -28.86 -27.48
C THR G 95 -0.78 -28.63 -28.40
N LEU G 96 -1.34 -29.74 -28.85
CA LEU G 96 -2.51 -29.75 -29.72
C LEU G 96 -3.62 -30.38 -28.91
N GLN G 97 -4.74 -29.68 -28.76
CA GLN G 97 -5.86 -30.22 -27.98
C GLN G 97 -7.15 -30.12 -28.76
N GLN G 98 -8.09 -31.04 -28.46
CA GLN G 98 -9.36 -31.12 -29.15
C GLN G 98 -10.46 -31.50 -28.16
N MET G 99 -11.61 -30.83 -28.29
CA MET G 99 -12.78 -31.13 -27.52
C MET G 99 -13.89 -31.37 -28.53
N SER G 100 -14.41 -32.59 -28.58
CA SER G 100 -15.55 -32.95 -29.45
C SER G 100 -16.60 -33.62 -28.62
N GLY G 101 -17.84 -33.44 -29.01
CA GLY G 101 -18.92 -34.08 -28.29
C GLY G 101 -20.28 -33.52 -28.57
N CYS G 102 -21.25 -33.91 -27.74
CA CYS G 102 -22.63 -33.47 -27.88
C CYS G 102 -23.34 -33.21 -26.58
N ASP G 103 -24.24 -32.24 -26.60
CA ASP G 103 -25.08 -31.91 -25.44
C ASP G 103 -26.49 -32.33 -25.81
N LEU G 104 -27.20 -32.88 -24.83
CA LEU G 104 -28.59 -33.35 -24.96
C LEU G 104 -29.46 -32.61 -23.97
N GLY G 105 -30.75 -32.49 -24.26
CA GLY G 105 -31.70 -31.92 -23.33
C GLY G 105 -32.00 -32.93 -22.23
N SER G 106 -33.08 -32.72 -21.45
CA SER G 106 -33.54 -33.65 -20.41
C SER G 106 -34.20 -34.85 -21.09
N ASP G 107 -34.85 -34.58 -22.27
CA ASP G 107 -35.55 -35.52 -23.17
C ASP G 107 -34.59 -36.37 -24.01
N TRP G 108 -33.27 -36.22 -23.79
CA TRP G 108 -32.18 -36.89 -24.49
C TRP G 108 -32.09 -36.47 -26.00
N ARG G 109 -32.89 -35.47 -26.41
CA ARG G 109 -32.84 -34.91 -27.77
C ARG G 109 -31.59 -34.08 -27.88
N LEU G 110 -30.90 -34.16 -29.01
CA LEU G 110 -29.70 -33.37 -29.25
C LEU G 110 -29.96 -31.85 -29.20
N LEU G 111 -29.14 -31.13 -28.42
CA LEU G 111 -29.21 -29.68 -28.31
C LEU G 111 -28.10 -29.07 -29.15
N ARG G 112 -26.84 -29.51 -28.88
CA ARG G 112 -25.66 -28.96 -29.55
C ARG G 112 -24.64 -29.99 -29.94
N GLY G 113 -24.00 -29.72 -31.06
CA GLY G 113 -22.87 -30.46 -31.54
C GLY G 113 -21.67 -29.65 -31.10
N TYR G 114 -20.59 -30.30 -30.72
CA TYR G 114 -19.46 -29.54 -30.20
C TYR G 114 -18.09 -29.99 -30.75
N LEU G 115 -17.35 -29.06 -31.38
CA LEU G 115 -16.03 -29.34 -31.91
C LEU G 115 -15.14 -28.10 -31.90
N GLN G 116 -14.13 -28.14 -31.03
CA GLN G 116 -13.18 -27.08 -30.80
C GLN G 116 -11.78 -27.68 -30.84
N PHE G 117 -10.83 -26.90 -31.30
CA PHE G 117 -9.42 -27.25 -31.38
C PHE G 117 -8.61 -26.10 -30.81
N ALA G 118 -7.45 -26.44 -30.23
CA ALA G 118 -6.52 -25.46 -29.67
C ALA G 118 -5.11 -25.89 -29.86
N TYR G 119 -4.28 -24.92 -30.19
CA TYR G 119 -2.85 -25.12 -30.28
C TYR G 119 -2.23 -24.28 -29.17
N GLU G 120 -1.21 -24.79 -28.54
CA GLU G 120 -0.49 -24.09 -27.49
C GLU G 120 -1.35 -23.54 -26.35
N GLY G 121 -2.58 -24.07 -26.19
CA GLY G 121 -3.51 -23.65 -25.15
C GLY G 121 -4.41 -22.52 -25.58
N ARG G 122 -4.18 -22.01 -26.80
CA ARG G 122 -4.93 -20.94 -27.43
C ARG G 122 -5.86 -21.53 -28.47
N ASP G 123 -7.08 -20.99 -28.58
CA ASP G 123 -8.01 -21.47 -29.58
C ASP G 123 -7.39 -21.36 -30.98
N TYR G 124 -7.56 -22.41 -31.79
CA TYR G 124 -7.05 -22.47 -33.15
C TYR G 124 -8.25 -22.41 -34.09
N ILE G 125 -9.03 -23.50 -34.14
CA ILE G 125 -10.22 -23.54 -34.98
C ILE G 125 -11.37 -24.22 -34.24
N ALA G 126 -12.60 -23.86 -34.61
CA ALA G 126 -13.82 -24.43 -34.05
C ALA G 126 -14.92 -24.46 -35.08
N LEU G 127 -15.68 -25.55 -35.08
CA LEU G 127 -16.84 -25.71 -35.92
C LEU G 127 -17.97 -25.01 -35.17
N ASN G 128 -18.73 -24.12 -35.87
CA ASN G 128 -19.82 -23.35 -35.26
C ASN G 128 -21.01 -24.19 -34.90
N GLU G 129 -21.92 -23.64 -34.07
CA GLU G 129 -23.12 -24.36 -33.61
C GLU G 129 -23.88 -25.00 -34.79
N ASP G 130 -23.81 -24.34 -35.96
CA ASP G 130 -24.47 -24.80 -37.18
C ASP G 130 -23.97 -26.15 -37.71
N LEU G 131 -22.79 -26.59 -37.24
CA LEU G 131 -22.12 -27.83 -37.63
C LEU G 131 -21.81 -27.84 -39.13
N LYS G 132 -21.84 -26.64 -39.75
CA LYS G 132 -21.61 -26.41 -41.18
C LYS G 132 -20.42 -25.47 -41.45
N THR G 133 -20.36 -24.32 -40.72
CA THR G 133 -19.28 -23.34 -40.84
C THR G 133 -18.18 -23.40 -39.73
N TRP G 134 -16.94 -22.94 -40.07
CA TRP G 134 -15.76 -22.92 -39.20
C TRP G 134 -15.38 -21.49 -38.77
N THR G 135 -14.70 -21.36 -37.60
CA THR G 135 -14.15 -20.09 -37.10
C THR G 135 -12.69 -20.28 -36.76
N ALA G 136 -11.82 -19.57 -37.48
CA ALA G 136 -10.37 -19.65 -37.28
C ALA G 136 -9.92 -18.53 -36.33
N ALA G 137 -9.03 -18.85 -35.37
CA ALA G 137 -8.56 -17.85 -34.41
C ALA G 137 -7.64 -16.78 -35.01
N ASP G 138 -6.76 -17.16 -35.95
CA ASP G 138 -5.77 -16.26 -36.56
C ASP G 138 -5.53 -16.64 -38.01
N MET G 139 -4.53 -15.99 -38.64
CA MET G 139 -4.13 -16.19 -40.04
C MET G 139 -3.71 -17.62 -40.33
N ALA G 140 -2.91 -18.25 -39.43
CA ALA G 140 -2.48 -19.64 -39.63
C ALA G 140 -3.68 -20.58 -39.58
N ALA G 141 -4.63 -20.30 -38.66
CA ALA G 141 -5.84 -21.10 -38.53
C ALA G 141 -6.70 -21.01 -39.78
N GLN G 142 -6.59 -19.89 -40.53
CA GLN G 142 -7.33 -19.71 -41.78
C GLN G 142 -6.95 -20.75 -42.84
N ILE G 143 -5.67 -21.22 -42.81
CA ILE G 143 -5.18 -22.27 -43.73
C ILE G 143 -6.04 -23.51 -43.50
N THR G 144 -6.15 -23.96 -42.23
CA THR G 144 -6.94 -25.11 -41.83
C THR G 144 -8.41 -24.90 -42.22
N ARG G 145 -8.96 -23.66 -42.04
CA ARG G 145 -10.34 -23.35 -42.40
C ARG G 145 -10.57 -23.64 -43.86
N ARG G 146 -9.78 -22.99 -44.75
CA ARG G 146 -9.90 -23.16 -46.20
C ARG G 146 -9.68 -24.61 -46.59
N LYS G 147 -8.66 -25.24 -45.96
CA LYS G 147 -8.32 -26.64 -46.15
C LYS G 147 -9.54 -27.54 -45.85
N TRP G 148 -10.26 -27.23 -44.77
CA TRP G 148 -11.42 -27.99 -44.29
C TRP G 148 -12.75 -27.60 -44.94
N GLU G 149 -12.81 -26.40 -45.53
CA GLU G 149 -14.00 -25.95 -46.23
C GLU G 149 -14.06 -26.72 -47.56
N GLN G 150 -12.88 -26.89 -48.19
CA GLN G 150 -12.67 -27.64 -49.42
C GLN G 150 -12.89 -29.10 -49.16
N SER G 151 -12.26 -29.66 -48.10
CA SER G 151 -12.35 -31.07 -47.69
C SER G 151 -13.78 -31.53 -47.46
N GLY G 152 -14.61 -30.63 -46.93
CA GLY G 152 -16.00 -30.93 -46.57
C GLY G 152 -16.05 -31.68 -45.24
N ALA G 153 -14.93 -31.59 -44.51
CA ALA G 153 -14.66 -32.18 -43.20
C ALA G 153 -15.77 -31.88 -42.18
N ALA G 154 -16.36 -30.67 -42.25
CA ALA G 154 -17.44 -30.28 -41.36
C ALA G 154 -18.57 -31.32 -41.39
N GLU G 155 -18.99 -31.73 -42.59
CA GLU G 155 -20.06 -32.71 -42.81
C GLU G 155 -19.85 -34.00 -42.05
N HIS G 156 -18.63 -34.54 -42.03
CA HIS G 156 -18.36 -35.77 -41.28
C HIS G 156 -18.56 -35.54 -39.81
N TYR G 157 -17.99 -34.45 -39.30
CA TYR G 157 -18.11 -34.11 -37.89
C TYR G 157 -19.57 -33.93 -37.56
N LYS G 158 -20.33 -33.24 -38.45
CA LYS G 158 -21.78 -33.05 -38.24
C LYS G 158 -22.42 -34.45 -38.08
N ALA G 159 -22.20 -35.32 -39.08
CA ALA G 159 -22.66 -36.71 -39.10
C ALA G 159 -22.36 -37.47 -37.80
N TYR G 160 -21.16 -37.24 -37.22
CA TYR G 160 -20.76 -37.88 -35.97
C TYR G 160 -21.47 -37.28 -34.78
N LEU G 161 -21.41 -35.96 -34.65
CA LEU G 161 -21.94 -35.24 -33.51
C LEU G 161 -23.43 -35.42 -33.29
N GLU G 162 -24.22 -35.45 -34.40
CA GLU G 162 -25.69 -35.61 -34.36
C GLU G 162 -26.08 -37.08 -34.40
N GLY G 163 -25.22 -37.89 -35.01
CA GLY G 163 -25.44 -39.32 -35.16
C GLY G 163 -24.79 -40.14 -34.07
N GLU G 164 -23.60 -40.73 -34.39
CA GLU G 164 -22.80 -41.59 -33.51
C GLU G 164 -22.77 -41.09 -32.04
N CYS G 165 -22.33 -39.81 -31.81
CA CYS G 165 -22.24 -39.16 -30.51
C CYS G 165 -23.48 -39.35 -29.64
N VAL G 166 -24.64 -39.02 -30.20
CA VAL G 166 -25.95 -39.08 -29.56
C VAL G 166 -26.37 -40.52 -29.28
N GLU G 167 -26.32 -41.36 -30.31
CA GLU G 167 -26.72 -42.76 -30.22
C GLU G 167 -25.95 -43.46 -29.11
N TRP G 168 -24.62 -43.19 -29.07
CA TRP G 168 -23.72 -43.75 -28.06
C TRP G 168 -24.02 -43.25 -26.70
N LEU G 169 -24.14 -41.92 -26.56
CA LEU G 169 -24.49 -41.29 -25.29
C LEU G 169 -25.75 -41.90 -24.67
N HIS G 170 -26.78 -42.19 -25.50
CA HIS G 170 -27.99 -42.84 -25.00
C HIS G 170 -27.65 -44.18 -24.32
N ARG G 171 -26.77 -45.01 -24.96
CA ARG G 171 -26.36 -46.32 -24.44
C ARG G 171 -25.74 -46.16 -23.06
N TYR G 172 -24.75 -45.27 -22.98
CA TYR G 172 -24.01 -44.99 -21.76
C TYR G 172 -24.91 -44.51 -20.65
N LEU G 173 -25.87 -43.60 -20.96
CA LEU G 173 -26.81 -43.08 -19.98
C LEU G 173 -27.74 -44.20 -19.47
N LYS G 174 -28.28 -45.10 -20.36
CA LYS G 174 -29.13 -46.23 -19.91
C LYS G 174 -28.33 -47.28 -19.10
N ASN G 175 -27.02 -47.42 -19.43
CA ASN G 175 -26.13 -48.34 -18.76
C ASN G 175 -25.61 -47.83 -17.43
N GLY G 176 -25.37 -46.52 -17.34
CA GLY G 176 -24.84 -45.89 -16.14
C GLY G 176 -25.86 -45.23 -15.26
N ASN G 177 -27.16 -45.39 -15.62
CA ASN G 177 -28.32 -44.78 -14.99
C ASN G 177 -28.27 -44.54 -13.50
N ALA G 178 -27.98 -45.59 -12.74
CA ALA G 178 -27.87 -45.52 -11.28
C ALA G 178 -26.68 -44.67 -10.83
N THR G 179 -25.46 -44.92 -11.37
CA THR G 179 -24.21 -44.21 -11.06
C THR G 179 -24.29 -42.72 -11.48
N LEU G 180 -24.95 -42.45 -12.60
CA LEU G 180 -25.09 -41.12 -13.17
C LEU G 180 -26.06 -40.24 -12.38
N LEU G 181 -27.27 -40.73 -12.05
CA LEU G 181 -28.25 -39.94 -11.30
C LEU G 181 -27.84 -39.69 -9.84
N ARG G 182 -26.81 -40.41 -9.38
CA ARG G 182 -26.27 -40.42 -8.00
C ARG G 182 -25.68 -39.11 -7.50
N THR G 183 -26.10 -38.71 -6.31
CA THR G 183 -25.57 -37.51 -5.65
C THR G 183 -25.14 -37.74 -4.17
N ASP G 184 -23.94 -37.22 -3.80
CA ASP G 184 -23.41 -37.19 -2.45
C ASP G 184 -23.63 -35.79 -1.96
N SER G 185 -24.47 -35.64 -0.95
CA SER G 185 -24.84 -34.34 -0.41
C SER G 185 -23.67 -33.70 0.33
N PRO G 186 -23.53 -32.35 0.27
CA PRO G 186 -22.47 -31.71 1.06
C PRO G 186 -22.77 -31.73 2.56
N LYS G 187 -21.70 -31.92 3.34
CA LYS G 187 -21.73 -31.89 4.80
C LYS G 187 -21.05 -30.57 5.12
N ALA G 188 -21.83 -29.63 5.64
CA ALA G 188 -21.32 -28.30 5.91
C ALA G 188 -20.91 -28.02 7.38
N HIS G 189 -20.29 -26.84 7.63
CA HIS G 189 -19.86 -26.30 8.94
C HIS G 189 -19.18 -24.94 8.80
N VAL G 190 -19.33 -24.09 9.82
CA VAL G 190 -18.71 -22.76 9.81
C VAL G 190 -17.48 -22.76 10.75
N THR G 191 -16.38 -22.17 10.27
CA THR G 191 -15.18 -22.08 11.09
C THR G 191 -14.90 -20.62 11.40
N HIS G 192 -14.47 -20.38 12.65
CA HIS G 192 -14.22 -19.06 13.19
C HIS G 192 -12.75 -18.74 13.11
N HIS G 193 -12.43 -17.72 12.31
CA HIS G 193 -11.08 -17.28 12.13
C HIS G 193 -10.96 -15.80 12.50
N PRO G 194 -10.75 -15.49 13.80
CA PRO G 194 -10.61 -14.07 14.18
C PRO G 194 -9.44 -13.36 13.50
N ARG G 195 -9.45 -12.02 13.54
CA ARG G 195 -8.43 -11.15 12.95
C ARG G 195 -8.34 -9.72 13.59
N SER G 196 -7.58 -8.81 12.94
CA SER G 196 -7.36 -7.42 13.35
C SER G 196 -8.62 -6.59 13.19
N LYS G 197 -8.58 -5.31 13.68
CA LYS G 197 -9.65 -4.30 13.58
C LYS G 197 -11.03 -4.74 14.17
N GLY G 198 -10.99 -5.69 15.13
CA GLY G 198 -12.18 -6.25 15.77
C GLY G 198 -13.08 -6.96 14.79
N GLU G 199 -12.42 -7.74 13.91
CA GLU G 199 -13.01 -8.51 12.83
C GLU G 199 -12.70 -10.02 12.95
N VAL G 200 -13.61 -10.86 12.39
CA VAL G 200 -13.49 -12.32 12.22
C VAL G 200 -13.80 -12.71 10.77
N THR G 201 -13.23 -13.83 10.31
CA THR G 201 -13.53 -14.38 9.00
C THR G 201 -14.35 -15.65 9.26
N LEU G 202 -15.54 -15.74 8.65
CA LEU G 202 -16.42 -16.90 8.84
C LEU G 202 -16.35 -17.75 7.60
N ARG G 203 -15.79 -18.96 7.71
CA ARG G 203 -15.58 -19.84 6.58
C ARG G 203 -16.67 -20.87 6.54
N CYS G 204 -17.52 -20.81 5.53
CA CYS G 204 -18.56 -21.81 5.41
C CYS G 204 -18.02 -22.86 4.50
N TRP G 205 -17.78 -24.05 5.08
CA TRP G 205 -17.21 -25.20 4.39
C TRP G 205 -18.30 -26.09 3.86
N ALA G 206 -18.08 -26.66 2.69
CA ALA G 206 -19.03 -27.58 2.07
C ALA G 206 -18.17 -28.75 1.62
N LEU G 207 -18.33 -29.91 2.28
CA LEU G 207 -17.45 -31.05 1.96
C LEU G 207 -18.14 -32.35 1.59
N GLY G 208 -17.41 -33.14 0.79
CA GLY G 208 -17.78 -34.47 0.37
C GLY G 208 -19.02 -34.55 -0.49
N PHE G 209 -19.08 -33.71 -1.52
CA PHE G 209 -20.22 -33.66 -2.41
C PHE G 209 -19.90 -33.95 -3.85
N TYR G 210 -20.83 -34.67 -4.55
CA TYR G 210 -20.83 -34.98 -5.98
C TYR G 210 -22.26 -34.72 -6.50
N PRO G 211 -22.52 -33.95 -7.59
CA PRO G 211 -21.62 -33.22 -8.51
C PRO G 211 -20.86 -32.04 -7.91
N ALA G 212 -19.90 -31.47 -8.66
CA ALA G 212 -19.11 -30.32 -8.20
C ALA G 212 -19.90 -29.00 -8.17
N ASP G 213 -21.10 -28.96 -8.81
CA ASP G 213 -21.95 -27.77 -8.86
C ASP G 213 -22.60 -27.57 -7.53
N ILE G 214 -22.27 -26.43 -6.91
CA ILE G 214 -22.78 -26.04 -5.61
C ILE G 214 -22.81 -24.53 -5.54
N THR G 215 -23.70 -24.01 -4.70
CA THR G 215 -23.79 -22.57 -4.47
C THR G 215 -23.63 -22.33 -2.98
N LEU G 216 -22.68 -21.45 -2.65
CA LEU G 216 -22.47 -21.07 -1.25
C LEU G 216 -22.79 -19.62 -1.07
N THR G 217 -23.68 -19.29 -0.14
CA THR G 217 -24.08 -17.90 0.13
C THR G 217 -24.05 -17.54 1.61
N TRP G 218 -23.64 -16.31 1.89
CA TRP G 218 -23.60 -15.72 3.23
C TRP G 218 -24.68 -14.67 3.34
N GLN G 219 -25.44 -14.73 4.43
CA GLN G 219 -26.56 -13.83 4.63
C GLN G 219 -26.56 -13.04 5.91
N LEU G 220 -26.57 -11.69 5.78
CA LEU G 220 -26.68 -10.76 6.89
C LEU G 220 -28.16 -10.41 6.92
N ASN G 221 -28.96 -11.34 7.50
CA ASN G 221 -30.43 -11.35 7.59
C ASN G 221 -31.21 -10.89 6.33
N GLY G 222 -31.49 -11.86 5.45
CA GLY G 222 -32.20 -11.65 4.19
C GLY G 222 -31.35 -11.13 3.04
N GLU G 223 -30.26 -10.39 3.38
CA GLU G 223 -29.31 -9.78 2.44
C GLU G 223 -28.19 -10.73 2.00
N GLU G 224 -28.11 -10.98 0.69
CA GLU G 224 -27.09 -11.82 0.03
C GLU G 224 -25.76 -11.11 0.05
N LEU G 225 -24.70 -11.80 0.50
CA LEU G 225 -23.42 -11.11 0.60
C LEU G 225 -22.58 -11.05 -0.66
N THR G 226 -23.07 -10.29 -1.65
CA THR G 226 -22.44 -10.07 -2.96
C THR G 226 -21.05 -9.48 -2.82
N GLN G 227 -20.88 -8.39 -2.01
CA GLN G 227 -19.59 -7.72 -1.86
C GLN G 227 -18.51 -8.54 -1.13
N ASP G 228 -18.52 -8.45 0.22
CA ASP G 228 -17.62 -9.06 1.19
C ASP G 228 -16.98 -10.40 0.77
N MET G 229 -17.84 -11.39 0.46
CA MET G 229 -17.59 -12.82 0.23
C MET G 229 -16.37 -13.26 -0.55
N GLU G 230 -15.68 -14.26 -0.01
CA GLU G 230 -14.46 -14.84 -0.54
C GLU G 230 -14.76 -16.32 -0.84
N LEU G 231 -14.56 -16.73 -2.08
CA LEU G 231 -14.85 -18.08 -2.56
C LEU G 231 -13.62 -18.78 -3.10
N VAL G 232 -13.49 -20.10 -2.87
CA VAL G 232 -12.38 -20.88 -3.44
C VAL G 232 -12.93 -21.69 -4.57
N GLU G 233 -12.09 -22.01 -5.57
CA GLU G 233 -12.57 -22.84 -6.70
C GLU G 233 -12.87 -24.26 -6.23
N THR G 234 -14.06 -24.78 -6.61
CA THR G 234 -14.47 -26.13 -6.22
C THR G 234 -13.35 -27.11 -6.53
N ARG G 235 -12.80 -27.71 -5.47
CA ARG G 235 -11.64 -28.61 -5.52
C ARG G 235 -11.99 -30.07 -5.20
N PRO G 236 -11.34 -31.05 -5.86
CA PRO G 236 -11.63 -32.47 -5.57
C PRO G 236 -11.06 -32.97 -4.26
N ALA G 237 -11.89 -33.64 -3.45
CA ALA G 237 -11.47 -34.23 -2.18
C ALA G 237 -10.49 -35.33 -2.46
N GLY G 238 -10.61 -35.97 -3.62
CA GLY G 238 -9.72 -37.04 -4.03
C GLY G 238 -10.40 -38.38 -3.97
N ASP G 239 -11.47 -38.43 -3.19
CA ASP G 239 -12.28 -39.64 -2.99
C ASP G 239 -13.44 -39.69 -3.94
N GLY G 240 -13.44 -38.80 -4.94
CA GLY G 240 -14.49 -38.71 -5.95
C GLY G 240 -15.50 -37.62 -5.66
N THR G 241 -15.45 -37.05 -4.43
CA THR G 241 -16.33 -35.96 -4.03
C THR G 241 -15.60 -34.63 -4.15
N PHE G 242 -16.28 -33.53 -3.79
CA PHE G 242 -15.73 -32.19 -3.87
C PHE G 242 -15.83 -31.42 -2.58
N GLN G 243 -15.18 -30.26 -2.59
CA GLN G 243 -15.05 -29.34 -1.48
C GLN G 243 -15.10 -27.96 -2.04
N LYS G 244 -15.70 -27.04 -1.29
CA LYS G 244 -15.75 -25.63 -1.59
C LYS G 244 -15.99 -24.96 -0.27
N TRP G 245 -15.57 -23.69 -0.16
CA TRP G 245 -15.81 -22.89 1.01
C TRP G 245 -15.97 -21.45 0.64
N ALA G 246 -16.78 -20.72 1.43
CA ALA G 246 -16.98 -19.30 1.21
C ALA G 246 -16.84 -18.60 2.55
N SER G 247 -16.05 -17.51 2.59
CA SER G 247 -15.79 -16.75 3.80
C SER G 247 -16.18 -15.28 3.73
N VAL G 248 -16.54 -14.70 4.87
CA VAL G 248 -16.94 -13.30 5.00
C VAL G 248 -16.28 -12.69 6.20
N VAL G 249 -15.77 -11.45 6.01
CA VAL G 249 -15.11 -10.69 7.05
C VAL G 249 -16.23 -9.98 7.76
N VAL G 250 -16.43 -10.34 9.01
CA VAL G 250 -17.54 -9.78 9.80
C VAL G 250 -17.09 -9.23 11.17
N PRO G 251 -17.68 -8.09 11.66
CA PRO G 251 -17.28 -7.57 12.99
C PRO G 251 -17.60 -8.50 14.15
N LEU G 252 -16.65 -8.58 15.13
CA LEU G 252 -16.67 -9.36 16.36
C LEU G 252 -17.99 -9.21 17.12
N GLY G 253 -18.45 -10.29 17.75
CA GLY G 253 -19.72 -10.30 18.50
C GLY G 253 -20.94 -10.48 17.61
N LYS G 254 -21.07 -9.67 16.55
CA LYS G 254 -22.14 -9.69 15.57
C LYS G 254 -22.10 -10.96 14.67
N GLU G 255 -21.64 -12.10 15.24
CA GLU G 255 -21.49 -13.43 14.59
C GLU G 255 -22.77 -14.03 14.01
N GLN G 256 -23.78 -14.30 14.88
CA GLN G 256 -25.07 -14.90 14.50
C GLN G 256 -25.98 -13.96 13.72
N ASN G 257 -25.46 -12.79 13.37
CA ASN G 257 -26.19 -11.87 12.52
C ASN G 257 -26.12 -12.45 11.07
N TYR G 258 -25.01 -13.20 10.81
CA TYR G 258 -24.64 -13.82 9.54
C TYR G 258 -24.93 -15.30 9.50
N THR G 259 -25.52 -15.73 8.38
CA THR G 259 -25.94 -17.11 8.12
C THR G 259 -25.44 -17.59 6.75
N CYS G 260 -24.98 -18.85 6.71
CA CYS G 260 -24.55 -19.48 5.47
C CYS G 260 -25.60 -20.46 4.94
N ARG G 261 -25.82 -20.40 3.61
CA ARG G 261 -26.72 -21.28 2.92
C ARG G 261 -25.98 -22.06 1.84
N VAL G 262 -26.20 -23.37 1.80
CA VAL G 262 -25.57 -24.30 0.87
C VAL G 262 -26.67 -24.86 -0.04
N TYR G 263 -26.53 -24.63 -1.37
CA TYR G 263 -27.48 -25.10 -2.37
C TYR G 263 -26.82 -26.15 -3.24
N HIS G 264 -27.30 -27.38 -3.13
CA HIS G 264 -26.80 -28.51 -3.92
C HIS G 264 -27.94 -29.42 -4.24
N GLU G 265 -27.89 -30.05 -5.42
CA GLU G 265 -28.95 -30.94 -5.88
C GLU G 265 -29.07 -32.21 -5.09
N GLY G 266 -28.01 -32.55 -4.35
CA GLY G 266 -27.95 -33.76 -3.54
C GLY G 266 -28.56 -33.63 -2.18
N LEU G 267 -28.88 -32.39 -1.81
CA LEU G 267 -29.50 -32.02 -0.55
C LEU G 267 -31.00 -32.23 -0.58
N PRO G 268 -31.60 -32.80 0.50
CA PRO G 268 -33.06 -32.96 0.54
C PRO G 268 -33.77 -31.60 0.58
N GLU G 269 -33.05 -30.57 1.03
CA GLU G 269 -33.44 -29.16 1.12
C GLU G 269 -32.17 -28.32 1.39
N PRO G 270 -32.11 -27.06 0.96
CA PRO G 270 -30.88 -26.27 1.19
C PRO G 270 -30.44 -26.07 2.65
N LEU G 271 -29.16 -26.38 2.94
CA LEU G 271 -28.56 -26.26 4.26
C LEU G 271 -28.45 -24.81 4.71
N THR G 272 -28.97 -24.51 5.90
CA THR G 272 -28.88 -23.19 6.50
C THR G 272 -28.15 -23.37 7.82
N LEU G 273 -26.96 -22.75 7.94
CA LEU G 273 -26.06 -22.87 9.09
C LEU G 273 -25.33 -21.56 9.37
N ARG G 274 -24.94 -21.36 10.65
CA ARG G 274 -24.19 -20.21 11.16
C ARG G 274 -23.34 -20.67 12.34
N TRP G 275 -22.25 -19.91 12.66
CA TRP G 275 -21.23 -20.18 13.67
C TRP G 275 -21.72 -20.84 14.97
N GLU G 276 -21.26 -22.07 15.22
CA GLU G 276 -21.64 -22.84 16.41
C GLU G 276 -20.49 -22.83 17.46
N PRO G 277 -20.50 -21.86 18.41
CA PRO G 277 -19.42 -21.78 19.39
C PRO G 277 -19.60 -22.73 20.57
N PRO G 278 -18.55 -23.53 20.90
CA PRO G 278 -18.67 -24.50 22.01
C PRO G 278 -19.02 -23.90 23.39
N MET H 1 3.96 -21.06 -27.40
CA MET H 1 4.58 -20.19 -26.38
C MET H 1 3.53 -19.59 -25.38
N ILE H 2 2.33 -20.19 -25.31
CA ILE H 2 1.26 -19.73 -24.40
C ILE H 2 1.43 -20.38 -23.01
N GLN H 3 2.23 -19.73 -22.17
CA GLN H 3 2.55 -20.17 -20.81
C GLN H 3 1.53 -19.59 -19.81
N LYS H 4 0.61 -20.45 -19.30
CA LYS H 4 -0.42 -20.10 -18.31
C LYS H 4 0.02 -20.47 -16.88
N THR H 5 -0.05 -19.49 -15.93
CA THR H 5 0.35 -19.66 -14.53
C THR H 5 -0.48 -20.64 -13.70
N PRO H 6 0.20 -21.64 -13.09
CA PRO H 6 -0.53 -22.64 -12.30
C PRO H 6 -1.11 -22.13 -11.00
N GLN H 7 -2.34 -22.51 -10.72
CA GLN H 7 -3.04 -22.15 -9.50
C GLN H 7 -3.07 -23.40 -8.60
N ILE H 8 -2.53 -23.27 -7.40
CA ILE H 8 -2.39 -24.35 -6.43
C ILE H 8 -3.34 -24.16 -5.27
N GLN H 9 -3.82 -25.29 -4.75
CA GLN H 9 -4.67 -25.37 -3.56
C GLN H 9 -4.20 -26.54 -2.73
N VAL H 10 -3.86 -26.29 -1.45
CA VAL H 10 -3.39 -27.37 -0.58
C VAL H 10 -4.41 -27.59 0.51
N TYR H 11 -4.94 -28.81 0.57
CA TYR H 11 -6.01 -29.11 1.51
C TYR H 11 -6.12 -30.58 1.81
N SER H 12 -6.76 -30.87 2.93
CA SER H 12 -7.00 -32.23 3.39
C SER H 12 -8.30 -32.77 2.79
N ARG H 13 -8.35 -34.10 2.55
CA ARG H 13 -9.52 -34.81 1.99
C ARG H 13 -10.65 -34.71 2.98
N HIS H 14 -10.35 -35.03 4.23
CA HIS H 14 -11.28 -34.96 5.33
C HIS H 14 -10.85 -33.82 6.26
N PRO H 15 -11.77 -33.20 7.04
CA PRO H 15 -11.33 -32.09 7.90
C PRO H 15 -10.22 -32.50 8.87
N PRO H 16 -9.19 -31.63 9.03
CA PRO H 16 -8.05 -32.00 9.86
C PRO H 16 -8.39 -32.16 11.34
N GLU H 17 -7.71 -33.12 11.98
CA GLU H 17 -7.79 -33.41 13.41
C GLU H 17 -6.48 -34.04 13.73
N ASN H 18 -5.73 -33.39 14.63
CA ASN H 18 -4.38 -33.81 15.04
C ASN H 18 -4.29 -35.28 15.44
N GLY H 19 -3.36 -35.99 14.83
CA GLY H 19 -3.14 -37.40 15.11
C GLY H 19 -4.04 -38.33 14.32
N LYS H 20 -5.05 -37.81 13.64
CA LYS H 20 -5.93 -38.63 12.83
C LYS H 20 -5.41 -38.68 11.37
N PRO H 21 -5.05 -39.89 10.88
CA PRO H 21 -4.56 -40.02 9.49
C PRO H 21 -5.56 -39.51 8.49
N ASN H 22 -5.05 -38.79 7.52
CA ASN H 22 -5.81 -38.09 6.49
C ASN H 22 -5.04 -38.14 5.18
N ILE H 23 -5.55 -37.41 4.17
CA ILE H 23 -4.94 -37.33 2.86
C ILE H 23 -4.74 -35.86 2.52
N LEU H 24 -3.55 -35.53 2.08
CA LEU H 24 -3.23 -34.15 1.75
C LEU H 24 -3.23 -34.03 0.26
N ASN H 25 -4.12 -33.17 -0.26
CA ASN H 25 -4.22 -32.94 -1.69
C ASN H 25 -3.56 -31.67 -2.10
N CYS H 26 -2.95 -31.71 -3.28
CA CYS H 26 -2.39 -30.55 -3.90
C CYS H 26 -2.99 -30.50 -5.27
N TYR H 27 -3.96 -29.57 -5.45
CA TYR H 27 -4.74 -29.40 -6.66
C TYR H 27 -4.12 -28.34 -7.52
N VAL H 28 -3.43 -28.75 -8.57
CA VAL H 28 -2.77 -27.77 -9.44
C VAL H 28 -3.54 -27.59 -10.72
N THR H 29 -3.96 -26.35 -11.00
CA THR H 29 -4.84 -26.04 -12.15
C THR H 29 -4.43 -24.80 -12.93
N GLN H 30 -5.15 -24.51 -14.01
CA GLN H 30 -4.93 -23.31 -14.81
C GLN H 30 -3.57 -23.21 -15.47
N PHE H 31 -2.91 -24.34 -15.73
CA PHE H 31 -1.60 -24.32 -16.35
C PHE H 31 -1.49 -24.91 -17.74
N HIS H 32 -0.46 -24.46 -18.42
CA HIS H 32 -0.14 -24.84 -19.78
C HIS H 32 1.27 -24.33 -20.07
N PRO H 33 2.19 -25.09 -20.68
CA PRO H 33 2.11 -26.47 -21.20
C PRO H 33 1.82 -27.53 -20.15
N PRO H 34 1.31 -28.72 -20.53
CA PRO H 34 0.99 -29.76 -19.53
C PRO H 34 2.15 -30.27 -18.69
N HIS H 35 3.41 -30.15 -19.17
CA HIS H 35 4.51 -30.61 -18.34
C HIS H 35 4.63 -29.77 -17.09
N ILE H 36 4.50 -30.42 -15.93
CA ILE H 36 4.62 -29.80 -14.63
C ILE H 36 5.47 -30.68 -13.66
N GLU H 37 5.92 -30.08 -12.54
CA GLU H 37 6.66 -30.78 -11.51
C GLU H 37 5.99 -30.45 -10.17
N ILE H 38 5.36 -31.45 -9.54
CA ILE H 38 4.66 -31.24 -8.27
C ILE H 38 5.29 -32.03 -7.13
N GLN H 39 5.86 -31.33 -6.16
CA GLN H 39 6.45 -31.95 -4.98
C GLN H 39 5.54 -31.64 -3.81
N MET H 40 5.50 -32.55 -2.87
CA MET H 40 4.75 -32.36 -1.64
C MET H 40 5.73 -32.58 -0.55
N LEU H 41 5.78 -31.67 0.45
CA LEU H 41 6.80 -31.66 1.51
C LEU H 41 6.28 -31.70 2.94
N LYS H 42 6.98 -32.44 3.80
CA LYS H 42 6.71 -32.51 5.24
C LYS H 42 7.89 -31.81 5.89
N ASN H 43 7.61 -30.69 6.58
CA ASN H 43 8.63 -29.89 7.29
C ASN H 43 9.80 -29.48 6.39
N GLY H 44 9.51 -29.29 5.09
CA GLY H 44 10.49 -28.89 4.10
C GLY H 44 11.12 -30.02 3.33
N LYS H 45 11.01 -31.24 3.86
CA LYS H 45 11.58 -32.42 3.17
C LYS H 45 10.52 -33.09 2.26
N LYS H 46 10.85 -33.19 0.97
CA LYS H 46 10.04 -33.83 -0.06
C LYS H 46 9.48 -35.18 0.41
N ILE H 47 8.16 -35.37 0.25
CA ILE H 47 7.45 -36.60 0.61
C ILE H 47 7.55 -37.59 -0.54
N PRO H 48 8.14 -38.78 -0.27
CA PRO H 48 8.26 -39.79 -1.32
C PRO H 48 6.95 -40.55 -1.43
N LYS H 49 6.69 -41.21 -2.58
CA LYS H 49 5.45 -41.97 -2.81
C LYS H 49 4.23 -41.02 -2.69
N VAL H 50 4.15 -40.13 -3.69
CA VAL H 50 3.09 -39.14 -3.85
C VAL H 50 2.25 -39.58 -5.02
N GLU H 51 0.96 -39.71 -4.77
CA GLU H 51 -0.02 -40.16 -5.76
C GLU H 51 -0.46 -38.99 -6.60
N MET H 52 -0.51 -39.19 -7.92
CA MET H 52 -0.88 -38.14 -8.87
C MET H 52 -1.98 -38.57 -9.82
N SER H 53 -2.92 -37.64 -10.08
CA SER H 53 -4.01 -37.86 -11.02
C SER H 53 -3.46 -37.97 -12.45
N ASP H 54 -4.27 -38.44 -13.39
CA ASP H 54 -3.84 -38.56 -14.76
C ASP H 54 -4.05 -37.23 -15.51
N MET H 55 -3.48 -37.10 -16.73
CA MET H 55 -3.55 -35.85 -17.52
C MET H 55 -4.94 -35.46 -17.96
N SER H 56 -5.46 -34.42 -17.30
CA SER H 56 -6.76 -33.91 -17.67
C SER H 56 -6.64 -32.43 -17.95
N PHE H 57 -7.52 -31.92 -18.82
CA PHE H 57 -7.59 -30.49 -19.14
C PHE H 57 -9.03 -30.01 -18.99
N SER H 58 -9.23 -28.68 -18.98
CA SER H 58 -10.55 -28.08 -18.79
C SER H 58 -11.13 -27.45 -20.05
N LYS H 59 -12.41 -27.08 -20.03
CA LYS H 59 -13.14 -26.41 -21.12
C LYS H 59 -12.29 -25.23 -21.71
N ASP H 60 -11.48 -24.53 -20.85
CA ASP H 60 -10.62 -23.40 -21.21
C ASP H 60 -9.25 -23.77 -21.74
N TRP H 61 -9.01 -25.08 -21.92
CA TRP H 61 -7.78 -25.72 -22.42
C TRP H 61 -6.66 -25.89 -21.38
N SER H 62 -6.83 -25.34 -20.18
CA SER H 62 -5.80 -25.46 -19.13
C SER H 62 -5.76 -26.89 -18.58
N PHE H 63 -4.55 -27.35 -18.18
CA PHE H 63 -4.37 -28.66 -17.60
C PHE H 63 -4.53 -28.61 -16.11
N TYR H 64 -4.79 -29.77 -15.50
CA TYR H 64 -4.94 -29.91 -14.05
C TYR H 64 -4.52 -31.26 -13.55
N ILE H 65 -3.80 -31.25 -12.41
CA ILE H 65 -3.37 -32.46 -11.74
C ILE H 65 -3.88 -32.42 -10.31
N LEU H 66 -3.97 -33.61 -9.68
CA LEU H 66 -4.29 -33.76 -8.27
C LEU H 66 -3.31 -34.70 -7.61
N ALA H 67 -2.29 -34.07 -6.99
CA ALA H 67 -1.28 -34.78 -6.21
C ALA H 67 -1.85 -34.94 -4.81
N HIS H 68 -1.59 -36.09 -4.20
CA HIS H 68 -2.06 -36.40 -2.86
C HIS H 68 -1.23 -37.42 -2.14
N THR H 69 -1.06 -37.25 -0.85
CA THR H 69 -0.28 -38.21 -0.07
C THR H 69 -0.94 -38.42 1.28
N GLU H 70 -0.63 -39.55 1.88
CA GLU H 70 -1.15 -39.90 3.19
C GLU H 70 -0.42 -39.05 4.19
N PHE H 71 -1.15 -38.46 5.13
CA PHE H 71 -0.51 -37.61 6.13
C PHE H 71 -1.23 -37.61 7.45
N THR H 72 -0.47 -37.40 8.53
CA THR H 72 -1.07 -37.31 9.86
C THR H 72 -0.81 -35.92 10.44
N PRO H 73 -1.86 -35.04 10.42
CA PRO H 73 -1.68 -33.66 10.95
C PRO H 73 -1.36 -33.58 12.43
N THR H 74 -0.35 -32.76 12.79
CA THR H 74 0.13 -32.51 14.17
C THR H 74 0.24 -30.98 14.35
N GLU H 75 0.33 -30.49 15.61
CA GLU H 75 0.48 -29.05 15.94
C GLU H 75 1.77 -28.48 15.33
N THR H 76 2.83 -29.28 15.40
CA THR H 76 4.19 -28.98 14.98
C THR H 76 4.43 -29.17 13.47
N ASP H 77 4.13 -30.37 12.93
CA ASP H 77 4.32 -30.73 11.53
C ASP H 77 3.66 -29.76 10.54
N THR H 78 4.49 -29.23 9.62
CA THR H 78 4.07 -28.30 8.58
C THR H 78 4.16 -28.96 7.22
N TYR H 79 3.06 -28.92 6.45
CA TYR H 79 3.00 -29.50 5.10
C TYR H 79 2.83 -28.43 4.05
N ALA H 80 3.34 -28.70 2.83
CA ALA H 80 3.33 -27.76 1.69
C ALA H 80 3.46 -28.47 0.38
N CYS H 81 3.17 -27.74 -0.68
CA CYS H 81 3.24 -28.27 -2.02
C CYS H 81 4.04 -27.31 -2.91
N ARG H 82 5.08 -27.84 -3.57
CA ARG H 82 5.99 -27.08 -4.41
C ARG H 82 5.75 -27.43 -5.87
N VAL H 83 5.58 -26.39 -6.71
CA VAL H 83 5.30 -26.55 -8.13
C VAL H 83 6.29 -25.81 -9.00
N LYS H 84 6.95 -26.53 -9.92
CA LYS H 84 7.87 -25.99 -10.91
C LYS H 84 7.10 -26.05 -12.22
N HIS H 85 7.01 -24.94 -12.92
CA HIS H 85 6.37 -24.90 -14.23
C HIS H 85 7.05 -23.91 -15.15
N ALA H 86 7.12 -24.28 -16.43
CA ALA H 86 7.69 -23.52 -17.53
C ALA H 86 7.29 -22.02 -17.49
N SER H 87 6.01 -21.73 -17.10
CA SER H 87 5.44 -20.39 -17.03
C SER H 87 5.95 -19.56 -15.86
N MET H 88 6.58 -20.22 -14.87
CA MET H 88 7.04 -19.53 -13.68
C MET H 88 8.55 -19.37 -13.66
N ALA H 89 9.01 -18.22 -13.16
CA ALA H 89 10.42 -17.94 -13.02
C ALA H 89 10.99 -18.79 -11.88
N GLU H 90 10.25 -18.94 -10.78
CA GLU H 90 10.70 -19.75 -9.64
C GLU H 90 9.58 -20.67 -9.08
N PRO H 91 9.90 -21.81 -8.39
CA PRO H 91 8.84 -22.68 -7.89
C PRO H 91 7.96 -22.09 -6.79
N LYS H 92 6.64 -22.16 -7.03
CA LYS H 92 5.63 -21.68 -6.10
C LYS H 92 5.46 -22.74 -5.02
N THR H 93 5.62 -22.33 -3.76
CA THR H 93 5.43 -23.23 -2.63
C THR H 93 4.22 -22.74 -1.88
N VAL H 94 3.20 -23.58 -1.82
CA VAL H 94 1.95 -23.26 -1.15
C VAL H 94 1.89 -24.15 0.06
N TYR H 95 1.74 -23.52 1.23
CA TYR H 95 1.68 -24.20 2.50
C TYR H 95 0.28 -24.61 2.85
N TRP H 96 0.14 -25.78 3.46
CA TRP H 96 -1.15 -26.23 3.95
C TRP H 96 -1.55 -25.38 5.16
N ASP H 97 -2.79 -24.92 5.14
CA ASP H 97 -3.32 -24.11 6.21
C ASP H 97 -4.67 -24.71 6.54
N ARG H 98 -4.75 -25.44 7.66
CA ARG H 98 -5.92 -26.13 8.17
C ARG H 98 -7.22 -25.33 8.22
N ASP H 99 -7.10 -24.00 8.14
CA ASP H 99 -8.22 -23.06 8.14
C ASP H 99 -8.74 -22.81 6.70
N MET H 100 -8.11 -23.43 5.68
CA MET H 100 -8.53 -23.32 4.28
C MET H 100 -8.24 -24.51 3.38
N ALA I 1 -14.97 29.13 -0.73
CA ALA I 1 -16.17 29.31 0.07
C ALA I 1 -16.22 28.26 1.18
N SER I 2 -16.41 28.71 2.43
CA SER I 2 -16.44 27.81 3.57
C SER I 2 -17.66 26.90 3.62
N ASN I 3 -17.60 25.86 4.48
CA ASN I 3 -18.75 25.01 4.72
C ASN I 3 -19.20 25.35 6.14
N GLU I 4 -20.40 24.90 6.48
CA GLU I 4 -21.02 25.05 7.77
C GLU I 4 -21.26 23.65 8.25
N ASN I 5 -20.66 23.33 9.40
CA ASN I 5 -20.77 22.01 10.00
C ASN I 5 -22.19 21.81 10.44
N THR I 6 -22.67 20.57 10.35
CA THR I 6 -24.05 20.27 10.71
C THR I 6 -24.14 20.02 12.21
N GLU I 7 -24.22 18.74 12.62
CA GLU I 7 -24.28 18.31 13.99
C GLU I 7 -23.02 18.76 14.73
N THR I 8 -23.24 19.24 15.95
CA THR I 8 -22.22 19.68 16.88
C THR I 8 -21.44 18.47 17.41
N MET I 9 -20.28 18.70 18.02
CA MET I 9 -19.46 17.63 18.57
C MET I 9 -20.01 16.96 19.83
N ALA J 1 13.94 2.46 52.81
CA ALA J 1 13.10 3.35 53.57
C ALA J 1 12.80 4.60 52.78
N SER J 2 11.50 4.90 52.63
CA SER J 2 11.02 6.03 51.84
C SER J 2 11.39 7.41 52.41
N ASN J 3 11.17 8.43 51.60
CA ASN J 3 11.36 9.81 52.03
C ASN J 3 9.97 10.43 52.14
N GLU J 4 9.94 11.59 52.76
CA GLU J 4 8.76 12.41 52.91
C GLU J 4 9.11 13.74 52.22
N ASN J 5 8.28 14.12 51.27
CA ASN J 5 8.48 15.40 50.59
C ASN J 5 8.18 16.53 51.58
N THR J 6 8.89 17.65 51.44
CA THR J 6 8.70 18.79 52.32
C THR J 6 7.55 19.64 51.80
N GLU J 7 7.89 20.77 51.17
CA GLU J 7 6.95 21.71 50.56
C GLU J 7 6.21 21.03 49.41
N THR J 8 4.91 21.31 49.36
CA THR J 8 4.00 20.86 48.32
C THR J 8 4.30 21.59 47.00
N MET J 9 3.71 21.13 45.90
CA MET J 9 3.94 21.73 44.58
C MET J 9 3.25 23.08 44.39
N ALA K 1 -18.70 -43.55 -27.68
CA ALA K 1 -17.66 -43.98 -28.59
C ALA K 1 -17.04 -42.75 -29.27
N SER K 2 -15.71 -42.75 -29.36
CA SER K 2 -14.93 -41.66 -29.92
C SER K 2 -15.14 -41.44 -31.41
N ASN K 3 -14.68 -40.30 -31.90
CA ASN K 3 -14.72 -40.00 -33.30
C ASN K 3 -13.30 -40.09 -33.81
N GLU K 4 -13.18 -40.17 -35.14
CA GLU K 4 -11.94 -40.16 -35.86
C GLU K 4 -11.99 -38.92 -36.73
N ASN K 5 -10.97 -38.08 -36.61
CA ASN K 5 -10.92 -36.85 -37.39
C ASN K 5 -10.63 -37.23 -38.81
N THR K 6 -11.19 -36.47 -39.75
CA THR K 6 -10.99 -36.71 -41.17
C THR K 6 -9.73 -36.01 -41.60
N GLU K 7 -9.88 -34.88 -42.28
CA GLU K 7 -8.78 -34.06 -42.78
C GLU K 7 -7.94 -33.49 -41.66
N THR K 8 -6.62 -33.55 -41.87
CA THR K 8 -5.61 -33.00 -40.96
C THR K 8 -5.65 -31.47 -41.05
N MET K 9 -5.00 -30.78 -40.10
CA MET K 9 -4.97 -29.32 -40.06
C MET K 9 -4.09 -28.67 -41.13
N ALA L 1 19.75 11.25 -23.94
CA ALA L 1 20.79 10.38 -24.48
C ALA L 1 20.48 8.96 -24.13
N SER L 2 20.56 8.05 -25.11
CA SER L 2 20.25 6.64 -24.90
C SER L 2 21.26 5.90 -24.03
N ASN L 3 20.93 4.68 -23.61
CA ASN L 3 21.88 3.85 -22.89
C ASN L 3 22.30 2.75 -23.83
N GLU L 4 23.40 2.09 -23.47
CA GLU L 4 23.93 0.93 -24.16
C GLU L 4 23.85 -0.22 -23.17
N ASN L 5 23.17 -1.28 -23.61
CA ASN L 5 22.97 -2.44 -22.77
C ASN L 5 24.29 -3.13 -22.52
N THR L 6 24.45 -3.71 -21.33
CA THR L 6 25.68 -4.35 -20.92
C THR L 6 25.66 -5.79 -21.44
N GLU L 7 25.42 -6.75 -20.53
CA GLU L 7 25.34 -8.17 -20.81
C GLU L 7 24.16 -8.44 -21.74
N THR L 8 24.36 -9.33 -22.67
CA THR L 8 23.34 -9.82 -23.58
C THR L 8 22.35 -10.74 -22.79
N MET L 9 21.16 -10.99 -23.31
CA MET L 9 20.15 -11.78 -22.63
C MET L 9 20.46 -13.26 -22.52
#